data_7NGJ
# 
_entry.id   7NGJ 
# 
_audit_conform.dict_name       mmcif_pdbx.dic 
_audit_conform.dict_version    5.384 
_audit_conform.dict_location   http://mmcif.pdb.org/dictionaries/ascii/mmcif_pdbx.dic 
# 
loop_
_database_2.database_id 
_database_2.database_code 
_database_2.pdbx_database_accession 
_database_2.pdbx_DOI 
PDB   7NGJ         pdb_00007ngj 10.2210/pdb7ngj/pdb 
WWPDB D_1292113940 ?            ?                   
# 
loop_
_pdbx_audit_revision_history.ordinal 
_pdbx_audit_revision_history.data_content_type 
_pdbx_audit_revision_history.major_revision 
_pdbx_audit_revision_history.minor_revision 
_pdbx_audit_revision_history.revision_date 
1 'Structure model' 1 0 2022-02-23 
2 'Structure model' 1 1 2024-01-31 
# 
_pdbx_audit_revision_details.ordinal             1 
_pdbx_audit_revision_details.revision_ordinal    1 
_pdbx_audit_revision_details.data_content_type   'Structure model' 
_pdbx_audit_revision_details.provider            repository 
_pdbx_audit_revision_details.type                'Initial release' 
_pdbx_audit_revision_details.description         ? 
_pdbx_audit_revision_details.details             ? 
# 
loop_
_pdbx_audit_revision_group.ordinal 
_pdbx_audit_revision_group.revision_ordinal 
_pdbx_audit_revision_group.data_content_type 
_pdbx_audit_revision_group.group 
1 2 'Structure model' 'Data collection'        
2 2 'Structure model' 'Refinement description' 
# 
loop_
_pdbx_audit_revision_category.ordinal 
_pdbx_audit_revision_category.revision_ordinal 
_pdbx_audit_revision_category.data_content_type 
_pdbx_audit_revision_category.category 
1 2 'Structure model' chem_comp_atom                
2 2 'Structure model' chem_comp_bond                
3 2 'Structure model' pdbx_initial_refinement_model 
# 
_pdbx_database_status.status_code                     REL 
_pdbx_database_status.status_code_sf                  REL 
_pdbx_database_status.status_code_mr                  ? 
_pdbx_database_status.entry_id                        7NGJ 
_pdbx_database_status.recvd_initial_deposition_date   2021-02-09 
_pdbx_database_status.SG_entry                        N 
_pdbx_database_status.deposit_site                    PDBE 
_pdbx_database_status.process_site                    PDBE 
_pdbx_database_status.status_code_cs                  ? 
_pdbx_database_status.status_code_nmr_data            ? 
_pdbx_database_status.methods_development_category    ? 
_pdbx_database_status.pdb_format_compatible           Y 
# 
loop_
_pdbx_database_related.db_name 
_pdbx_database_related.details 
_pdbx_database_related.db_id 
_pdbx_database_related.content_type 
PDB 'related ligands' 7NGD unspecified 
PDB 'related ligands' 7NGG unspecified 
PDB 'related ligands' 7NGI unspecified 
# 
loop_
_audit_author.name 
_audit_author.pdbx_ordinal 
_audit_author.identifier_ORCID 
'Tomlinson, C.W.E.' 1 0000-0002-1845-6028 
'Tatum, N.J.'       2 0000-0003-3878-9265 
'Pohl, E.'          3 0000-0002-9949-4471 
# 
_citation.abstract                  ? 
_citation.abstract_id_CAS           ? 
_citation.book_id_ISBN              ? 
_citation.book_publisher            ? 
_citation.book_publisher_city       ? 
_citation.book_title                ? 
_citation.coordinate_linkage        ? 
_citation.country                   ? 
_citation.database_id_Medline       ? 
_citation.details                   ? 
_citation.id                        primary 
_citation.journal_abbrev            'To Be Published' 
_citation.journal_id_ASTM           ? 
_citation.journal_id_CSD            0353 
_citation.journal_id_ISSN           ? 
_citation.journal_full              ? 
_citation.journal_issue             ? 
_citation.journal_volume            ? 
_citation.language                  ? 
_citation.page_first                ? 
_citation.page_last                 ? 
_citation.title                     
'Systematic exploration of the hydrophobic capacity of the EthR binding site for lead compound optimization' 
_citation.year                      ? 
_citation.database_id_CSD           ? 
_citation.pdbx_database_id_DOI      ? 
_citation.pdbx_database_id_PubMed   ? 
_citation.unpublished_flag          ? 
# 
loop_
_citation_author.citation_id 
_citation_author.name 
_citation_author.ordinal 
_citation_author.identifier_ORCID 
primary 'Tatum, N.J.'       1 ? 
primary 'Tomlinson, C.W.E.' 2 ? 
primary 'Frita, R.'         3 ? 
primary 'Bennett, R.'       4 ? 
primary 'Baulard, A.R.'     5 ? 
primary 'Pohl, E.'          6 ? 
primary 'Kitching, M.O.'    7 ? 
# 
loop_
_entity.id 
_entity.type 
_entity.src_method 
_entity.pdbx_description 
_entity.formula_weight 
_entity.pdbx_number_of_molecules 
_entity.pdbx_ec 
_entity.pdbx_mutation 
_entity.pdbx_fragment 
_entity.details 
1 polymer     man 'HTH-type transcriptional regulator EthR'              23781.705 1  ? ? ? ? 
2 non-polymer syn '4-methyl-~{N}-(phenylmethyl)piperidine-1-carboxamide' 232.321   1  ? ? ? ? 
3 water       nat water                                                  18.015    55 ? ? ? ? 
# 
_entity_poly.entity_id                      1 
_entity_poly.type                           'polypeptide(L)' 
_entity_poly.nstd_linkage                   no 
_entity_poly.nstd_monomer                   no 
_entity_poly.pdbx_seq_one_letter_code       
;MTTSAASQASLPRGRRTARPSGDDRELAILATAENLLEDRPLADISVDDLAKGAGISRPTFYFYFPSKEAVLLTLLDRVV
NQADMALQTLAENPADTDRENMWRTGINVFFETFGSHKAVTRAGQAARATSVEVAELWSTFMQKWIAYTAAVIDAERDRG
AAPRTLPAHELATALNLMNERTLFASFAGEQPSVPEARVLDTLVHIWVTSIYGENR
;
_entity_poly.pdbx_seq_one_letter_code_can   
;MTTSAASQASLPRGRRTARPSGDDRELAILATAENLLEDRPLADISVDDLAKGAGISRPTFYFYFPSKEAVLLTLLDRVV
NQADMALQTLAENPADTDRENMWRTGINVFFETFGSHKAVTRAGQAARATSVEVAELWSTFMQKWIAYTAAVIDAERDRG
AAPRTLPAHELATALNLMNERTLFASFAGEQPSVPEARVLDTLVHIWVTSIYGENR
;
_entity_poly.pdbx_strand_id                 A 
_entity_poly.pdbx_target_identifier         ? 
# 
loop_
_pdbx_entity_nonpoly.entity_id 
_pdbx_entity_nonpoly.name 
_pdbx_entity_nonpoly.comp_id 
2 '4-methyl-~{N}-(phenylmethyl)piperidine-1-carboxamide' UAT 
3 water                                                  HOH 
# 
loop_
_entity_poly_seq.entity_id 
_entity_poly_seq.num 
_entity_poly_seq.mon_id 
_entity_poly_seq.hetero 
1 1   MET n 
1 2   THR n 
1 3   THR n 
1 4   SER n 
1 5   ALA n 
1 6   ALA n 
1 7   SER n 
1 8   GLN n 
1 9   ALA n 
1 10  SER n 
1 11  LEU n 
1 12  PRO n 
1 13  ARG n 
1 14  GLY n 
1 15  ARG n 
1 16  ARG n 
1 17  THR n 
1 18  ALA n 
1 19  ARG n 
1 20  PRO n 
1 21  SER n 
1 22  GLY n 
1 23  ASP n 
1 24  ASP n 
1 25  ARG n 
1 26  GLU n 
1 27  LEU n 
1 28  ALA n 
1 29  ILE n 
1 30  LEU n 
1 31  ALA n 
1 32  THR n 
1 33  ALA n 
1 34  GLU n 
1 35  ASN n 
1 36  LEU n 
1 37  LEU n 
1 38  GLU n 
1 39  ASP n 
1 40  ARG n 
1 41  PRO n 
1 42  LEU n 
1 43  ALA n 
1 44  ASP n 
1 45  ILE n 
1 46  SER n 
1 47  VAL n 
1 48  ASP n 
1 49  ASP n 
1 50  LEU n 
1 51  ALA n 
1 52  LYS n 
1 53  GLY n 
1 54  ALA n 
1 55  GLY n 
1 56  ILE n 
1 57  SER n 
1 58  ARG n 
1 59  PRO n 
1 60  THR n 
1 61  PHE n 
1 62  TYR n 
1 63  PHE n 
1 64  TYR n 
1 65  PHE n 
1 66  PRO n 
1 67  SER n 
1 68  LYS n 
1 69  GLU n 
1 70  ALA n 
1 71  VAL n 
1 72  LEU n 
1 73  LEU n 
1 74  THR n 
1 75  LEU n 
1 76  LEU n 
1 77  ASP n 
1 78  ARG n 
1 79  VAL n 
1 80  VAL n 
1 81  ASN n 
1 82  GLN n 
1 83  ALA n 
1 84  ASP n 
1 85  MET n 
1 86  ALA n 
1 87  LEU n 
1 88  GLN n 
1 89  THR n 
1 90  LEU n 
1 91  ALA n 
1 92  GLU n 
1 93  ASN n 
1 94  PRO n 
1 95  ALA n 
1 96  ASP n 
1 97  THR n 
1 98  ASP n 
1 99  ARG n 
1 100 GLU n 
1 101 ASN n 
1 102 MET n 
1 103 TRP n 
1 104 ARG n 
1 105 THR n 
1 106 GLY n 
1 107 ILE n 
1 108 ASN n 
1 109 VAL n 
1 110 PHE n 
1 111 PHE n 
1 112 GLU n 
1 113 THR n 
1 114 PHE n 
1 115 GLY n 
1 116 SER n 
1 117 HIS n 
1 118 LYS n 
1 119 ALA n 
1 120 VAL n 
1 121 THR n 
1 122 ARG n 
1 123 ALA n 
1 124 GLY n 
1 125 GLN n 
1 126 ALA n 
1 127 ALA n 
1 128 ARG n 
1 129 ALA n 
1 130 THR n 
1 131 SER n 
1 132 VAL n 
1 133 GLU n 
1 134 VAL n 
1 135 ALA n 
1 136 GLU n 
1 137 LEU n 
1 138 TRP n 
1 139 SER n 
1 140 THR n 
1 141 PHE n 
1 142 MET n 
1 143 GLN n 
1 144 LYS n 
1 145 TRP n 
1 146 ILE n 
1 147 ALA n 
1 148 TYR n 
1 149 THR n 
1 150 ALA n 
1 151 ALA n 
1 152 VAL n 
1 153 ILE n 
1 154 ASP n 
1 155 ALA n 
1 156 GLU n 
1 157 ARG n 
1 158 ASP n 
1 159 ARG n 
1 160 GLY n 
1 161 ALA n 
1 162 ALA n 
1 163 PRO n 
1 164 ARG n 
1 165 THR n 
1 166 LEU n 
1 167 PRO n 
1 168 ALA n 
1 169 HIS n 
1 170 GLU n 
1 171 LEU n 
1 172 ALA n 
1 173 THR n 
1 174 ALA n 
1 175 LEU n 
1 176 ASN n 
1 177 LEU n 
1 178 MET n 
1 179 ASN n 
1 180 GLU n 
1 181 ARG n 
1 182 THR n 
1 183 LEU n 
1 184 PHE n 
1 185 ALA n 
1 186 SER n 
1 187 PHE n 
1 188 ALA n 
1 189 GLY n 
1 190 GLU n 
1 191 GLN n 
1 192 PRO n 
1 193 SER n 
1 194 VAL n 
1 195 PRO n 
1 196 GLU n 
1 197 ALA n 
1 198 ARG n 
1 199 VAL n 
1 200 LEU n 
1 201 ASP n 
1 202 THR n 
1 203 LEU n 
1 204 VAL n 
1 205 HIS n 
1 206 ILE n 
1 207 TRP n 
1 208 VAL n 
1 209 THR n 
1 210 SER n 
1 211 ILE n 
1 212 TYR n 
1 213 GLY n 
1 214 GLU n 
1 215 ASN n 
1 216 ARG n 
# 
_entity_src_gen.entity_id                          1 
_entity_src_gen.pdbx_src_id                        1 
_entity_src_gen.pdbx_alt_source_flag               sample 
_entity_src_gen.pdbx_seq_type                      'Biological sequence' 
_entity_src_gen.pdbx_beg_seq_num                   1 
_entity_src_gen.pdbx_end_seq_num                   216 
_entity_src_gen.gene_src_common_name               ? 
_entity_src_gen.gene_src_genus                     ? 
_entity_src_gen.pdbx_gene_src_gene                 'ethR, etaR, Rv3855' 
_entity_src_gen.gene_src_species                   ? 
_entity_src_gen.gene_src_strain                    ? 
_entity_src_gen.gene_src_tissue                    ? 
_entity_src_gen.gene_src_tissue_fraction           ? 
_entity_src_gen.gene_src_details                   ? 
_entity_src_gen.pdbx_gene_src_fragment             ? 
_entity_src_gen.pdbx_gene_src_scientific_name      'Mycobacterium tuberculosis' 
_entity_src_gen.pdbx_gene_src_ncbi_taxonomy_id     1773 
_entity_src_gen.pdbx_gene_src_variant              ? 
_entity_src_gen.pdbx_gene_src_cell_line            ? 
_entity_src_gen.pdbx_gene_src_atcc                 ? 
_entity_src_gen.pdbx_gene_src_organ                ? 
_entity_src_gen.pdbx_gene_src_organelle            ? 
_entity_src_gen.pdbx_gene_src_cell                 ? 
_entity_src_gen.pdbx_gene_src_cellular_location    ? 
_entity_src_gen.host_org_common_name               ? 
_entity_src_gen.pdbx_host_org_scientific_name      'Escherichia coli BL21(DE3)' 
_entity_src_gen.pdbx_host_org_ncbi_taxonomy_id     469008 
_entity_src_gen.host_org_genus                     ? 
_entity_src_gen.pdbx_host_org_gene                 ? 
_entity_src_gen.pdbx_host_org_organ                ? 
_entity_src_gen.host_org_species                   ? 
_entity_src_gen.pdbx_host_org_tissue               ? 
_entity_src_gen.pdbx_host_org_tissue_fraction      ? 
_entity_src_gen.pdbx_host_org_strain               ? 
_entity_src_gen.pdbx_host_org_variant              ? 
_entity_src_gen.pdbx_host_org_cell_line            ? 
_entity_src_gen.pdbx_host_org_atcc                 ? 
_entity_src_gen.pdbx_host_org_culture_collection   ? 
_entity_src_gen.pdbx_host_org_cell                 ? 
_entity_src_gen.pdbx_host_org_organelle            ? 
_entity_src_gen.pdbx_host_org_cellular_location    ? 
_entity_src_gen.pdbx_host_org_vector_type          ? 
_entity_src_gen.pdbx_host_org_vector               ? 
_entity_src_gen.host_org_details                   ? 
_entity_src_gen.expression_system_id               ? 
_entity_src_gen.plasmid_name                       ? 
_entity_src_gen.plasmid_details                    ? 
_entity_src_gen.pdbx_description                   ? 
# 
loop_
_chem_comp.id 
_chem_comp.type 
_chem_comp.mon_nstd_flag 
_chem_comp.name 
_chem_comp.pdbx_synonyms 
_chem_comp.formula 
_chem_comp.formula_weight 
ALA 'L-peptide linking' y ALANINE                                                ? 'C3 H7 N O2'     89.093  
ARG 'L-peptide linking' y ARGININE                                               ? 'C6 H15 N4 O2 1' 175.209 
ASN 'L-peptide linking' y ASPARAGINE                                             ? 'C4 H8 N2 O3'    132.118 
ASP 'L-peptide linking' y 'ASPARTIC ACID'                                        ? 'C4 H7 N O4'     133.103 
GLN 'L-peptide linking' y GLUTAMINE                                              ? 'C5 H10 N2 O3'   146.144 
GLU 'L-peptide linking' y 'GLUTAMIC ACID'                                        ? 'C5 H9 N O4'     147.129 
GLY 'peptide linking'   y GLYCINE                                                ? 'C2 H5 N O2'     75.067  
HIS 'L-peptide linking' y HISTIDINE                                              ? 'C6 H10 N3 O2 1' 156.162 
HOH non-polymer         . WATER                                                  ? 'H2 O'           18.015  
ILE 'L-peptide linking' y ISOLEUCINE                                             ? 'C6 H13 N O2'    131.173 
LEU 'L-peptide linking' y LEUCINE                                                ? 'C6 H13 N O2'    131.173 
LYS 'L-peptide linking' y LYSINE                                                 ? 'C6 H15 N2 O2 1' 147.195 
MET 'L-peptide linking' y METHIONINE                                             ? 'C5 H11 N O2 S'  149.211 
PHE 'L-peptide linking' y PHENYLALANINE                                          ? 'C9 H11 N O2'    165.189 
PRO 'L-peptide linking' y PROLINE                                                ? 'C5 H9 N O2'     115.130 
SER 'L-peptide linking' y SERINE                                                 ? 'C3 H7 N O3'     105.093 
THR 'L-peptide linking' y THREONINE                                              ? 'C4 H9 N O3'     119.119 
TRP 'L-peptide linking' y TRYPTOPHAN                                             ? 'C11 H12 N2 O2'  204.225 
TYR 'L-peptide linking' y TYROSINE                                               ? 'C9 H11 N O3'    181.189 
UAT non-polymer         . '4-methyl-~{N}-(phenylmethyl)piperidine-1-carboxamide' ? 'C14 H20 N2 O'   232.321 
VAL 'L-peptide linking' y VALINE                                                 ? 'C5 H11 N O2'    117.146 
# 
loop_
_pdbx_poly_seq_scheme.asym_id 
_pdbx_poly_seq_scheme.entity_id 
_pdbx_poly_seq_scheme.seq_id 
_pdbx_poly_seq_scheme.mon_id 
_pdbx_poly_seq_scheme.ndb_seq_num 
_pdbx_poly_seq_scheme.pdb_seq_num 
_pdbx_poly_seq_scheme.auth_seq_num 
_pdbx_poly_seq_scheme.pdb_mon_id 
_pdbx_poly_seq_scheme.auth_mon_id 
_pdbx_poly_seq_scheme.pdb_strand_id 
_pdbx_poly_seq_scheme.pdb_ins_code 
_pdbx_poly_seq_scheme.hetero 
A 1 1   MET 1   1   ?   ?   ?   A . n 
A 1 2   THR 2   2   ?   ?   ?   A . n 
A 1 3   THR 3   3   ?   ?   ?   A . n 
A 1 4   SER 4   4   ?   ?   ?   A . n 
A 1 5   ALA 5   5   ?   ?   ?   A . n 
A 1 6   ALA 6   6   ?   ?   ?   A . n 
A 1 7   SER 7   7   ?   ?   ?   A . n 
A 1 8   GLN 8   8   ?   ?   ?   A . n 
A 1 9   ALA 9   9   ?   ?   ?   A . n 
A 1 10  SER 10  10  ?   ?   ?   A . n 
A 1 11  LEU 11  11  ?   ?   ?   A . n 
A 1 12  PRO 12  12  ?   ?   ?   A . n 
A 1 13  ARG 13  13  ?   ?   ?   A . n 
A 1 14  GLY 14  14  ?   ?   ?   A . n 
A 1 15  ARG 15  15  ?   ?   ?   A . n 
A 1 16  ARG 16  16  ?   ?   ?   A . n 
A 1 17  THR 17  17  ?   ?   ?   A . n 
A 1 18  ALA 18  18  ?   ?   ?   A . n 
A 1 19  ARG 19  19  ?   ?   ?   A . n 
A 1 20  PRO 20  20  ?   ?   ?   A . n 
A 1 21  SER 21  21  ?   ?   ?   A . n 
A 1 22  GLY 22  22  22  GLY GLY A . n 
A 1 23  ASP 23  23  23  ASP ASP A . n 
A 1 24  ASP 24  24  24  ASP ASP A . n 
A 1 25  ARG 25  25  25  ARG ARG A . n 
A 1 26  GLU 26  26  26  GLU GLU A . n 
A 1 27  LEU 27  27  27  LEU LEU A . n 
A 1 28  ALA 28  28  28  ALA ALA A . n 
A 1 29  ILE 29  29  29  ILE ILE A . n 
A 1 30  LEU 30  30  30  LEU LEU A . n 
A 1 31  ALA 31  31  31  ALA ALA A . n 
A 1 32  THR 32  32  32  THR THR A . n 
A 1 33  ALA 33  33  33  ALA ALA A . n 
A 1 34  GLU 34  34  34  GLU GLU A . n 
A 1 35  ASN 35  35  35  ASN ASN A . n 
A 1 36  LEU 36  36  36  LEU LEU A . n 
A 1 37  LEU 37  37  37  LEU LEU A . n 
A 1 38  GLU 38  38  38  GLU GLU A . n 
A 1 39  ASP 39  39  39  ASP ASP A . n 
A 1 40  ARG 40  40  40  ARG ARG A . n 
A 1 41  PRO 41  41  41  PRO PRO A . n 
A 1 42  LEU 42  42  42  LEU LEU A . n 
A 1 43  ALA 43  43  43  ALA ALA A . n 
A 1 44  ASP 44  44  44  ASP ASP A . n 
A 1 45  ILE 45  45  45  ILE ILE A . n 
A 1 46  SER 46  46  46  SER SER A . n 
A 1 47  VAL 47  47  47  VAL VAL A . n 
A 1 48  ASP 48  48  48  ASP ASP A . n 
A 1 49  ASP 49  49  49  ASP ASP A . n 
A 1 50  LEU 50  50  50  LEU LEU A . n 
A 1 51  ALA 51  51  51  ALA ALA A . n 
A 1 52  LYS 52  52  52  LYS LYS A . n 
A 1 53  GLY 53  53  53  GLY GLY A . n 
A 1 54  ALA 54  54  54  ALA ALA A . n 
A 1 55  GLY 55  55  55  GLY GLY A . n 
A 1 56  ILE 56  56  56  ILE ILE A . n 
A 1 57  SER 57  57  57  SER SER A . n 
A 1 58  ARG 58  58  58  ARG ARG A . n 
A 1 59  PRO 59  59  59  PRO PRO A . n 
A 1 60  THR 60  60  60  THR THR A . n 
A 1 61  PHE 61  61  61  PHE PHE A . n 
A 1 62  TYR 62  62  62  TYR TYR A . n 
A 1 63  PHE 63  63  63  PHE PHE A . n 
A 1 64  TYR 64  64  64  TYR TYR A . n 
A 1 65  PHE 65  65  65  PHE PHE A . n 
A 1 66  PRO 66  66  66  PRO PRO A . n 
A 1 67  SER 67  67  67  SER SER A . n 
A 1 68  LYS 68  68  68  LYS LYS A . n 
A 1 69  GLU 69  69  69  GLU GLU A . n 
A 1 70  ALA 70  70  70  ALA ALA A . n 
A 1 71  VAL 71  71  71  VAL VAL A . n 
A 1 72  LEU 72  72  72  LEU LEU A . n 
A 1 73  LEU 73  73  73  LEU LEU A . n 
A 1 74  THR 74  74  74  THR THR A . n 
A 1 75  LEU 75  75  75  LEU LEU A . n 
A 1 76  LEU 76  76  76  LEU LEU A . n 
A 1 77  ASP 77  77  77  ASP ASP A . n 
A 1 78  ARG 78  78  78  ARG ARG A . n 
A 1 79  VAL 79  79  79  VAL VAL A . n 
A 1 80  VAL 80  80  80  VAL VAL A . n 
A 1 81  ASN 81  81  81  ASN ASN A . n 
A 1 82  GLN 82  82  82  GLN GLN A . n 
A 1 83  ALA 83  83  83  ALA ALA A . n 
A 1 84  ASP 84  84  84  ASP ASP A . n 
A 1 85  MET 85  85  85  MET MET A . n 
A 1 86  ALA 86  86  86  ALA ALA A . n 
A 1 87  LEU 87  87  87  LEU LEU A . n 
A 1 88  GLN 88  88  88  GLN GLN A . n 
A 1 89  THR 89  89  89  THR THR A . n 
A 1 90  LEU 90  90  90  LEU LEU A . n 
A 1 91  ALA 91  91  91  ALA ALA A . n 
A 1 92  GLU 92  92  92  GLU GLU A . n 
A 1 93  ASN 93  93  93  ASN ASN A . n 
A 1 94  PRO 94  94  94  PRO PRO A . n 
A 1 95  ALA 95  95  95  ALA ALA A . n 
A 1 96  ASP 96  96  96  ASP ASP A . n 
A 1 97  THR 97  97  97  THR THR A . n 
A 1 98  ASP 98  98  98  ASP ASP A . n 
A 1 99  ARG 99  99  99  ARG ARG A . n 
A 1 100 GLU 100 100 100 GLU GLU A . n 
A 1 101 ASN 101 101 101 ASN ASN A . n 
A 1 102 MET 102 102 102 MET MET A . n 
A 1 103 TRP 103 103 103 TRP TRP A . n 
A 1 104 ARG 104 104 104 ARG ARG A . n 
A 1 105 THR 105 105 105 THR THR A . n 
A 1 106 GLY 106 106 106 GLY GLY A . n 
A 1 107 ILE 107 107 107 ILE ILE A . n 
A 1 108 ASN 108 108 108 ASN ASN A . n 
A 1 109 VAL 109 109 109 VAL VAL A . n 
A 1 110 PHE 110 110 110 PHE PHE A . n 
A 1 111 PHE 111 111 111 PHE PHE A . n 
A 1 112 GLU 112 112 112 GLU GLU A . n 
A 1 113 THR 113 113 113 THR THR A . n 
A 1 114 PHE 114 114 114 PHE PHE A . n 
A 1 115 GLY 115 115 115 GLY GLY A . n 
A 1 116 SER 116 116 116 SER SER A . n 
A 1 117 HIS 117 117 117 HIS HIS A . n 
A 1 118 LYS 118 118 118 LYS LYS A . n 
A 1 119 ALA 119 119 119 ALA ALA A . n 
A 1 120 VAL 120 120 120 VAL VAL A . n 
A 1 121 THR 121 121 121 THR THR A . n 
A 1 122 ARG 122 122 122 ARG ARG A . n 
A 1 123 ALA 123 123 123 ALA ALA A . n 
A 1 124 GLY 124 124 124 GLY GLY A . n 
A 1 125 GLN 125 125 125 GLN GLN A . n 
A 1 126 ALA 126 126 126 ALA ALA A . n 
A 1 127 ALA 127 127 127 ALA ALA A . n 
A 1 128 ARG 128 128 128 ARG ARG A . n 
A 1 129 ALA 129 129 129 ALA ALA A . n 
A 1 130 THR 130 130 130 THR THR A . n 
A 1 131 SER 131 131 131 SER SER A . n 
A 1 132 VAL 132 132 132 VAL VAL A . n 
A 1 133 GLU 133 133 133 GLU GLU A . n 
A 1 134 VAL 134 134 134 VAL VAL A . n 
A 1 135 ALA 135 135 135 ALA ALA A . n 
A 1 136 GLU 136 136 136 GLU GLU A . n 
A 1 137 LEU 137 137 137 LEU LEU A . n 
A 1 138 TRP 138 138 138 TRP TRP A . n 
A 1 139 SER 139 139 139 SER SER A . n 
A 1 140 THR 140 140 140 THR THR A . n 
A 1 141 PHE 141 141 141 PHE PHE A . n 
A 1 142 MET 142 142 142 MET MET A . n 
A 1 143 GLN 143 143 143 GLN GLN A . n 
A 1 144 LYS 144 144 144 LYS LYS A . n 
A 1 145 TRP 145 145 145 TRP TRP A . n 
A 1 146 ILE 146 146 146 ILE ILE A . n 
A 1 147 ALA 147 147 147 ALA ALA A . n 
A 1 148 TYR 148 148 148 TYR TYR A . n 
A 1 149 THR 149 149 149 THR THR A . n 
A 1 150 ALA 150 150 150 ALA ALA A . n 
A 1 151 ALA 151 151 151 ALA ALA A . n 
A 1 152 VAL 152 152 152 VAL VAL A . n 
A 1 153 ILE 153 153 153 ILE ILE A . n 
A 1 154 ASP 154 154 154 ASP ASP A . n 
A 1 155 ALA 155 155 155 ALA ALA A . n 
A 1 156 GLU 156 156 156 GLU GLU A . n 
A 1 157 ARG 157 157 157 ARG ARG A . n 
A 1 158 ASP 158 158 158 ASP ASP A . n 
A 1 159 ARG 159 159 159 ARG ARG A . n 
A 1 160 GLY 160 160 160 GLY GLY A . n 
A 1 161 ALA 161 161 161 ALA ALA A . n 
A 1 162 ALA 162 162 162 ALA ALA A . n 
A 1 163 PRO 163 163 163 PRO PRO A . n 
A 1 164 ARG 164 164 164 ARG ARG A . n 
A 1 165 THR 165 165 165 THR THR A . n 
A 1 166 LEU 166 166 166 LEU LEU A . n 
A 1 167 PRO 167 167 167 PRO PRO A . n 
A 1 168 ALA 168 168 168 ALA ALA A . n 
A 1 169 HIS 169 169 169 HIS HIS A . n 
A 1 170 GLU 170 170 170 GLU GLU A . n 
A 1 171 LEU 171 171 171 LEU LEU A . n 
A 1 172 ALA 172 172 172 ALA ALA A . n 
A 1 173 THR 173 173 173 THR THR A . n 
A 1 174 ALA 174 174 174 ALA ALA A . n 
A 1 175 LEU 175 175 175 LEU LEU A . n 
A 1 176 ASN 176 176 176 ASN ASN A . n 
A 1 177 LEU 177 177 177 LEU LEU A . n 
A 1 178 MET 178 178 178 MET MET A . n 
A 1 179 ASN 179 179 179 ASN ASN A . n 
A 1 180 GLU 180 180 180 GLU GLU A . n 
A 1 181 ARG 181 181 181 ARG ARG A . n 
A 1 182 THR 182 182 182 THR THR A . n 
A 1 183 LEU 183 183 183 LEU LEU A . n 
A 1 184 PHE 184 184 184 PHE PHE A . n 
A 1 185 ALA 185 185 185 ALA ALA A . n 
A 1 186 SER 186 186 186 SER SER A . n 
A 1 187 PHE 187 187 187 PHE PHE A . n 
A 1 188 ALA 188 188 188 ALA ALA A . n 
A 1 189 GLY 189 189 189 GLY GLY A . n 
A 1 190 GLU 190 190 190 GLU GLU A . n 
A 1 191 GLN 191 191 191 GLN GLN A . n 
A 1 192 PRO 192 192 192 PRO PRO A . n 
A 1 193 SER 193 194 194 SER SER A . n 
A 1 194 VAL 194 194 194 VAL VAL A A n 
A 1 195 PRO 195 195 195 PRO PRO A . n 
A 1 196 GLU 196 196 196 GLU GLU A . n 
A 1 197 ALA 197 197 197 ALA ALA A . n 
A 1 198 ARG 198 198 198 ARG ARG A . n 
A 1 199 VAL 199 199 199 VAL VAL A . n 
A 1 200 LEU 200 200 200 LEU LEU A . n 
A 1 201 ASP 201 201 201 ASP ASP A . n 
A 1 202 THR 202 202 202 THR THR A . n 
A 1 203 LEU 203 203 203 LEU LEU A . n 
A 1 204 VAL 204 204 204 VAL VAL A . n 
A 1 205 HIS 205 205 205 HIS HIS A . n 
A 1 206 ILE 206 206 206 ILE ILE A . n 
A 1 207 TRP 207 207 207 TRP TRP A . n 
A 1 208 VAL 208 208 208 VAL VAL A . n 
A 1 209 THR 209 209 209 THR THR A . n 
A 1 210 SER 210 210 210 SER SER A . n 
A 1 211 ILE 211 211 211 ILE ILE A . n 
A 1 212 TYR 212 212 212 TYR TYR A . n 
A 1 213 GLY 213 213 213 GLY GLY A . n 
A 1 214 GLU 214 214 214 GLU GLU A . n 
A 1 215 ASN 215 215 ?   ?   ?   A . n 
A 1 216 ARG 216 216 ?   ?   ?   A . n 
# 
loop_
_pdbx_nonpoly_scheme.asym_id 
_pdbx_nonpoly_scheme.entity_id 
_pdbx_nonpoly_scheme.mon_id 
_pdbx_nonpoly_scheme.ndb_seq_num 
_pdbx_nonpoly_scheme.pdb_seq_num 
_pdbx_nonpoly_scheme.auth_seq_num 
_pdbx_nonpoly_scheme.pdb_mon_id 
_pdbx_nonpoly_scheme.auth_mon_id 
_pdbx_nonpoly_scheme.pdb_strand_id 
_pdbx_nonpoly_scheme.pdb_ins_code 
B 2 UAT 1  301 301 UAT DRG A . 
C 3 HOH 1  401 29  HOH HOH A . 
C 3 HOH 2  402 33  HOH HOH A . 
C 3 HOH 3  403 18  HOH HOH A . 
C 3 HOH 4  404 10  HOH HOH A . 
C 3 HOH 5  405 36  HOH HOH A . 
C 3 HOH 6  406 32  HOH HOH A . 
C 3 HOH 7  407 31  HOH HOH A . 
C 3 HOH 8  408 3   HOH HOH A . 
C 3 HOH 9  409 42  HOH HOH A . 
C 3 HOH 10 410 17  HOH HOH A . 
C 3 HOH 11 411 22  HOH HOH A . 
C 3 HOH 12 412 9   HOH HOH A . 
C 3 HOH 13 413 26  HOH HOH A . 
C 3 HOH 14 414 23  HOH HOH A . 
C 3 HOH 15 415 7   HOH HOH A . 
C 3 HOH 16 416 28  HOH HOH A . 
C 3 HOH 17 417 1   HOH HOH A . 
C 3 HOH 18 418 38  HOH HOH A . 
C 3 HOH 19 419 30  HOH HOH A . 
C 3 HOH 20 420 20  HOH HOH A . 
C 3 HOH 21 421 11  HOH HOH A . 
C 3 HOH 22 422 16  HOH HOH A . 
C 3 HOH 23 423 43  HOH HOH A . 
C 3 HOH 24 424 40  HOH HOH A . 
C 3 HOH 25 425 35  HOH HOH A . 
C 3 HOH 26 426 55  HOH HOH A . 
C 3 HOH 27 427 52  HOH HOH A . 
C 3 HOH 28 428 34  HOH HOH A . 
C 3 HOH 29 429 15  HOH HOH A . 
C 3 HOH 30 430 5   HOH HOH A . 
C 3 HOH 31 431 44  HOH HOH A . 
C 3 HOH 32 432 53  HOH HOH A . 
C 3 HOH 33 433 19  HOH HOH A . 
C 3 HOH 34 434 39  HOH HOH A . 
C 3 HOH 35 435 47  HOH HOH A . 
C 3 HOH 36 436 4   HOH HOH A . 
C 3 HOH 37 437 41  HOH HOH A . 
C 3 HOH 38 438 14  HOH HOH A . 
C 3 HOH 39 439 25  HOH HOH A . 
C 3 HOH 40 440 8   HOH HOH A . 
C 3 HOH 41 441 21  HOH HOH A . 
C 3 HOH 42 442 6   HOH HOH A . 
C 3 HOH 43 443 37  HOH HOH A . 
C 3 HOH 44 444 2   HOH HOH A . 
C 3 HOH 45 445 24  HOH HOH A . 
C 3 HOH 46 446 50  HOH HOH A . 
C 3 HOH 47 447 45  HOH HOH A . 
C 3 HOH 48 448 54  HOH HOH A . 
C 3 HOH 49 449 27  HOH HOH A . 
C 3 HOH 50 450 12  HOH HOH A . 
C 3 HOH 51 451 46  HOH HOH A . 
C 3 HOH 52 452 49  HOH HOH A . 
C 3 HOH 53 453 48  HOH HOH A . 
C 3 HOH 54 454 13  HOH HOH A . 
C 3 HOH 55 455 51  HOH HOH A . 
# 
loop_
_pdbx_unobs_or_zero_occ_atoms.id 
_pdbx_unobs_or_zero_occ_atoms.PDB_model_num 
_pdbx_unobs_or_zero_occ_atoms.polymer_flag 
_pdbx_unobs_or_zero_occ_atoms.occupancy_flag 
_pdbx_unobs_or_zero_occ_atoms.auth_asym_id 
_pdbx_unobs_or_zero_occ_atoms.auth_comp_id 
_pdbx_unobs_or_zero_occ_atoms.auth_seq_id 
_pdbx_unobs_or_zero_occ_atoms.PDB_ins_code 
_pdbx_unobs_or_zero_occ_atoms.auth_atom_id 
_pdbx_unobs_or_zero_occ_atoms.label_alt_id 
_pdbx_unobs_or_zero_occ_atoms.label_asym_id 
_pdbx_unobs_or_zero_occ_atoms.label_comp_id 
_pdbx_unobs_or_zero_occ_atoms.label_seq_id 
_pdbx_unobs_or_zero_occ_atoms.label_atom_id 
1 1 Y 1 A ASP 24 ? CG  ? A ASP 24 CG  
2 1 Y 1 A ASP 24 ? OD1 ? A ASP 24 OD1 
3 1 Y 1 A ASP 24 ? OD2 ? A ASP 24 OD2 
# 
loop_
_software.citation_id 
_software.classification 
_software.compiler_name 
_software.compiler_version 
_software.contact_author 
_software.contact_author_email 
_software.date 
_software.description 
_software.dependencies 
_software.hardware 
_software.language 
_software.location 
_software.mods 
_software.name 
_software.os 
_software.os_version 
_software.type 
_software.version 
_software.pdbx_ordinal 
? refinement        ? ? ? ? ? ? ? ? ? ? ? REFMAC      ? ? ? 5.8.0238 1 
? 'data extraction' ? ? ? ? ? ? ? ? ? ? ? PDB_EXTRACT ? ? ? 3.22     2 
? 'data reduction'  ? ? ? ? ? ? ? ? ? ? ? Aimless     ? ? ? .        3 
? 'data scaling'    ? ? ? ? ? ? ? ? ? ? ? pointless   ? ? ? .        4 
? phasing           ? ? ? ? ? ? ? ? ? ? ? PHASER      ? ? ? .        5 
# 
_cell.angle_alpha                  90.000 
_cell.angle_alpha_esd              ? 
_cell.angle_beta                   90.000 
_cell.angle_beta_esd               ? 
_cell.angle_gamma                  90.000 
_cell.angle_gamma_esd              ? 
_cell.entry_id                     7NGJ 
_cell.details                      ? 
_cell.formula_units_Z              ? 
_cell.length_a                     121.594 
_cell.length_a_esd                 ? 
_cell.length_b                     121.594 
_cell.length_b_esd                 ? 
_cell.length_c                     33.735 
_cell.length_c_esd                 ? 
_cell.volume                       ? 
_cell.volume_esd                   ? 
_cell.Z_PDB                        8 
_cell.reciprocal_angle_alpha       ? 
_cell.reciprocal_angle_beta        ? 
_cell.reciprocal_angle_gamma       ? 
_cell.reciprocal_angle_alpha_esd   ? 
_cell.reciprocal_angle_beta_esd    ? 
_cell.reciprocal_angle_gamma_esd   ? 
_cell.reciprocal_length_a          ? 
_cell.reciprocal_length_b          ? 
_cell.reciprocal_length_c          ? 
_cell.reciprocal_length_a_esd      ? 
_cell.reciprocal_length_b_esd      ? 
_cell.reciprocal_length_c_esd      ? 
_cell.pdbx_unique_axis             ? 
# 
_symmetry.entry_id                         7NGJ 
_symmetry.cell_setting                     ? 
_symmetry.Int_Tables_number                92 
_symmetry.space_group_name_Hall            ? 
_symmetry.space_group_name_H-M             'P 41 21 2' 
_symmetry.pdbx_full_space_group_name_H-M   ? 
# 
_exptl.absorpt_coefficient_mu     ? 
_exptl.absorpt_correction_T_max   ? 
_exptl.absorpt_correction_T_min   ? 
_exptl.absorpt_correction_type    ? 
_exptl.absorpt_process_details    ? 
_exptl.entry_id                   7NGJ 
_exptl.crystals_number            1 
_exptl.details                    ? 
_exptl.method                     'X-RAY DIFFRACTION' 
_exptl.method_details             ? 
# 
_exptl_crystal.colour                      ? 
_exptl_crystal.density_diffrn              ? 
_exptl_crystal.density_Matthews            2.62 
_exptl_crystal.density_method              ? 
_exptl_crystal.density_percent_sol         53.08 
_exptl_crystal.description                 ? 
_exptl_crystal.F_000                       ? 
_exptl_crystal.id                          1 
_exptl_crystal.preparation                 ? 
_exptl_crystal.size_max                    ? 
_exptl_crystal.size_mid                    ? 
_exptl_crystal.size_min                    ? 
_exptl_crystal.size_rad                    ? 
_exptl_crystal.colour_lustre               ? 
_exptl_crystal.colour_modifier             ? 
_exptl_crystal.colour_primary              ? 
_exptl_crystal.density_meas                ? 
_exptl_crystal.density_meas_esd            ? 
_exptl_crystal.density_meas_gt             ? 
_exptl_crystal.density_meas_lt             ? 
_exptl_crystal.density_meas_temp           ? 
_exptl_crystal.density_meas_temp_esd       ? 
_exptl_crystal.density_meas_temp_gt        ? 
_exptl_crystal.density_meas_temp_lt        ? 
_exptl_crystal.pdbx_crystal_image_url      ? 
_exptl_crystal.pdbx_crystal_image_format   ? 
_exptl_crystal.pdbx_mosaicity              ? 
_exptl_crystal.pdbx_mosaicity_esd          ? 
# 
_exptl_crystal_grow.apparatus       ? 
_exptl_crystal_grow.atmosphere      ? 
_exptl_crystal_grow.crystal_id      1 
_exptl_crystal_grow.details         ? 
_exptl_crystal_grow.method          'VAPOR DIFFUSION, SITTING DROP' 
_exptl_crystal_grow.method_ref      ? 
_exptl_crystal_grow.pH              ? 
_exptl_crystal_grow.pressure        ? 
_exptl_crystal_grow.pressure_esd    ? 
_exptl_crystal_grow.seeding         ? 
_exptl_crystal_grow.seeding_ref     ? 
_exptl_crystal_grow.temp            300 
_exptl_crystal_grow.temp_details    ? 
_exptl_crystal_grow.temp_esd        ? 
_exptl_crystal_grow.time            ? 
_exptl_crystal_grow.pdbx_details    'Vapour diffusion, PEG based' 
_exptl_crystal_grow.pdbx_pH_range   ? 
# 
_diffrn.ambient_environment              ? 
_diffrn.ambient_temp                     100 
_diffrn.ambient_temp_details             ? 
_diffrn.ambient_temp_esd                 ? 
_diffrn.crystal_id                       1 
_diffrn.crystal_support                  ? 
_diffrn.crystal_treatment                ? 
_diffrn.details                          ? 
_diffrn.id                               1 
_diffrn.ambient_pressure                 ? 
_diffrn.ambient_pressure_esd             ? 
_diffrn.ambient_pressure_gt              ? 
_diffrn.ambient_pressure_lt              ? 
_diffrn.ambient_temp_gt                  ? 
_diffrn.ambient_temp_lt                  ? 
_diffrn.pdbx_serial_crystal_experiment   N 
# 
_diffrn_detector.details                      ? 
_diffrn_detector.detector                     PIXEL 
_diffrn_detector.diffrn_id                    1 
_diffrn_detector.type                         'DECTRIS PILATUS 6M' 
_diffrn_detector.area_resol_mean              ? 
_diffrn_detector.dtime                        ? 
_diffrn_detector.pdbx_frames_total            ? 
_diffrn_detector.pdbx_collection_time_total   ? 
_diffrn_detector.pdbx_collection_date         2018-05-03 
_diffrn_detector.pdbx_frequency               ? 
# 
_diffrn_radiation.collimation                      ? 
_diffrn_radiation.diffrn_id                        1 
_diffrn_radiation.filter_edge                      ? 
_diffrn_radiation.inhomogeneity                    ? 
_diffrn_radiation.monochromator                    ? 
_diffrn_radiation.polarisn_norm                    ? 
_diffrn_radiation.polarisn_ratio                   ? 
_diffrn_radiation.probe                            ? 
_diffrn_radiation.type                             ? 
_diffrn_radiation.xray_symbol                      ? 
_diffrn_radiation.wavelength_id                    1 
_diffrn_radiation.pdbx_monochromatic_or_laue_m_l   M 
_diffrn_radiation.pdbx_wavelength_list             ? 
_diffrn_radiation.pdbx_wavelength                  ? 
_diffrn_radiation.pdbx_diffrn_protocol             'SINGLE WAVELENGTH' 
_diffrn_radiation.pdbx_analyzer                    ? 
_diffrn_radiation.pdbx_scattering_type             x-ray 
# 
_diffrn_radiation_wavelength.id           1 
_diffrn_radiation_wavelength.wavelength   0.9795 
_diffrn_radiation_wavelength.wt           1.0 
# 
_diffrn_source.current                     ? 
_diffrn_source.details                     ? 
_diffrn_source.diffrn_id                   1 
_diffrn_source.power                       ? 
_diffrn_source.size                        ? 
_diffrn_source.source                      SYNCHROTRON 
_diffrn_source.target                      ? 
_diffrn_source.type                        'DIAMOND BEAMLINE I04' 
_diffrn_source.voltage                     ? 
_diffrn_source.take-off_angle              ? 
_diffrn_source.pdbx_wavelength_list        0.9795 
_diffrn_source.pdbx_wavelength             ? 
_diffrn_source.pdbx_synchrotron_beamline   I04 
_diffrn_source.pdbx_synchrotron_site       Diamond 
# 
_reflns.B_iso_Wilson_estimate            ? 
_reflns.entry_id                         7NGJ 
_reflns.data_reduction_details           ? 
_reflns.data_reduction_method            ? 
_reflns.d_resolution_high                1.89 
_reflns.d_resolution_low                 42.99 
_reflns.details                          ? 
_reflns.limit_h_max                      ? 
_reflns.limit_h_min                      ? 
_reflns.limit_k_max                      ? 
_reflns.limit_k_min                      ? 
_reflns.limit_l_max                      ? 
_reflns.limit_l_min                      ? 
_reflns.number_all                       ? 
_reflns.number_obs                       20817 
_reflns.observed_criterion               ? 
_reflns.observed_criterion_F_max         ? 
_reflns.observed_criterion_F_min         ? 
_reflns.observed_criterion_I_max         ? 
_reflns.observed_criterion_I_min         ? 
_reflns.observed_criterion_sigma_F       ? 
_reflns.observed_criterion_sigma_I       ? 
_reflns.percent_possible_obs             99.7 
_reflns.R_free_details                   ? 
_reflns.Rmerge_F_all                     ? 
_reflns.Rmerge_F_obs                     ? 
_reflns.Friedel_coverage                 ? 
_reflns.number_gt                        ? 
_reflns.threshold_expression             ? 
_reflns.pdbx_redundancy                  12.5 
_reflns.pdbx_Rmerge_I_obs                ? 
_reflns.pdbx_Rmerge_I_all                ? 
_reflns.pdbx_Rsym_value                  ? 
_reflns.pdbx_netI_over_av_sigmaI         ? 
_reflns.pdbx_netI_over_sigmaI            17.0 
_reflns.pdbx_res_netI_over_av_sigmaI_2   ? 
_reflns.pdbx_res_netI_over_sigmaI_2      ? 
_reflns.pdbx_chi_squared                 ? 
_reflns.pdbx_scaling_rejects             ? 
_reflns.pdbx_d_res_high_opt              ? 
_reflns.pdbx_d_res_low_opt               ? 
_reflns.pdbx_d_res_opt_method            ? 
_reflns.phase_calculation_details        ? 
_reflns.pdbx_Rrim_I_all                  ? 
_reflns.pdbx_Rpim_I_all                  ? 
_reflns.pdbx_d_opt                       ? 
_reflns.pdbx_number_measured_all         ? 
_reflns.pdbx_diffrn_id                   1 
_reflns.pdbx_ordinal                     1 
_reflns.pdbx_CC_half                     0.999 
_reflns.pdbx_CC_star                     ? 
_reflns.pdbx_R_split                     ? 
# 
_reflns_shell.d_res_high                  1.89 
_reflns_shell.d_res_low                   1.94 
_reflns_shell.meanI_over_sigI_all         ? 
_reflns_shell.meanI_over_sigI_obs         2.9 
_reflns_shell.number_measured_all         ? 
_reflns_shell.number_measured_obs         ? 
_reflns_shell.number_possible             ? 
_reflns_shell.number_unique_all           ? 
_reflns_shell.number_unique_obs           1273 
_reflns_shell.percent_possible_all        96.2 
_reflns_shell.percent_possible_obs        ? 
_reflns_shell.Rmerge_F_all                ? 
_reflns_shell.Rmerge_F_obs                ? 
_reflns_shell.Rmerge_I_all                ? 
_reflns_shell.Rmerge_I_obs                ? 
_reflns_shell.meanI_over_sigI_gt          ? 
_reflns_shell.meanI_over_uI_all           ? 
_reflns_shell.meanI_over_uI_gt            ? 
_reflns_shell.number_measured_gt          ? 
_reflns_shell.number_unique_gt            ? 
_reflns_shell.percent_possible_gt         ? 
_reflns_shell.Rmerge_F_gt                 ? 
_reflns_shell.Rmerge_I_gt                 ? 
_reflns_shell.pdbx_redundancy             10.9 
_reflns_shell.pdbx_Rsym_value             ? 
_reflns_shell.pdbx_chi_squared            ? 
_reflns_shell.pdbx_netI_over_sigmaI_all   ? 
_reflns_shell.pdbx_netI_over_sigmaI_obs   ? 
_reflns_shell.pdbx_Rrim_I_all             ? 
_reflns_shell.pdbx_Rpim_I_all             ? 
_reflns_shell.pdbx_rejects                ? 
_reflns_shell.pdbx_ordinal                1 
_reflns_shell.pdbx_diffrn_id              1 
_reflns_shell.pdbx_CC_half                0.826 
_reflns_shell.pdbx_CC_star                ? 
_reflns_shell.pdbx_R_split                ? 
# 
_refine.aniso_B[1][1]                            0.7800 
_refine.aniso_B[1][2]                            -0.0000 
_refine.aniso_B[1][3]                            -0.0000 
_refine.aniso_B[2][2]                            0.7800 
_refine.aniso_B[2][3]                            -0.0000 
_refine.aniso_B[3][3]                            -1.5500 
_refine.B_iso_max                                81.930 
_refine.B_iso_mean                               26.5610 
_refine.B_iso_min                                14.190 
_refine.correlation_coeff_Fo_to_Fc               0.9500 
_refine.correlation_coeff_Fo_to_Fc_free          0.9270 
_refine.details                                  
'HYDROGENS HAVE BEEN ADDED IN THE RIDING POSITIONS U VALUES      : REFINED INDIVIDUALLY' 
_refine.diff_density_max                         ? 
_refine.diff_density_max_esd                     ? 
_refine.diff_density_min                         ? 
_refine.diff_density_min_esd                     ? 
_refine.diff_density_rms                         ? 
_refine.diff_density_rms_esd                     ? 
_refine.entry_id                                 7NGJ 
_refine.pdbx_refine_id                           'X-RAY DIFFRACTION' 
_refine.ls_abs_structure_details                 ? 
_refine.ls_abs_structure_Flack                   ? 
_refine.ls_abs_structure_Flack_esd               ? 
_refine.ls_abs_structure_Rogers                  ? 
_refine.ls_abs_structure_Rogers_esd              ? 
_refine.ls_d_res_high                            1.8900 
_refine.ls_d_res_low                             42.99 
_refine.ls_extinction_coef                       ? 
_refine.ls_extinction_coef_esd                   ? 
_refine.ls_extinction_expression                 ? 
_refine.ls_extinction_method                     ? 
_refine.ls_goodness_of_fit_all                   ? 
_refine.ls_goodness_of_fit_all_esd               ? 
_refine.ls_goodness_of_fit_obs                   ? 
_refine.ls_goodness_of_fit_obs_esd               ? 
_refine.ls_hydrogen_treatment                    ? 
_refine.ls_matrix_type                           ? 
_refine.ls_number_constraints                    ? 
_refine.ls_number_parameters                     ? 
_refine.ls_number_reflns_all                     ? 
_refine.ls_number_reflns_obs                     19787 
_refine.ls_number_reflns_R_free                  986 
_refine.ls_number_reflns_R_work                  ? 
_refine.ls_number_restraints                     ? 
_refine.ls_percent_reflns_obs                    99.6900 
_refine.ls_percent_reflns_R_free                 4.7000 
_refine.ls_R_factor_all                          ? 
_refine.ls_R_factor_obs                          0.1920 
_refine.ls_R_factor_R_free                       0.2205 
_refine.ls_R_factor_R_free_error                 ? 
_refine.ls_R_factor_R_free_error_details         ? 
_refine.ls_R_factor_R_work                       0.1905 
_refine.ls_R_Fsqd_factor_obs                     ? 
_refine.ls_R_I_factor_obs                        ? 
_refine.ls_redundancy_reflns_all                 ? 
_refine.ls_redundancy_reflns_obs                 ? 
_refine.ls_restrained_S_all                      ? 
_refine.ls_restrained_S_obs                      ? 
_refine.ls_shift_over_esd_max                    ? 
_refine.ls_shift_over_esd_mean                   ? 
_refine.ls_structure_factor_coef                 ? 
_refine.ls_weighting_details                     ? 
_refine.ls_weighting_scheme                      ? 
_refine.ls_wR_factor_all                         ? 
_refine.ls_wR_factor_obs                         ? 
_refine.ls_wR_factor_R_free                      ? 
_refine.ls_wR_factor_R_work                      ? 
_refine.occupancy_max                            ? 
_refine.occupancy_min                            ? 
_refine.solvent_model_details                    MASK 
_refine.solvent_model_param_bsol                 ? 
_refine.solvent_model_param_ksol                 ? 
_refine.pdbx_R_complete                          ? 
_refine.ls_R_factor_gt                           ? 
_refine.ls_goodness_of_fit_gt                    ? 
_refine.ls_goodness_of_fit_ref                   ? 
_refine.ls_shift_over_su_max                     ? 
_refine.ls_shift_over_su_max_lt                  ? 
_refine.ls_shift_over_su_mean                    ? 
_refine.ls_shift_over_su_mean_lt                 ? 
_refine.pdbx_ls_sigma_I                          ? 
_refine.pdbx_ls_sigma_F                          0.000 
_refine.pdbx_ls_sigma_Fsqd                       ? 
_refine.pdbx_data_cutoff_high_absF               ? 
_refine.pdbx_data_cutoff_high_rms_absF           ? 
_refine.pdbx_data_cutoff_low_absF                ? 
_refine.pdbx_isotropic_thermal_model             ? 
_refine.pdbx_ls_cross_valid_method               THROUGHOUT 
_refine.pdbx_method_to_determine_struct          'MOLECULAR REPLACEMENT' 
_refine.pdbx_starting_model                      5NIO 
_refine.pdbx_stereochemistry_target_values       'MAXIMUM LIKELIHOOD' 
_refine.pdbx_R_Free_selection_details            RANDOM 
_refine.pdbx_stereochem_target_val_spec_case     ? 
_refine.pdbx_overall_ESU_R                       0.1250 
_refine.pdbx_overall_ESU_R_Free                  0.1200 
_refine.pdbx_solvent_vdw_probe_radii             1.2000 
_refine.pdbx_solvent_ion_probe_radii             0.8000 
_refine.pdbx_solvent_shrinkage_radii             0.8000 
_refine.pdbx_real_space_R                        ? 
_refine.pdbx_density_correlation                 ? 
_refine.pdbx_pd_number_of_powder_patterns        ? 
_refine.pdbx_pd_number_of_points                 ? 
_refine.pdbx_pd_meas_number_of_points            ? 
_refine.pdbx_pd_proc_ls_prof_R_factor            ? 
_refine.pdbx_pd_proc_ls_prof_wR_factor           ? 
_refine.pdbx_pd_Marquardt_correlation_coeff      ? 
_refine.pdbx_pd_Fsqrd_R_factor                   ? 
_refine.pdbx_pd_ls_matrix_band_width             ? 
_refine.pdbx_overall_phase_error                 ? 
_refine.pdbx_overall_SU_R_free_Cruickshank_DPI   ? 
_refine.pdbx_overall_SU_R_free_Blow_DPI          ? 
_refine.pdbx_overall_SU_R_Blow_DPI               ? 
_refine.pdbx_TLS_residual_ADP_flag               ? 
_refine.pdbx_diffrn_id                           1 
_refine.overall_SU_B                             ? 
_refine.overall_SU_ML                            ? 
_refine.overall_SU_R_Cruickshank_DPI             ? 
_refine.overall_SU_R_free                        ? 
_refine.overall_FOM_free_R_set                   ? 
_refine.overall_FOM_work_R_set                   ? 
_refine.pdbx_average_fsc_overall                 ? 
_refine.pdbx_average_fsc_work                    ? 
_refine.pdbx_average_fsc_free                    ? 
# 
_refine_hist.pdbx_refine_id                   'X-RAY DIFFRACTION' 
_refine_hist.cycle_id                         final 
_refine_hist.details                          ? 
_refine_hist.d_res_high                       1.8900 
_refine_hist.d_res_low                        42.99 
_refine_hist.number_atoms_solvent             55 
_refine_hist.number_atoms_total               1571 
_refine_hist.number_reflns_all                ? 
_refine_hist.number_reflns_obs                ? 
_refine_hist.number_reflns_R_free             ? 
_refine_hist.number_reflns_R_work             ? 
_refine_hist.R_factor_all                     ? 
_refine_hist.R_factor_obs                     ? 
_refine_hist.R_factor_R_free                  ? 
_refine_hist.R_factor_R_work                  ? 
_refine_hist.pdbx_number_residues_total       193 
_refine_hist.pdbx_B_iso_mean_ligand           28.71 
_refine_hist.pdbx_B_iso_mean_solvent          33.07 
_refine_hist.pdbx_number_atoms_protein        1499 
_refine_hist.pdbx_number_atoms_nucleic_acid   0 
_refine_hist.pdbx_number_atoms_ligand         17 
_refine_hist.pdbx_number_atoms_lipid          ? 
_refine_hist.pdbx_number_atoms_carb           ? 
_refine_hist.pdbx_pseudo_atom_details         ? 
# 
loop_
_refine_ls_restr.pdbx_refine_id 
_refine_ls_restr.criterion 
_refine_ls_restr.dev_ideal 
_refine_ls_restr.dev_ideal_target 
_refine_ls_restr.number 
_refine_ls_restr.rejects 
_refine_ls_restr.type 
_refine_ls_restr.weight 
_refine_ls_restr.pdbx_restraint_function 
'X-RAY DIFFRACTION' ? 0.017  0.013  1547 ? r_bond_refined_d       ? ? 
'X-RAY DIFFRACTION' ? 0.035  0.017  1436 ? r_bond_other_d         ? ? 
'X-RAY DIFFRACTION' ? 1.818  1.643  2106 ? r_angle_refined_deg    ? ? 
'X-RAY DIFFRACTION' ? 2.331  1.569  3304 ? r_angle_other_deg      ? ? 
'X-RAY DIFFRACTION' ? 5.268  5.000  191  ? r_dihedral_angle_1_deg ? ? 
'X-RAY DIFFRACTION' ? 35.752 21.264 87   ? r_dihedral_angle_2_deg ? ? 
'X-RAY DIFFRACTION' ? 13.280 15.000 240  ? r_dihedral_angle_3_deg ? ? 
'X-RAY DIFFRACTION' ? 19.172 15.000 13   ? r_dihedral_angle_4_deg ? ? 
'X-RAY DIFFRACTION' ? 0.110  0.200  208  ? r_chiral_restr         ? ? 
'X-RAY DIFFRACTION' ? 0.019  0.020  1750 ? r_gen_planes_refined   ? ? 
'X-RAY DIFFRACTION' ? 0.041  0.020  345  ? r_gen_planes_other     ? ? 
'X-RAY DIFFRACTION' ? 2.583  2.650  770  ? r_mcbond_it            ? ? 
'X-RAY DIFFRACTION' ? 2.574  2.647  769  ? r_mcbond_other         ? ? 
'X-RAY DIFFRACTION' ? 3.462  3.955  959  ? r_mcangle_it           ? ? 
# 
_refine_ls_shell.pdbx_refine_id                   'X-RAY DIFFRACTION' 
_refine_ls_shell.d_res_high                       1.8930 
_refine_ls_shell.d_res_low                        1.9420 
_refine_ls_shell.number_reflns_all                1450 
_refine_ls_shell.number_reflns_obs                ? 
_refine_ls_shell.number_reflns_R_free             62 
_refine_ls_shell.number_reflns_R_work             1388 
_refine_ls_shell.percent_reflns_obs               96.8000 
_refine_ls_shell.percent_reflns_R_free            ? 
_refine_ls_shell.R_factor_all                     ? 
_refine_ls_shell.R_factor_obs                     ? 
_refine_ls_shell.R_factor_R_free                  0.2660 
_refine_ls_shell.R_factor_R_free_error            ? 
_refine_ls_shell.R_factor_R_work                  0.2280 
_refine_ls_shell.redundancy_reflns_all            ? 
_refine_ls_shell.redundancy_reflns_obs            ? 
_refine_ls_shell.wR_factor_all                    ? 
_refine_ls_shell.wR_factor_obs                    ? 
_refine_ls_shell.wR_factor_R_free                 ? 
_refine_ls_shell.wR_factor_R_work                 ? 
_refine_ls_shell.pdbx_R_complete                  ? 
_refine_ls_shell.pdbx_total_number_of_bins_used   20 
_refine_ls_shell.pdbx_phase_error                 ? 
_refine_ls_shell.pdbx_fsc_work                    ? 
_refine_ls_shell.pdbx_fsc_free                    ? 
# 
_struct.entry_id                     7NGJ 
_struct.title                        'Mycobacterium tuberculosis transcriptional regulator EthR with bound inhibitory compound' 
_struct.pdbx_model_details           ? 
_struct.pdbx_formula_weight          ? 
_struct.pdbx_formula_weight_method   ? 
_struct.pdbx_model_type_details      ? 
_struct.pdbx_CASP_flag               N 
# 
_struct_keywords.entry_id        7NGJ 
_struct_keywords.text            'ETHR, Tuberculosis, Inhibition, TRANSCRIPTION' 
_struct_keywords.pdbx_keywords   TRANSCRIPTION 
# 
loop_
_struct_asym.id 
_struct_asym.pdbx_blank_PDB_chainid_flag 
_struct_asym.pdbx_modified 
_struct_asym.entity_id 
_struct_asym.details 
A N N 1 ? 
B N N 2 ? 
C N N 3 ? 
# 
_struct_ref.id                         1 
_struct_ref.db_name                    UNP 
_struct_ref.db_code                    ETHR_MYCTU 
_struct_ref.pdbx_db_accession          P9WMC1 
_struct_ref.pdbx_db_isoform            ? 
_struct_ref.entity_id                  1 
_struct_ref.pdbx_seq_one_letter_code   
;MTTSAASQASLPRGRRTARPSGDDRELAILATAENLLEDRPLADISVDDLAKGAGISRPTFYFYFPSKEAVLLTLLDRVV
NQADMALQTLAENPADTDRENMWRTGINVFFETFGSHKAVTRAGQAARATSVEVAELWSTFMQKWIAYTAAVIDAERDRG
AAPRTLPAHELATALNLMNERTLFASFAGEQPSVPEARVLDTLVHIWVTSIYGENR
;
_struct_ref.pdbx_align_begin           1 
# 
_struct_ref_seq.align_id                      1 
_struct_ref_seq.ref_id                        1 
_struct_ref_seq.pdbx_PDB_id_code              7NGJ 
_struct_ref_seq.pdbx_strand_id                A 
_struct_ref_seq.seq_align_beg                 1 
_struct_ref_seq.pdbx_seq_align_beg_ins_code   ? 
_struct_ref_seq.seq_align_end                 216 
_struct_ref_seq.pdbx_seq_align_end_ins_code   ? 
_struct_ref_seq.pdbx_db_accession             P9WMC1 
_struct_ref_seq.db_align_beg                  1 
_struct_ref_seq.pdbx_db_align_beg_ins_code    ? 
_struct_ref_seq.db_align_end                  216 
_struct_ref_seq.pdbx_db_align_end_ins_code    ? 
_struct_ref_seq.pdbx_auth_seq_align_beg       1 
_struct_ref_seq.pdbx_auth_seq_align_end       216 
# 
_pdbx_struct_assembly.id                   1 
_pdbx_struct_assembly.details              author_and_software_defined_assembly 
_pdbx_struct_assembly.method_details       PISA 
_pdbx_struct_assembly.oligomeric_details   dimeric 
_pdbx_struct_assembly.oligomeric_count     2 
# 
loop_
_pdbx_struct_assembly_prop.biol_id 
_pdbx_struct_assembly_prop.type 
_pdbx_struct_assembly_prop.value 
_pdbx_struct_assembly_prop.details 
1 'ABSA (A^2)' 2710  ? 
1 MORE         -23   ? 
1 'SSA (A^2)'  17290 ? 
# 
_pdbx_struct_assembly_gen.assembly_id       1 
_pdbx_struct_assembly_gen.oper_expression   1,2 
_pdbx_struct_assembly_gen.asym_id_list      A,B,C 
# 
_pdbx_struct_assembly_auth_evidence.id                     1 
_pdbx_struct_assembly_auth_evidence.assembly_id            1 
_pdbx_struct_assembly_auth_evidence.experimental_support   none 
_pdbx_struct_assembly_auth_evidence.details                ? 
# 
loop_
_pdbx_struct_oper_list.id 
_pdbx_struct_oper_list.type 
_pdbx_struct_oper_list.name 
_pdbx_struct_oper_list.symmetry_operation 
_pdbx_struct_oper_list.matrix[1][1] 
_pdbx_struct_oper_list.matrix[1][2] 
_pdbx_struct_oper_list.matrix[1][3] 
_pdbx_struct_oper_list.vector[1] 
_pdbx_struct_oper_list.matrix[2][1] 
_pdbx_struct_oper_list.matrix[2][2] 
_pdbx_struct_oper_list.matrix[2][3] 
_pdbx_struct_oper_list.vector[2] 
_pdbx_struct_oper_list.matrix[3][1] 
_pdbx_struct_oper_list.matrix[3][2] 
_pdbx_struct_oper_list.matrix[3][3] 
_pdbx_struct_oper_list.vector[3] 
1 'identity operation'         1_555 x,y,z  1.0000000000  0.0000000000 0.0000000000  0.0000000000  0.0000000000 1.0000000000 0.0000000000  0.0000000000 0.0000000000  0.0000000000  1.0000000000  0.0000000000  
2 'crystal symmetry operation' 7_555 y,x,-z -0.9262357884 0.3604127658 -0.1104078915 -2.3239018475 0.3604127658 0.7609808192 -0.5394541974 7.8688787628 -0.1104078915 -0.5394541974 -0.8347450308 24.1343579148 
# 
loop_
_struct_conf.conf_type_id 
_struct_conf.id 
_struct_conf.pdbx_PDB_helix_id 
_struct_conf.beg_label_comp_id 
_struct_conf.beg_label_asym_id 
_struct_conf.beg_label_seq_id 
_struct_conf.pdbx_beg_PDB_ins_code 
_struct_conf.end_label_comp_id 
_struct_conf.end_label_asym_id 
_struct_conf.end_label_seq_id 
_struct_conf.pdbx_end_PDB_ins_code 
_struct_conf.beg_auth_comp_id 
_struct_conf.beg_auth_asym_id 
_struct_conf.beg_auth_seq_id 
_struct_conf.end_auth_comp_id 
_struct_conf.end_auth_asym_id 
_struct_conf.end_auth_seq_id 
_struct_conf.pdbx_PDB_helix_class 
_struct_conf.details 
_struct_conf.pdbx_PDB_helix_length 
HELX_P HELX_P1  AA1 GLY A 22  ? ARG A 40  ? GLY A 22  ARG A 40  1 ? 19 
HELX_P HELX_P2  AA2 PRO A 41  ? ILE A 45  ? PRO A 41  ILE A 45  5 ? 5  
HELX_P HELX_P3  AA3 SER A 46  ? GLY A 55  ? SER A 46  GLY A 55  1 ? 10 
HELX_P HELX_P4  AA4 SER A 57  ? PHE A 65  ? SER A 57  PHE A 65  1 ? 9  
HELX_P HELX_P5  AA5 SER A 67  ? ASN A 93  ? SER A 67  ASN A 93  1 ? 27 
HELX_P HELX_P6  AA6 ASP A 98  ? SER A 116 ? ASP A 98  SER A 116 1 ? 19 
HELX_P HELX_P7  AA7 HIS A 117 ? ARG A 128 ? HIS A 117 ARG A 128 1 ? 12 
HELX_P HELX_P8  AA8 SER A 131 ? ARG A 159 ? SER A 131 ARG A 159 1 ? 29 
HELX_P HELX_P9  AA9 PRO A 167 ? ALA A 188 ? PRO A 167 ALA A 188 1 ? 22 
HELX_P HELX_P10 AB1 PRO A 195 ? GLY A 213 ? PRO A 195 GLY A 213 1 ? 19 
# 
_struct_conf_type.id          HELX_P 
_struct_conf_type.criteria    ? 
_struct_conf_type.reference   ? 
# 
_struct_mon_prot_cis.pdbx_id                1 
_struct_mon_prot_cis.label_comp_id          GLN 
_struct_mon_prot_cis.label_seq_id           191 
_struct_mon_prot_cis.label_asym_id          A 
_struct_mon_prot_cis.label_alt_id           . 
_struct_mon_prot_cis.pdbx_PDB_ins_code      ? 
_struct_mon_prot_cis.auth_comp_id           GLN 
_struct_mon_prot_cis.auth_seq_id            191 
_struct_mon_prot_cis.auth_asym_id           A 
_struct_mon_prot_cis.pdbx_label_comp_id_2   PRO 
_struct_mon_prot_cis.pdbx_label_seq_id_2    192 
_struct_mon_prot_cis.pdbx_label_asym_id_2   A 
_struct_mon_prot_cis.pdbx_PDB_ins_code_2    ? 
_struct_mon_prot_cis.pdbx_auth_comp_id_2    PRO 
_struct_mon_prot_cis.pdbx_auth_seq_id_2     192 
_struct_mon_prot_cis.pdbx_auth_asym_id_2    A 
_struct_mon_prot_cis.pdbx_PDB_model_num     1 
_struct_mon_prot_cis.pdbx_omega_angle       5.50 
# 
_struct_site.id                   AC1 
_struct_site.pdbx_evidence_code   Software 
_struct_site.pdbx_auth_asym_id    A 
_struct_site.pdbx_auth_comp_id    UAT 
_struct_site.pdbx_auth_seq_id     301 
_struct_site.pdbx_auth_ins_code   ? 
_struct_site.pdbx_num_residues    10 
_struct_site.details              'binding site for residue UAT A 301' 
# 
loop_
_struct_site_gen.id 
_struct_site_gen.site_id 
_struct_site_gen.pdbx_num_res 
_struct_site_gen.label_comp_id 
_struct_site_gen.label_asym_id 
_struct_site_gen.label_seq_id 
_struct_site_gen.pdbx_auth_ins_code 
_struct_site_gen.auth_comp_id 
_struct_site_gen.auth_asym_id 
_struct_site_gen.auth_seq_id 
_struct_site_gen.label_atom_id 
_struct_site_gen.label_alt_id 
_struct_site_gen.symmetry 
_struct_site_gen.details 
1  AC1 10 GLY A 106 ? GLY A 106 . ? 1_555 ? 
2  AC1 10 ILE A 107 ? ILE A 107 . ? 1_555 ? 
3  AC1 10 PHE A 110 ? PHE A 110 . ? 1_555 ? 
4  AC1 10 MET A 142 ? MET A 142 . ? 1_555 ? 
5  AC1 10 TYR A 148 ? TYR A 148 . ? 1_555 ? 
6  AC1 10 THR A 149 ? THR A 149 . ? 1_555 ? 
7  AC1 10 ASN A 176 ? ASN A 176 . ? 1_555 ? 
8  AC1 10 ASN A 179 ? ASN A 179 . ? 1_555 ? 
9  AC1 10 GLU A 180 ? GLU A 180 . ? 1_555 ? 
10 AC1 10 TRP A 207 ? TRP A 207 . ? 1_555 ? 
# 
_pdbx_validate_close_contact.id               1 
_pdbx_validate_close_contact.PDB_model_num    1 
_pdbx_validate_close_contact.auth_atom_id_1   NH2 
_pdbx_validate_close_contact.auth_asym_id_1   A 
_pdbx_validate_close_contact.auth_comp_id_1   ARG 
_pdbx_validate_close_contact.auth_seq_id_1    122 
_pdbx_validate_close_contact.PDB_ins_code_1   ? 
_pdbx_validate_close_contact.label_alt_id_1   ? 
_pdbx_validate_close_contact.auth_atom_id_2   O 
_pdbx_validate_close_contact.auth_asym_id_2   A 
_pdbx_validate_close_contact.auth_comp_id_2   HOH 
_pdbx_validate_close_contact.auth_seq_id_2    401 
_pdbx_validate_close_contact.PDB_ins_code_2   ? 
_pdbx_validate_close_contact.label_alt_id_2   ? 
_pdbx_validate_close_contact.dist             1.55 
# 
_pdbx_validate_torsion.id              1 
_pdbx_validate_torsion.PDB_model_num   1 
_pdbx_validate_torsion.auth_comp_id    THR 
_pdbx_validate_torsion.auth_asym_id    A 
_pdbx_validate_torsion.auth_seq_id     165 
_pdbx_validate_torsion.PDB_ins_code    ? 
_pdbx_validate_torsion.label_alt_id    ? 
_pdbx_validate_torsion.phi             -104.26 
_pdbx_validate_torsion.psi             -105.29 
# 
loop_
_pdbx_validate_planes.id 
_pdbx_validate_planes.PDB_model_num 
_pdbx_validate_planes.auth_comp_id 
_pdbx_validate_planes.auth_asym_id 
_pdbx_validate_planes.auth_seq_id 
_pdbx_validate_planes.PDB_ins_code 
_pdbx_validate_planes.label_alt_id 
_pdbx_validate_planes.rmsd 
_pdbx_validate_planes.type 
1 1 ARG A 25  ? ? 0.105 'SIDE CHAIN' 
2 1 ARG A 40  ? ? 0.123 'SIDE CHAIN' 
3 1 ARG A 198 ? ? 0.074 'SIDE CHAIN' 
# 
_pdbx_struct_special_symmetry.id              1 
_pdbx_struct_special_symmetry.PDB_model_num   1 
_pdbx_struct_special_symmetry.auth_asym_id    A 
_pdbx_struct_special_symmetry.auth_comp_id    HOH 
_pdbx_struct_special_symmetry.auth_seq_id     416 
_pdbx_struct_special_symmetry.PDB_ins_code    ? 
_pdbx_struct_special_symmetry.label_asym_id   C 
_pdbx_struct_special_symmetry.label_comp_id   HOH 
_pdbx_struct_special_symmetry.label_seq_id    . 
# 
_pdbx_entry_details.entry_id                 7NGJ 
_pdbx_entry_details.has_ligand_of_interest   Y 
_pdbx_entry_details.compound_details         ? 
_pdbx_entry_details.source_details           ? 
_pdbx_entry_details.nonpolymer_details       ? 
_pdbx_entry_details.sequence_details         ? 
# 
loop_
_pdbx_unobs_or_zero_occ_residues.id 
_pdbx_unobs_or_zero_occ_residues.PDB_model_num 
_pdbx_unobs_or_zero_occ_residues.polymer_flag 
_pdbx_unobs_or_zero_occ_residues.occupancy_flag 
_pdbx_unobs_or_zero_occ_residues.auth_asym_id 
_pdbx_unobs_or_zero_occ_residues.auth_comp_id 
_pdbx_unobs_or_zero_occ_residues.auth_seq_id 
_pdbx_unobs_or_zero_occ_residues.PDB_ins_code 
_pdbx_unobs_or_zero_occ_residues.label_asym_id 
_pdbx_unobs_or_zero_occ_residues.label_comp_id 
_pdbx_unobs_or_zero_occ_residues.label_seq_id 
1  1 Y 1 A MET 1   ? A MET 1   
2  1 Y 1 A THR 2   ? A THR 2   
3  1 Y 1 A THR 3   ? A THR 3   
4  1 Y 1 A SER 4   ? A SER 4   
5  1 Y 1 A ALA 5   ? A ALA 5   
6  1 Y 1 A ALA 6   ? A ALA 6   
7  1 Y 1 A SER 7   ? A SER 7   
8  1 Y 1 A GLN 8   ? A GLN 8   
9  1 Y 1 A ALA 9   ? A ALA 9   
10 1 Y 1 A SER 10  ? A SER 10  
11 1 Y 1 A LEU 11  ? A LEU 11  
12 1 Y 1 A PRO 12  ? A PRO 12  
13 1 Y 1 A ARG 13  ? A ARG 13  
14 1 Y 1 A GLY 14  ? A GLY 14  
15 1 Y 1 A ARG 15  ? A ARG 15  
16 1 Y 1 A ARG 16  ? A ARG 16  
17 1 Y 1 A THR 17  ? A THR 17  
18 1 Y 1 A ALA 18  ? A ALA 18  
19 1 Y 1 A ARG 19  ? A ARG 19  
20 1 Y 1 A PRO 20  ? A PRO 20  
21 1 Y 1 A SER 21  ? A SER 21  
22 1 Y 1 A ASN 215 ? A ASN 215 
23 1 Y 1 A ARG 216 ? A ARG 216 
# 
loop_
_chem_comp_atom.comp_id 
_chem_comp_atom.atom_id 
_chem_comp_atom.type_symbol 
_chem_comp_atom.pdbx_aromatic_flag 
_chem_comp_atom.pdbx_stereo_config 
_chem_comp_atom.pdbx_ordinal 
ALA N    N N N 1   
ALA CA   C N S 2   
ALA C    C N N 3   
ALA O    O N N 4   
ALA CB   C N N 5   
ALA OXT  O N N 6   
ALA H    H N N 7   
ALA H2   H N N 8   
ALA HA   H N N 9   
ALA HB1  H N N 10  
ALA HB2  H N N 11  
ALA HB3  H N N 12  
ALA HXT  H N N 13  
ARG N    N N N 14  
ARG CA   C N S 15  
ARG C    C N N 16  
ARG O    O N N 17  
ARG CB   C N N 18  
ARG CG   C N N 19  
ARG CD   C N N 20  
ARG NE   N N N 21  
ARG CZ   C N N 22  
ARG NH1  N N N 23  
ARG NH2  N N N 24  
ARG OXT  O N N 25  
ARG H    H N N 26  
ARG H2   H N N 27  
ARG HA   H N N 28  
ARG HB2  H N N 29  
ARG HB3  H N N 30  
ARG HG2  H N N 31  
ARG HG3  H N N 32  
ARG HD2  H N N 33  
ARG HD3  H N N 34  
ARG HE   H N N 35  
ARG HH11 H N N 36  
ARG HH12 H N N 37  
ARG HH21 H N N 38  
ARG HH22 H N N 39  
ARG HXT  H N N 40  
ASN N    N N N 41  
ASN CA   C N S 42  
ASN C    C N N 43  
ASN O    O N N 44  
ASN CB   C N N 45  
ASN CG   C N N 46  
ASN OD1  O N N 47  
ASN ND2  N N N 48  
ASN OXT  O N N 49  
ASN H    H N N 50  
ASN H2   H N N 51  
ASN HA   H N N 52  
ASN HB2  H N N 53  
ASN HB3  H N N 54  
ASN HD21 H N N 55  
ASN HD22 H N N 56  
ASN HXT  H N N 57  
ASP N    N N N 58  
ASP CA   C N S 59  
ASP C    C N N 60  
ASP O    O N N 61  
ASP CB   C N N 62  
ASP CG   C N N 63  
ASP OD1  O N N 64  
ASP OD2  O N N 65  
ASP OXT  O N N 66  
ASP H    H N N 67  
ASP H2   H N N 68  
ASP HA   H N N 69  
ASP HB2  H N N 70  
ASP HB3  H N N 71  
ASP HD2  H N N 72  
ASP HXT  H N N 73  
GLN N    N N N 74  
GLN CA   C N S 75  
GLN C    C N N 76  
GLN O    O N N 77  
GLN CB   C N N 78  
GLN CG   C N N 79  
GLN CD   C N N 80  
GLN OE1  O N N 81  
GLN NE2  N N N 82  
GLN OXT  O N N 83  
GLN H    H N N 84  
GLN H2   H N N 85  
GLN HA   H N N 86  
GLN HB2  H N N 87  
GLN HB3  H N N 88  
GLN HG2  H N N 89  
GLN HG3  H N N 90  
GLN HE21 H N N 91  
GLN HE22 H N N 92  
GLN HXT  H N N 93  
GLU N    N N N 94  
GLU CA   C N S 95  
GLU C    C N N 96  
GLU O    O N N 97  
GLU CB   C N N 98  
GLU CG   C N N 99  
GLU CD   C N N 100 
GLU OE1  O N N 101 
GLU OE2  O N N 102 
GLU OXT  O N N 103 
GLU H    H N N 104 
GLU H2   H N N 105 
GLU HA   H N N 106 
GLU HB2  H N N 107 
GLU HB3  H N N 108 
GLU HG2  H N N 109 
GLU HG3  H N N 110 
GLU HE2  H N N 111 
GLU HXT  H N N 112 
GLY N    N N N 113 
GLY CA   C N N 114 
GLY C    C N N 115 
GLY O    O N N 116 
GLY OXT  O N N 117 
GLY H    H N N 118 
GLY H2   H N N 119 
GLY HA2  H N N 120 
GLY HA3  H N N 121 
GLY HXT  H N N 122 
HIS N    N N N 123 
HIS CA   C N S 124 
HIS C    C N N 125 
HIS O    O N N 126 
HIS CB   C N N 127 
HIS CG   C Y N 128 
HIS ND1  N Y N 129 
HIS CD2  C Y N 130 
HIS CE1  C Y N 131 
HIS NE2  N Y N 132 
HIS OXT  O N N 133 
HIS H    H N N 134 
HIS H2   H N N 135 
HIS HA   H N N 136 
HIS HB2  H N N 137 
HIS HB3  H N N 138 
HIS HD1  H N N 139 
HIS HD2  H N N 140 
HIS HE1  H N N 141 
HIS HE2  H N N 142 
HIS HXT  H N N 143 
HOH O    O N N 144 
HOH H1   H N N 145 
HOH H2   H N N 146 
ILE N    N N N 147 
ILE CA   C N S 148 
ILE C    C N N 149 
ILE O    O N N 150 
ILE CB   C N S 151 
ILE CG1  C N N 152 
ILE CG2  C N N 153 
ILE CD1  C N N 154 
ILE OXT  O N N 155 
ILE H    H N N 156 
ILE H2   H N N 157 
ILE HA   H N N 158 
ILE HB   H N N 159 
ILE HG12 H N N 160 
ILE HG13 H N N 161 
ILE HG21 H N N 162 
ILE HG22 H N N 163 
ILE HG23 H N N 164 
ILE HD11 H N N 165 
ILE HD12 H N N 166 
ILE HD13 H N N 167 
ILE HXT  H N N 168 
LEU N    N N N 169 
LEU CA   C N S 170 
LEU C    C N N 171 
LEU O    O N N 172 
LEU CB   C N N 173 
LEU CG   C N N 174 
LEU CD1  C N N 175 
LEU CD2  C N N 176 
LEU OXT  O N N 177 
LEU H    H N N 178 
LEU H2   H N N 179 
LEU HA   H N N 180 
LEU HB2  H N N 181 
LEU HB3  H N N 182 
LEU HG   H N N 183 
LEU HD11 H N N 184 
LEU HD12 H N N 185 
LEU HD13 H N N 186 
LEU HD21 H N N 187 
LEU HD22 H N N 188 
LEU HD23 H N N 189 
LEU HXT  H N N 190 
LYS N    N N N 191 
LYS CA   C N S 192 
LYS C    C N N 193 
LYS O    O N N 194 
LYS CB   C N N 195 
LYS CG   C N N 196 
LYS CD   C N N 197 
LYS CE   C N N 198 
LYS NZ   N N N 199 
LYS OXT  O N N 200 
LYS H    H N N 201 
LYS H2   H N N 202 
LYS HA   H N N 203 
LYS HB2  H N N 204 
LYS HB3  H N N 205 
LYS HG2  H N N 206 
LYS HG3  H N N 207 
LYS HD2  H N N 208 
LYS HD3  H N N 209 
LYS HE2  H N N 210 
LYS HE3  H N N 211 
LYS HZ1  H N N 212 
LYS HZ2  H N N 213 
LYS HZ3  H N N 214 
LYS HXT  H N N 215 
MET N    N N N 216 
MET CA   C N S 217 
MET C    C N N 218 
MET O    O N N 219 
MET CB   C N N 220 
MET CG   C N N 221 
MET SD   S N N 222 
MET CE   C N N 223 
MET OXT  O N N 224 
MET H    H N N 225 
MET H2   H N N 226 
MET HA   H N N 227 
MET HB2  H N N 228 
MET HB3  H N N 229 
MET HG2  H N N 230 
MET HG3  H N N 231 
MET HE1  H N N 232 
MET HE2  H N N 233 
MET HE3  H N N 234 
MET HXT  H N N 235 
PHE N    N N N 236 
PHE CA   C N S 237 
PHE C    C N N 238 
PHE O    O N N 239 
PHE CB   C N N 240 
PHE CG   C Y N 241 
PHE CD1  C Y N 242 
PHE CD2  C Y N 243 
PHE CE1  C Y N 244 
PHE CE2  C Y N 245 
PHE CZ   C Y N 246 
PHE OXT  O N N 247 
PHE H    H N N 248 
PHE H2   H N N 249 
PHE HA   H N N 250 
PHE HB2  H N N 251 
PHE HB3  H N N 252 
PHE HD1  H N N 253 
PHE HD2  H N N 254 
PHE HE1  H N N 255 
PHE HE2  H N N 256 
PHE HZ   H N N 257 
PHE HXT  H N N 258 
PRO N    N N N 259 
PRO CA   C N S 260 
PRO C    C N N 261 
PRO O    O N N 262 
PRO CB   C N N 263 
PRO CG   C N N 264 
PRO CD   C N N 265 
PRO OXT  O N N 266 
PRO H    H N N 267 
PRO HA   H N N 268 
PRO HB2  H N N 269 
PRO HB3  H N N 270 
PRO HG2  H N N 271 
PRO HG3  H N N 272 
PRO HD2  H N N 273 
PRO HD3  H N N 274 
PRO HXT  H N N 275 
SER N    N N N 276 
SER CA   C N S 277 
SER C    C N N 278 
SER O    O N N 279 
SER CB   C N N 280 
SER OG   O N N 281 
SER OXT  O N N 282 
SER H    H N N 283 
SER H2   H N N 284 
SER HA   H N N 285 
SER HB2  H N N 286 
SER HB3  H N N 287 
SER HG   H N N 288 
SER HXT  H N N 289 
THR N    N N N 290 
THR CA   C N S 291 
THR C    C N N 292 
THR O    O N N 293 
THR CB   C N R 294 
THR OG1  O N N 295 
THR CG2  C N N 296 
THR OXT  O N N 297 
THR H    H N N 298 
THR H2   H N N 299 
THR HA   H N N 300 
THR HB   H N N 301 
THR HG1  H N N 302 
THR HG21 H N N 303 
THR HG22 H N N 304 
THR HG23 H N N 305 
THR HXT  H N N 306 
TRP N    N N N 307 
TRP CA   C N S 308 
TRP C    C N N 309 
TRP O    O N N 310 
TRP CB   C N N 311 
TRP CG   C Y N 312 
TRP CD1  C Y N 313 
TRP CD2  C Y N 314 
TRP NE1  N Y N 315 
TRP CE2  C Y N 316 
TRP CE3  C Y N 317 
TRP CZ2  C Y N 318 
TRP CZ3  C Y N 319 
TRP CH2  C Y N 320 
TRP OXT  O N N 321 
TRP H    H N N 322 
TRP H2   H N N 323 
TRP HA   H N N 324 
TRP HB2  H N N 325 
TRP HB3  H N N 326 
TRP HD1  H N N 327 
TRP HE1  H N N 328 
TRP HE3  H N N 329 
TRP HZ2  H N N 330 
TRP HZ3  H N N 331 
TRP HH2  H N N 332 
TRP HXT  H N N 333 
TYR N    N N N 334 
TYR CA   C N S 335 
TYR C    C N N 336 
TYR O    O N N 337 
TYR CB   C N N 338 
TYR CG   C Y N 339 
TYR CD1  C Y N 340 
TYR CD2  C Y N 341 
TYR CE1  C Y N 342 
TYR CE2  C Y N 343 
TYR CZ   C Y N 344 
TYR OH   O N N 345 
TYR OXT  O N N 346 
TYR H    H N N 347 
TYR H2   H N N 348 
TYR HA   H N N 349 
TYR HB2  H N N 350 
TYR HB3  H N N 351 
TYR HD1  H N N 352 
TYR HD2  H N N 353 
TYR HE1  H N N 354 
TYR HE2  H N N 355 
TYR HH   H N N 356 
TYR HXT  H N N 357 
UAT C4   C N N 358 
UAT C14  C N N 359 
UAT C5   C N N 360 
UAT C6   C N N 361 
UAT C11  C Y N 362 
UAT C7   C Y N 363 
UAT C8   C Y N 364 
UAT C9   C Y N 365 
UAT C10  C Y N 366 
UAT C12  C Y N 367 
UAT C13  C N N 368 
UAT N1   N N N 369 
UAT N2   N N N 370 
UAT C3   C N N 371 
UAT C1   C N N 372 
UAT C2   C N N 373 
UAT O1   O N N 374 
UAT H1   H N N 375 
UAT H2   H N N 376 
UAT H3   H N N 377 
UAT H4   H N N 378 
UAT H5   H N N 379 
UAT H6   H N N 380 
UAT H7   H N N 381 
UAT H8   H N N 382 
UAT H9   H N N 383 
UAT H10  H N N 384 
UAT H11  H N N 385 
UAT H12  H N N 386 
UAT H13  H N N 387 
UAT H14  H N N 388 
UAT H15  H N N 389 
UAT H16  H N N 390 
UAT H17  H N N 391 
UAT H18  H N N 392 
UAT H19  H N N 393 
UAT H20  H N N 394 
VAL N    N N N 395 
VAL CA   C N S 396 
VAL C    C N N 397 
VAL O    O N N 398 
VAL CB   C N N 399 
VAL CG1  C N N 400 
VAL CG2  C N N 401 
VAL OXT  O N N 402 
VAL H    H N N 403 
VAL H2   H N N 404 
VAL HA   H N N 405 
VAL HB   H N N 406 
VAL HG11 H N N 407 
VAL HG12 H N N 408 
VAL HG13 H N N 409 
VAL HG21 H N N 410 
VAL HG22 H N N 411 
VAL HG23 H N N 412 
VAL HXT  H N N 413 
# 
loop_
_chem_comp_bond.comp_id 
_chem_comp_bond.atom_id_1 
_chem_comp_bond.atom_id_2 
_chem_comp_bond.value_order 
_chem_comp_bond.pdbx_aromatic_flag 
_chem_comp_bond.pdbx_stereo_config 
_chem_comp_bond.pdbx_ordinal 
ALA N   CA   sing N N 1   
ALA N   H    sing N N 2   
ALA N   H2   sing N N 3   
ALA CA  C    sing N N 4   
ALA CA  CB   sing N N 5   
ALA CA  HA   sing N N 6   
ALA C   O    doub N N 7   
ALA C   OXT  sing N N 8   
ALA CB  HB1  sing N N 9   
ALA CB  HB2  sing N N 10  
ALA CB  HB3  sing N N 11  
ALA OXT HXT  sing N N 12  
ARG N   CA   sing N N 13  
ARG N   H    sing N N 14  
ARG N   H2   sing N N 15  
ARG CA  C    sing N N 16  
ARG CA  CB   sing N N 17  
ARG CA  HA   sing N N 18  
ARG C   O    doub N N 19  
ARG C   OXT  sing N N 20  
ARG CB  CG   sing N N 21  
ARG CB  HB2  sing N N 22  
ARG CB  HB3  sing N N 23  
ARG CG  CD   sing N N 24  
ARG CG  HG2  sing N N 25  
ARG CG  HG3  sing N N 26  
ARG CD  NE   sing N N 27  
ARG CD  HD2  sing N N 28  
ARG CD  HD3  sing N N 29  
ARG NE  CZ   sing N N 30  
ARG NE  HE   sing N N 31  
ARG CZ  NH1  sing N N 32  
ARG CZ  NH2  doub N N 33  
ARG NH1 HH11 sing N N 34  
ARG NH1 HH12 sing N N 35  
ARG NH2 HH21 sing N N 36  
ARG NH2 HH22 sing N N 37  
ARG OXT HXT  sing N N 38  
ASN N   CA   sing N N 39  
ASN N   H    sing N N 40  
ASN N   H2   sing N N 41  
ASN CA  C    sing N N 42  
ASN CA  CB   sing N N 43  
ASN CA  HA   sing N N 44  
ASN C   O    doub N N 45  
ASN C   OXT  sing N N 46  
ASN CB  CG   sing N N 47  
ASN CB  HB2  sing N N 48  
ASN CB  HB3  sing N N 49  
ASN CG  OD1  doub N N 50  
ASN CG  ND2  sing N N 51  
ASN ND2 HD21 sing N N 52  
ASN ND2 HD22 sing N N 53  
ASN OXT HXT  sing N N 54  
ASP N   CA   sing N N 55  
ASP N   H    sing N N 56  
ASP N   H2   sing N N 57  
ASP CA  C    sing N N 58  
ASP CA  CB   sing N N 59  
ASP CA  HA   sing N N 60  
ASP C   O    doub N N 61  
ASP C   OXT  sing N N 62  
ASP CB  CG   sing N N 63  
ASP CB  HB2  sing N N 64  
ASP CB  HB3  sing N N 65  
ASP CG  OD1  doub N N 66  
ASP CG  OD2  sing N N 67  
ASP OD2 HD2  sing N N 68  
ASP OXT HXT  sing N N 69  
GLN N   CA   sing N N 70  
GLN N   H    sing N N 71  
GLN N   H2   sing N N 72  
GLN CA  C    sing N N 73  
GLN CA  CB   sing N N 74  
GLN CA  HA   sing N N 75  
GLN C   O    doub N N 76  
GLN C   OXT  sing N N 77  
GLN CB  CG   sing N N 78  
GLN CB  HB2  sing N N 79  
GLN CB  HB3  sing N N 80  
GLN CG  CD   sing N N 81  
GLN CG  HG2  sing N N 82  
GLN CG  HG3  sing N N 83  
GLN CD  OE1  doub N N 84  
GLN CD  NE2  sing N N 85  
GLN NE2 HE21 sing N N 86  
GLN NE2 HE22 sing N N 87  
GLN OXT HXT  sing N N 88  
GLU N   CA   sing N N 89  
GLU N   H    sing N N 90  
GLU N   H2   sing N N 91  
GLU CA  C    sing N N 92  
GLU CA  CB   sing N N 93  
GLU CA  HA   sing N N 94  
GLU C   O    doub N N 95  
GLU C   OXT  sing N N 96  
GLU CB  CG   sing N N 97  
GLU CB  HB2  sing N N 98  
GLU CB  HB3  sing N N 99  
GLU CG  CD   sing N N 100 
GLU CG  HG2  sing N N 101 
GLU CG  HG3  sing N N 102 
GLU CD  OE1  doub N N 103 
GLU CD  OE2  sing N N 104 
GLU OE2 HE2  sing N N 105 
GLU OXT HXT  sing N N 106 
GLY N   CA   sing N N 107 
GLY N   H    sing N N 108 
GLY N   H2   sing N N 109 
GLY CA  C    sing N N 110 
GLY CA  HA2  sing N N 111 
GLY CA  HA3  sing N N 112 
GLY C   O    doub N N 113 
GLY C   OXT  sing N N 114 
GLY OXT HXT  sing N N 115 
HIS N   CA   sing N N 116 
HIS N   H    sing N N 117 
HIS N   H2   sing N N 118 
HIS CA  C    sing N N 119 
HIS CA  CB   sing N N 120 
HIS CA  HA   sing N N 121 
HIS C   O    doub N N 122 
HIS C   OXT  sing N N 123 
HIS CB  CG   sing N N 124 
HIS CB  HB2  sing N N 125 
HIS CB  HB3  sing N N 126 
HIS CG  ND1  sing Y N 127 
HIS CG  CD2  doub Y N 128 
HIS ND1 CE1  doub Y N 129 
HIS ND1 HD1  sing N N 130 
HIS CD2 NE2  sing Y N 131 
HIS CD2 HD2  sing N N 132 
HIS CE1 NE2  sing Y N 133 
HIS CE1 HE1  sing N N 134 
HIS NE2 HE2  sing N N 135 
HIS OXT HXT  sing N N 136 
HOH O   H1   sing N N 137 
HOH O   H2   sing N N 138 
ILE N   CA   sing N N 139 
ILE N   H    sing N N 140 
ILE N   H2   sing N N 141 
ILE CA  C    sing N N 142 
ILE CA  CB   sing N N 143 
ILE CA  HA   sing N N 144 
ILE C   O    doub N N 145 
ILE C   OXT  sing N N 146 
ILE CB  CG1  sing N N 147 
ILE CB  CG2  sing N N 148 
ILE CB  HB   sing N N 149 
ILE CG1 CD1  sing N N 150 
ILE CG1 HG12 sing N N 151 
ILE CG1 HG13 sing N N 152 
ILE CG2 HG21 sing N N 153 
ILE CG2 HG22 sing N N 154 
ILE CG2 HG23 sing N N 155 
ILE CD1 HD11 sing N N 156 
ILE CD1 HD12 sing N N 157 
ILE CD1 HD13 sing N N 158 
ILE OXT HXT  sing N N 159 
LEU N   CA   sing N N 160 
LEU N   H    sing N N 161 
LEU N   H2   sing N N 162 
LEU CA  C    sing N N 163 
LEU CA  CB   sing N N 164 
LEU CA  HA   sing N N 165 
LEU C   O    doub N N 166 
LEU C   OXT  sing N N 167 
LEU CB  CG   sing N N 168 
LEU CB  HB2  sing N N 169 
LEU CB  HB3  sing N N 170 
LEU CG  CD1  sing N N 171 
LEU CG  CD2  sing N N 172 
LEU CG  HG   sing N N 173 
LEU CD1 HD11 sing N N 174 
LEU CD1 HD12 sing N N 175 
LEU CD1 HD13 sing N N 176 
LEU CD2 HD21 sing N N 177 
LEU CD2 HD22 sing N N 178 
LEU CD2 HD23 sing N N 179 
LEU OXT HXT  sing N N 180 
LYS N   CA   sing N N 181 
LYS N   H    sing N N 182 
LYS N   H2   sing N N 183 
LYS CA  C    sing N N 184 
LYS CA  CB   sing N N 185 
LYS CA  HA   sing N N 186 
LYS C   O    doub N N 187 
LYS C   OXT  sing N N 188 
LYS CB  CG   sing N N 189 
LYS CB  HB2  sing N N 190 
LYS CB  HB3  sing N N 191 
LYS CG  CD   sing N N 192 
LYS CG  HG2  sing N N 193 
LYS CG  HG3  sing N N 194 
LYS CD  CE   sing N N 195 
LYS CD  HD2  sing N N 196 
LYS CD  HD3  sing N N 197 
LYS CE  NZ   sing N N 198 
LYS CE  HE2  sing N N 199 
LYS CE  HE3  sing N N 200 
LYS NZ  HZ1  sing N N 201 
LYS NZ  HZ2  sing N N 202 
LYS NZ  HZ3  sing N N 203 
LYS OXT HXT  sing N N 204 
MET N   CA   sing N N 205 
MET N   H    sing N N 206 
MET N   H2   sing N N 207 
MET CA  C    sing N N 208 
MET CA  CB   sing N N 209 
MET CA  HA   sing N N 210 
MET C   O    doub N N 211 
MET C   OXT  sing N N 212 
MET CB  CG   sing N N 213 
MET CB  HB2  sing N N 214 
MET CB  HB3  sing N N 215 
MET CG  SD   sing N N 216 
MET CG  HG2  sing N N 217 
MET CG  HG3  sing N N 218 
MET SD  CE   sing N N 219 
MET CE  HE1  sing N N 220 
MET CE  HE2  sing N N 221 
MET CE  HE3  sing N N 222 
MET OXT HXT  sing N N 223 
PHE N   CA   sing N N 224 
PHE N   H    sing N N 225 
PHE N   H2   sing N N 226 
PHE CA  C    sing N N 227 
PHE CA  CB   sing N N 228 
PHE CA  HA   sing N N 229 
PHE C   O    doub N N 230 
PHE C   OXT  sing N N 231 
PHE CB  CG   sing N N 232 
PHE CB  HB2  sing N N 233 
PHE CB  HB3  sing N N 234 
PHE CG  CD1  doub Y N 235 
PHE CG  CD2  sing Y N 236 
PHE CD1 CE1  sing Y N 237 
PHE CD1 HD1  sing N N 238 
PHE CD2 CE2  doub Y N 239 
PHE CD2 HD2  sing N N 240 
PHE CE1 CZ   doub Y N 241 
PHE CE1 HE1  sing N N 242 
PHE CE2 CZ   sing Y N 243 
PHE CE2 HE2  sing N N 244 
PHE CZ  HZ   sing N N 245 
PHE OXT HXT  sing N N 246 
PRO N   CA   sing N N 247 
PRO N   CD   sing N N 248 
PRO N   H    sing N N 249 
PRO CA  C    sing N N 250 
PRO CA  CB   sing N N 251 
PRO CA  HA   sing N N 252 
PRO C   O    doub N N 253 
PRO C   OXT  sing N N 254 
PRO CB  CG   sing N N 255 
PRO CB  HB2  sing N N 256 
PRO CB  HB3  sing N N 257 
PRO CG  CD   sing N N 258 
PRO CG  HG2  sing N N 259 
PRO CG  HG3  sing N N 260 
PRO CD  HD2  sing N N 261 
PRO CD  HD3  sing N N 262 
PRO OXT HXT  sing N N 263 
SER N   CA   sing N N 264 
SER N   H    sing N N 265 
SER N   H2   sing N N 266 
SER CA  C    sing N N 267 
SER CA  CB   sing N N 268 
SER CA  HA   sing N N 269 
SER C   O    doub N N 270 
SER C   OXT  sing N N 271 
SER CB  OG   sing N N 272 
SER CB  HB2  sing N N 273 
SER CB  HB3  sing N N 274 
SER OG  HG   sing N N 275 
SER OXT HXT  sing N N 276 
THR N   CA   sing N N 277 
THR N   H    sing N N 278 
THR N   H2   sing N N 279 
THR CA  C    sing N N 280 
THR CA  CB   sing N N 281 
THR CA  HA   sing N N 282 
THR C   O    doub N N 283 
THR C   OXT  sing N N 284 
THR CB  OG1  sing N N 285 
THR CB  CG2  sing N N 286 
THR CB  HB   sing N N 287 
THR OG1 HG1  sing N N 288 
THR CG2 HG21 sing N N 289 
THR CG2 HG22 sing N N 290 
THR CG2 HG23 sing N N 291 
THR OXT HXT  sing N N 292 
TRP N   CA   sing N N 293 
TRP N   H    sing N N 294 
TRP N   H2   sing N N 295 
TRP CA  C    sing N N 296 
TRP CA  CB   sing N N 297 
TRP CA  HA   sing N N 298 
TRP C   O    doub N N 299 
TRP C   OXT  sing N N 300 
TRP CB  CG   sing N N 301 
TRP CB  HB2  sing N N 302 
TRP CB  HB3  sing N N 303 
TRP CG  CD1  doub Y N 304 
TRP CG  CD2  sing Y N 305 
TRP CD1 NE1  sing Y N 306 
TRP CD1 HD1  sing N N 307 
TRP CD2 CE2  doub Y N 308 
TRP CD2 CE3  sing Y N 309 
TRP NE1 CE2  sing Y N 310 
TRP NE1 HE1  sing N N 311 
TRP CE2 CZ2  sing Y N 312 
TRP CE3 CZ3  doub Y N 313 
TRP CE3 HE3  sing N N 314 
TRP CZ2 CH2  doub Y N 315 
TRP CZ2 HZ2  sing N N 316 
TRP CZ3 CH2  sing Y N 317 
TRP CZ3 HZ3  sing N N 318 
TRP CH2 HH2  sing N N 319 
TRP OXT HXT  sing N N 320 
TYR N   CA   sing N N 321 
TYR N   H    sing N N 322 
TYR N   H2   sing N N 323 
TYR CA  C    sing N N 324 
TYR CA  CB   sing N N 325 
TYR CA  HA   sing N N 326 
TYR C   O    doub N N 327 
TYR C   OXT  sing N N 328 
TYR CB  CG   sing N N 329 
TYR CB  HB2  sing N N 330 
TYR CB  HB3  sing N N 331 
TYR CG  CD1  doub Y N 332 
TYR CG  CD2  sing Y N 333 
TYR CD1 CE1  sing Y N 334 
TYR CD1 HD1  sing N N 335 
TYR CD2 CE2  doub Y N 336 
TYR CD2 HD2  sing N N 337 
TYR CE1 CZ   doub Y N 338 
TYR CE1 HE1  sing N N 339 
TYR CE2 CZ   sing Y N 340 
TYR CE2 HE2  sing N N 341 
TYR CZ  OH   sing N N 342 
TYR OH  HH   sing N N 343 
TYR OXT HXT  sing N N 344 
UAT C9  C10  doub Y N 345 
UAT C9  C8   sing Y N 346 
UAT O1  C5   doub N N 347 
UAT C10 C11  sing Y N 348 
UAT C8  C7   doub Y N 349 
UAT C5  N2   sing N N 350 
UAT C5  N1   sing N N 351 
UAT C13 N1   sing N N 352 
UAT C13 C14  sing N N 353 
UAT C11 C12  doub Y N 354 
UAT C7  C12  sing Y N 355 
UAT C7  C6   sing N N 356 
UAT N2  C6   sing N N 357 
UAT N1  C4   sing N N 358 
UAT C14 C2   sing N N 359 
UAT C4  C3   sing N N 360 
UAT C2  C3   sing N N 361 
UAT C2  C1   sing N N 362 
UAT C4  H1   sing N N 363 
UAT C4  H2   sing N N 364 
UAT C14 H3   sing N N 365 
UAT C14 H4   sing N N 366 
UAT C6  H5   sing N N 367 
UAT C6  H6   sing N N 368 
UAT C11 H7   sing N N 369 
UAT C8  H8   sing N N 370 
UAT C9  H9   sing N N 371 
UAT C10 H10  sing N N 372 
UAT C12 H11  sing N N 373 
UAT C13 H12  sing N N 374 
UAT C13 H13  sing N N 375 
UAT N2  H14  sing N N 376 
UAT C3  H15  sing N N 377 
UAT C3  H16  sing N N 378 
UAT C1  H17  sing N N 379 
UAT C1  H18  sing N N 380 
UAT C1  H19  sing N N 381 
UAT C2  H20  sing N N 382 
VAL N   CA   sing N N 383 
VAL N   H    sing N N 384 
VAL N   H2   sing N N 385 
VAL CA  C    sing N N 386 
VAL CA  CB   sing N N 387 
VAL CA  HA   sing N N 388 
VAL C   O    doub N N 389 
VAL C   OXT  sing N N 390 
VAL CB  CG1  sing N N 391 
VAL CB  CG2  sing N N 392 
VAL CB  HB   sing N N 393 
VAL CG1 HG11 sing N N 394 
VAL CG1 HG12 sing N N 395 
VAL CG1 HG13 sing N N 396 
VAL CG2 HG21 sing N N 397 
VAL CG2 HG22 sing N N 398 
VAL CG2 HG23 sing N N 399 
VAL OXT HXT  sing N N 400 
# 
_pdbx_entity_instance_feature.ordinal        1 
_pdbx_entity_instance_feature.comp_id        UAT 
_pdbx_entity_instance_feature.asym_id        ? 
_pdbx_entity_instance_feature.seq_num        ? 
_pdbx_entity_instance_feature.auth_comp_id   UAT 
_pdbx_entity_instance_feature.auth_asym_id   ? 
_pdbx_entity_instance_feature.auth_seq_num   ? 
_pdbx_entity_instance_feature.feature_type   'SUBJECT OF INVESTIGATION' 
_pdbx_entity_instance_feature.details        ? 
# 
_pdbx_initial_refinement_model.id               1 
_pdbx_initial_refinement_model.entity_id_list   ? 
_pdbx_initial_refinement_model.type             'experimental model' 
_pdbx_initial_refinement_model.source_name      PDB 
_pdbx_initial_refinement_model.accession_code   5NIO 
_pdbx_initial_refinement_model.details          ? 
# 
_atom_sites.entry_id                    7NGJ 
_atom_sites.Cartn_transf_matrix[1][1]   ? 
_atom_sites.Cartn_transf_matrix[1][2]   ? 
_atom_sites.Cartn_transf_matrix[1][3]   ? 
_atom_sites.Cartn_transf_matrix[2][1]   ? 
_atom_sites.Cartn_transf_matrix[2][2]   ? 
_atom_sites.Cartn_transf_matrix[2][3]   ? 
_atom_sites.Cartn_transf_matrix[3][1]   ? 
_atom_sites.Cartn_transf_matrix[3][2]   ? 
_atom_sites.Cartn_transf_matrix[3][3]   ? 
_atom_sites.Cartn_transf_vector[1]      ? 
_atom_sites.Cartn_transf_vector[2]      ? 
_atom_sites.Cartn_transf_vector[3]      ? 
_atom_sites.fract_transf_matrix[1][1]   -0.00042729 
_atom_sites.fract_transf_matrix[1][2]   -0.00727654 
_atom_sites.fract_transf_matrix[1][3]   -0.00380836 
_atom_sites.fract_transf_matrix[2][1]   -0.00180631 
_atom_sites.fract_transf_matrix[2][2]   -0.00363687 
_atom_sites.fract_transf_matrix[2][3]   0.00715154 
_atom_sites.fract_transf_matrix[3][1]   -0.02887811 
_atom_sites.fract_transf_matrix[3][2]   0.00435430 
_atom_sites.fract_transf_matrix[3][3]   -0.00507957 
_atom_sites.fract_transf_vector[1]      -0.141825 
_atom_sites.fract_transf_vector[2]      -0.290003 
_atom_sites.fract_transf_vector[3]      0.010609 
_atom_sites.solution_primary            ? 
_atom_sites.solution_secondary          ? 
_atom_sites.solution_hydrogens          ? 
_atom_sites.special_details             ? 
# 
loop_
_atom_type.symbol 
C 
N 
O 
S 
# 
loop_
_atom_site.group_PDB 
_atom_site.id 
_atom_site.type_symbol 
_atom_site.label_atom_id 
_atom_site.label_alt_id 
_atom_site.label_comp_id 
_atom_site.label_asym_id 
_atom_site.label_entity_id 
_atom_site.label_seq_id 
_atom_site.pdbx_PDB_ins_code 
_atom_site.Cartn_x 
_atom_site.Cartn_y 
_atom_site.Cartn_z 
_atom_site.occupancy 
_atom_site.B_iso_or_equiv 
_atom_site.pdbx_formal_charge 
_atom_site.auth_seq_id 
_atom_site.auth_comp_id 
_atom_site.auth_asym_id 
_atom_site.auth_atom_id 
_atom_site.pdbx_PDB_model_num 
ATOM   1    N N   . GLY A 1 22  ? 5.439   11.828  -25.278 1.00 63.10 ? 22  GLY A N   1 
ATOM   2    C CA  . GLY A 1 22  ? 4.047   12.112  -24.832 1.00 64.58 ? 22  GLY A CA  1 
ATOM   3    C C   . GLY A 1 22  ? 3.883   11.694  -23.389 1.00 71.22 ? 22  GLY A C   1 
ATOM   4    O O   . GLY A 1 22  ? 4.227   12.445  -22.485 1.00 68.21 ? 22  GLY A O   1 
ATOM   5    N N   . ASP A 1 23  ? 3.433   10.452  -23.179 1.00 69.44 ? 23  ASP A N   1 
ATOM   6    C CA  . ASP A 1 23  ? 3.494   9.866   -21.859 1.00 63.93 ? 23  ASP A CA  1 
ATOM   7    C C   . ASP A 1 23  ? 4.885   9.249   -21.626 1.00 57.30 ? 23  ASP A C   1 
ATOM   8    O O   . ASP A 1 23  ? 5.147   8.822   -20.531 1.00 47.93 ? 23  ASP A O   1 
ATOM   9    C CB  . ASP A 1 23  ? 2.321   8.926   -21.558 1.00 65.18 ? 23  ASP A CB  1 
ATOM   10   C CG  . ASP A 1 23  ? 2.176   7.745   -22.490 1.00 71.36 ? 23  ASP A CG  1 
ATOM   11   O OD1 . ASP A 1 23  ? 1.024   7.448   -22.858 1.00 71.09 ? 23  ASP A OD1 1 
ATOM   12   O OD2 . ASP A 1 23  ? 3.205   7.125   -22.814 1.00 68.25 ? 23  ASP A OD2 1 
ATOM   13   N N   . ASP A 1 24  ? 5.793   9.258   -22.613 1.00 51.52 ? 24  ASP A N   1 
ATOM   14   C CA  . ASP A 1 24  ? 7.218   9.091   -22.294 1.00 47.58 ? 24  ASP A CA  1 
ATOM   15   C C   . ASP A 1 24  ? 7.656   10.241  -21.359 1.00 44.13 ? 24  ASP A C   1 
ATOM   16   O O   . ASP A 1 24  ? 8.410   10.009  -20.406 1.00 37.14 ? 24  ASP A O   1 
ATOM   17   C CB  . ASP A 1 24  ? 8.111   8.983   -23.540 1.00 46.06 ? 24  ASP A CB  1 
ATOM   18   N N   . ARG A 1 25  ? 7.215   11.481  -21.633 1.00 37.09 ? 25  ARG A N   1 
ATOM   19   C CA  . ARG A 1 25  ? 7.526   12.606  -20.757 1.00 40.93 ? 25  ARG A CA  1 
ATOM   20   C C   . ARG A 1 25  ? 6.839   12.428  -19.385 1.00 36.27 ? 25  ARG A C   1 
ATOM   21   O O   . ARG A 1 25  ? 7.445   12.663  -18.329 1.00 30.53 ? 25  ARG A O   1 
ATOM   22   C CB  . ARG A 1 25  ? 7.147   13.936  -21.410 1.00 43.03 ? 25  ARG A CB  1 
ATOM   23   C CG  . ARG A 1 25  ? 8.229   14.451  -22.347 1.00 51.19 ? 25  ARG A CG  1 
ATOM   24   C CD  . ARG A 1 25  ? 7.892   15.822  -22.883 1.00 58.77 ? 25  ARG A CD  1 
ATOM   25   N NE  . ARG A 1 25  ? 8.198   15.910  -24.295 1.00 64.37 ? 25  ARG A NE  1 
ATOM   26   C CZ  . ARG A 1 25  ? 7.647   16.792  -25.115 1.00 67.15 ? 25  ARG A CZ  1 
ATOM   27   N NH1 . ARG A 1 25  ? 7.090   17.889  -24.625 1.00 61.48 ? 25  ARG A NH1 1 
ATOM   28   N NH2 . ARG A 1 25  ? 7.630   16.556  -26.412 1.00 69.68 ? 25  ARG A NH2 1 
ATOM   29   N N   . GLU A 1 26  ? 5.574   12.016  -19.399 1.00 35.36 ? 26  GLU A N   1 
ATOM   30   C CA  . GLU A 1 26  ? 4.872   11.745  -18.167 1.00 35.66 ? 26  GLU A CA  1 
ATOM   31   C C   . GLU A 1 26  ? 5.657   10.728  -17.327 1.00 32.14 ? 26  GLU A C   1 
ATOM   32   O O   . GLU A 1 26  ? 5.859   10.947  -16.167 1.00 30.79 ? 26  GLU A O   1 
ATOM   33   C CB  . GLU A 1 26  ? 3.466   11.242  -18.456 1.00 38.87 ? 26  GLU A CB  1 
ATOM   34   C CG  . GLU A 1 26  ? 2.458   11.807  -17.498 1.00 46.04 ? 26  GLU A CG  1 
ATOM   35   C CD  . GLU A 1 26  ? 1.114   11.128  -17.605 1.00 51.72 ? 26  GLU A CD  1 
ATOM   36   O OE1 . GLU A 1 26  ? 0.603   11.055  -18.725 1.00 52.05 ? 26  GLU A OE1 1 
ATOM   37   O OE2 . GLU A 1 26  ? 0.619   10.644  -16.566 1.00 59.83 ? 26  GLU A OE2 1 
ATOM   38   N N   . LEU A 1 27  ? 6.059   9.604   -17.940 1.00 33.01 ? 27  LEU A N   1 
ATOM   39   C CA  . LEU A 1 27  ? 6.681   8.500   -17.219 1.00 34.63 ? 27  LEU A CA  1 
ATOM   40   C C   . LEU A 1 27  ? 8.028   8.994   -16.676 1.00 33.76 ? 27  LEU A C   1 
ATOM   41   O O   . LEU A 1 27  ? 8.457   8.638   -15.554 1.00 30.48 ? 27  LEU A O   1 
ATOM   42   C CB  . LEU A 1 27  ? 6.816   7.264   -18.122 1.00 36.81 ? 27  LEU A CB  1 
ATOM   43   C CG  . LEU A 1 27  ? 5.600   6.331   -18.287 1.00 41.07 ? 27  LEU A CG  1 
ATOM   44   C CD1 . LEU A 1 27  ? 5.161   5.702   -16.968 1.00 40.04 ? 27  LEU A CD1 1 
ATOM   45   C CD2 . LEU A 1 27  ? 4.390   7.004   -18.926 1.00 48.70 ? 27  LEU A CD2 1 
ATOM   46   N N   . ALA A 1 28  ? 8.685   9.878   -17.433 1.00 32.66 ? 28  ALA A N   1 
ATOM   47   C CA  . ALA A 1 28  ? 9.973   10.447  -16.999 1.00 31.68 ? 28  ALA A CA  1 
ATOM   48   C C   . ALA A 1 28  ? 9.743   11.324  -15.770 1.00 26.81 ? 28  ALA A C   1 
ATOM   49   O O   . ALA A 1 28  ? 10.569  11.381  -14.872 1.00 29.52 ? 28  ALA A O   1 
ATOM   50   C CB  . ALA A 1 28  ? 10.622  11.253  -18.116 1.00 33.04 ? 28  ALA A CB  1 
ATOM   51   N N   . ILE A 1 29  ? 8.664   12.108  -15.770 1.00 22.84 ? 29  ILE A N   1 
ATOM   52   C CA  . ILE A 1 29  ? 8.436   12.975  -14.635 1.00 25.41 ? 29  ILE A CA  1 
ATOM   53   C C   . ILE A 1 29  ? 8.212   12.108  -13.356 1.00 23.54 ? 29  ILE A C   1 
ATOM   54   O O   . ILE A 1 29  ? 8.741   12.396  -12.254 1.00 23.61 ? 29  ILE A O   1 
ATOM   55   C CB  . ILE A 1 29  ? 7.229   13.884  -14.930 1.00 23.71 ? 29  ILE A CB  1 
ATOM   56   C CG1 . ILE A 1 29  ? 7.598   14.959  -15.962 1.00 28.15 ? 29  ILE A CG1 1 
ATOM   57   C CG2 . ILE A 1 29  ? 6.720   14.496  -13.642 1.00 24.51 ? 29  ILE A CG2 1 
ATOM   58   C CD1 . ILE A 1 29  ? 6.420   15.807  -16.437 1.00 28.43 ? 29  ILE A CD1 1 
ATOM   59   N N   . LEU A 1 30  ? 7.389   11.069  -13.507 1.00 26.18 ? 30  LEU A N   1 
ATOM   60   C CA  . LEU A 1 30  ? 7.028   10.152  -12.398 1.00 24.70 ? 30  LEU A CA  1 
ATOM   61   C C   . LEU A 1 30  ? 8.298   9.458   -11.875 1.00 25.96 ? 30  LEU A C   1 
ATOM   62   O O   . LEU A 1 30  ? 8.530   9.463   -10.668 1.00 24.22 ? 30  LEU A O   1 
ATOM   63   C CB  . LEU A 1 30  ? 6.011   9.128   -12.894 1.00 25.71 ? 30  LEU A CB  1 
ATOM   64   C CG  . LEU A 1 30  ? 4.630   9.689   -13.191 1.00 26.38 ? 30  LEU A CG  1 
ATOM   65   C CD1 . LEU A 1 30  ? 3.831   8.712   -14.023 1.00 28.52 ? 30  LEU A CD1 1 
ATOM   66   C CD2 . LEU A 1 30  ? 3.889   10.045  -11.916 1.00 29.09 ? 30  LEU A CD2 1 
ATOM   67   N N   . ALA A 1 31  ? 9.133   8.938   -12.795 1.00 26.06 ? 31  ALA A N   1 
ATOM   68   C CA  . ALA A 1 31  ? 10.387  8.257   -12.433 1.00 25.46 ? 31  ALA A CA  1 
ATOM   69   C C   . ALA A 1 31  ? 11.331  9.209   -11.701 1.00 28.79 ? 31  ALA A C   1 
ATOM   70   O O   . ALA A 1 31  ? 11.929  8.863   -10.671 1.00 28.44 ? 31  ALA A O   1 
ATOM   71   C CB  . ALA A 1 31  ? 11.017  7.669   -13.672 1.00 28.85 ? 31  ALA A CB  1 
ATOM   72   N N   . THR A 1 32  ? 11.450  10.445  -12.208 1.00 25.67 ? 32  THR A N   1 
ATOM   73   C CA  . THR A 1 32  ? 12.265  11.464  -11.553 1.00 28.08 ? 32  THR A CA  1 
ATOM   74   C C   . THR A 1 32  ? 11.759  11.700  -10.133 1.00 27.66 ? 32  THR A C   1 
ATOM   75   O O   . THR A 1 32  ? 12.559  11.796  -9.199  1.00 27.76 ? 32  THR A O   1 
ATOM   76   C CB  . THR A 1 32  ? 12.300  12.786  -12.337 1.00 26.83 ? 32  THR A CB  1 
ATOM   77   O OG1 . THR A 1 32  ? 12.843  12.513  -13.626 1.00 26.90 ? 32  THR A OG1 1 
ATOM   78   C CG2 . THR A 1 32  ? 13.059  13.881  -11.637 1.00 26.56 ? 32  THR A CG2 1 
ATOM   79   N N   . ALA A 1 33  ? 10.437  11.851  -9.970  1.00 26.56 ? 33  ALA A N   1 
ATOM   80   C CA  . ALA A 1 33  ? 9.879   12.180  -8.677  1.00 25.41 ? 33  ALA A CA  1 
ATOM   81   C C   . ALA A 1 33  ? 10.146  11.011  -7.685  1.00 26.34 ? 33  ALA A C   1 
ATOM   82   O O   . ALA A 1 33  ? 10.499  11.236  -6.519  1.00 24.13 ? 33  ALA A O   1 
ATOM   83   C CB  . ALA A 1 33  ? 8.402   12.462  -8.844  1.00 27.08 ? 33  ALA A CB  1 
ATOM   84   N N   . GLU A 1 34  ? 9.948   9.777   -8.147  1.00 27.21 ? 34  GLU A N   1 
ATOM   85   C CA  . GLU A 1 34  ? 10.165  8.605   -7.283  1.00 27.71 ? 34  GLU A CA  1 
ATOM   86   C C   . GLU A 1 34  ? 11.640  8.566   -6.862  1.00 30.08 ? 34  GLU A C   1 
ATOM   87   O O   . GLU A 1 34  ? 11.951  8.382   -5.679  1.00 28.08 ? 34  GLU A O   1 
ATOM   88   C CB  . GLU A 1 34  ? 9.741   7.315   -7.974  1.00 28.91 ? 34  GLU A CB  1 
ATOM   89   C CG  . GLU A 1 34  ? 9.876   6.103   -7.046  1.00 30.43 ? 34  GLU A CG  1 
ATOM   90   C CD  . GLU A 1 34  ? 9.002   4.912   -7.389  1.00 31.87 ? 34  GLU A CD  1 
ATOM   91   O OE1 . GLU A 1 34  ? 8.578   4.800   -8.541  1.00 28.50 ? 34  GLU A OE1 1 
ATOM   92   O OE2 . GLU A 1 34  ? 8.767   4.082   -6.503  1.00 29.78 ? 34  GLU A OE2 1 
ATOM   93   N N   . ASN A 1 35  ? 12.540  8.839   -7.816  1.00 28.40 ? 35  ASN A N   1 
ATOM   94   C CA  . ASN A 1 35  ? 13.967  8.878   -7.518  1.00 32.01 ? 35  ASN A CA  1 
ATOM   95   C C   . ASN A 1 35  ? 14.273  9.938   -6.463  1.00 30.96 ? 35  ASN A C   1 
ATOM   96   O O   . ASN A 1 35  ? 14.946  9.655   -5.467  1.00 31.22 ? 35  ASN A O   1 
ATOM   97   C CB  . ASN A 1 35  ? 14.839  9.083   -8.757  1.00 36.04 ? 35  ASN A CB  1 
ATOM   98   C CG  . ASN A 1 35  ? 14.823  7.881   -9.668  1.00 42.40 ? 35  ASN A CG  1 
ATOM   99   O OD1 . ASN A 1 35  ? 14.592  6.753   -9.227  1.00 54.22 ? 35  ASN A OD1 1 
ATOM   100  N ND2 . ASN A 1 35  ? 15.079  8.103   -10.946 1.00 57.50 ? 35  ASN A ND2 1 
ATOM   101  N N   . LEU A 1 36  ? 13.809  11.166  -6.664  1.00 31.10 ? 36  LEU A N   1 
ATOM   102  C CA  . LEU A 1 36  ? 14.136  12.247  -5.720  1.00 33.58 ? 36  LEU A CA  1 
ATOM   103  C C   . LEU A 1 36  ? 13.514  12.021  -4.340  1.00 31.57 ? 36  LEU A C   1 
ATOM   104  O O   . LEU A 1 36  ? 14.118  12.433  -3.328  1.00 31.77 ? 36  LEU A O   1 
ATOM   105  C CB  . LEU A 1 36  ? 13.707  13.607  -6.287  1.00 35.70 ? 36  LEU A CB  1 
ATOM   106  C CG  . LEU A 1 36  ? 14.441  14.052  -7.554  1.00 39.82 ? 36  LEU A CG  1 
ATOM   107  C CD1 . LEU A 1 36  ? 13.918  15.408  -8.011  1.00 40.05 ? 36  LEU A CD1 1 
ATOM   108  C CD2 . LEU A 1 36  ? 15.947  14.093  -7.343  1.00 41.36 ? 36  LEU A CD2 1 
ATOM   109  N N   . LEU A 1 37  ? 12.330  11.391  -4.277  1.00 28.82 ? 37  LEU A N   1 
ATOM   110  C CA  . LEU A 1 37  ? 11.687  11.117  -3.004  1.00 28.94 ? 37  LEU A CA  1 
ATOM   111  C C   . LEU A 1 37  ? 12.501  10.128  -2.157  1.00 31.09 ? 37  LEU A C   1 
ATOM   112  O O   . LEU A 1 37  ? 12.320  10.101  -0.937  1.00 29.78 ? 37  LEU A O   1 
ATOM   113  C CB  . LEU A 1 37  ? 10.271  10.594  -3.225  1.00 27.44 ? 37  LEU A CB  1 
ATOM   114  C CG  . LEU A 1 37  ? 9.265   11.699  -3.538  1.00 27.05 ? 37  LEU A CG  1 
ATOM   115  C CD1 . LEU A 1 37  ? 7.958   11.141  -4.070  1.00 26.51 ? 37  LEU A CD1 1 
ATOM   116  C CD2 . LEU A 1 37  ? 9.035   12.580  -2.324  1.00 27.59 ? 37  LEU A CD2 1 
ATOM   117  N N   . GLU A 1 38  ? 13.341  9.313   -2.800  1.00 29.48 ? 38  GLU A N   1 
ATOM   118  C CA  . GLU A 1 38  ? 14.277  8.427   -2.127  1.00 39.42 ? 38  GLU A CA  1 
ATOM   119  C C   . GLU A 1 38  ? 15.231  9.242   -1.228  1.00 42.09 ? 38  GLU A C   1 
ATOM   120  O O   . GLU A 1 38  ? 15.563  8.792   -0.157  1.00 40.22 ? 38  GLU A O   1 
ATOM   121  C CB  . GLU A 1 38  ? 14.998  7.578   -3.182  1.00 45.09 ? 38  GLU A CB  1 
ATOM   122  C CG  . GLU A 1 38  ? 15.798  6.415   -2.620  1.00 55.37 ? 38  GLU A CG  1 
ATOM   123  C CD  . GLU A 1 38  ? 14.964  5.272   -2.047  1.00 61.97 ? 38  GLU A CD  1 
ATOM   124  O OE1 . GLU A 1 38  ? 13.736  5.238   -2.319  1.00 55.20 ? 38  GLU A OE1 1 
ATOM   125  O OE2 . GLU A 1 38  ? 15.542  4.423   -1.322  1.00 56.21 ? 38  GLU A OE2 1 
ATOM   126  N N   . ASP A 1 39  ? 15.612  10.467  -1.616  1.00 49.03 ? 39  ASP A N   1 
ATOM   127  C CA  . ASP A 1 39  ? 16.609  11.246  -0.839  1.00 49.88 ? 39  ASP A CA  1 
ATOM   128  C C   . ASP A 1 39  ? 15.986  12.376  -0.019  1.00 43.70 ? 39  ASP A C   1 
ATOM   129  O O   . ASP A 1 39  ? 16.606  12.865  0.870   1.00 42.54 ? 39  ASP A O   1 
ATOM   130  C CB  . ASP A 1 39  ? 17.720  11.774  -1.740  1.00 59.05 ? 39  ASP A CB  1 
ATOM   131  C CG  . ASP A 1 39  ? 18.770  10.710  -2.001  1.00 65.85 ? 39  ASP A CG  1 
ATOM   132  O OD1 . ASP A 1 39  ? 18.501  9.523   -1.699  1.00 74.69 ? 39  ASP A OD1 1 
ATOM   133  O OD2 . ASP A 1 39  ? 19.846  11.071  -2.494  1.00 77.70 ? 39  ASP A OD2 1 
ATOM   134  N N   . ARG A 1 40  ? 14.746  12.769  -0.262  1.00 37.31 ? 40  ARG A N   1 
ATOM   135  C CA  . ARG A 1 40  ? 14.239  13.933  0.419   1.00 36.88 ? 40  ARG A CA  1 
ATOM   136  C C   . ARG A 1 40  ? 12.734  13.959  0.333   1.00 33.17 ? 40  ARG A C   1 
ATOM   137  O O   . ARG A 1 40  ? 12.165  13.336  -0.544  1.00 33.16 ? 40  ARG A O   1 
ATOM   138  C CB  . ARG A 1 40  ? 14.774  15.209  -0.235  1.00 44.74 ? 40  ARG A CB  1 
ATOM   139  C CG  . ARG A 1 40  ? 14.904  15.106  -1.745  1.00 45.02 ? 40  ARG A CG  1 
ATOM   140  C CD  . ARG A 1 40  ? 16.220  15.688  -2.225  1.00 54.46 ? 40  ARG A CD  1 
ATOM   141  N NE  . ARG A 1 40  ? 15.963  16.947  -2.904  1.00 50.03 ? 40  ARG A NE  1 
ATOM   142  C CZ  . ARG A 1 40  ? 16.190  17.144  -4.191  1.00 49.58 ? 40  ARG A CZ  1 
ATOM   143  N NH1 . ARG A 1 40  ? 17.083  16.398  -4.814  1.00 46.60 ? 40  ARG A NH1 1 
ATOM   144  N NH2 . ARG A 1 40  ? 15.514  18.069  -4.851  1.00 46.93 ? 40  ARG A NH2 1 
ATOM   145  N N   . PRO A 1 41  ? 12.073  14.708  1.226   1.00 36.52 ? 41  PRO A N   1 
ATOM   146  C CA  . PRO A 1 41  ? 10.624  14.855  1.174   1.00 35.18 ? 41  PRO A CA  1 
ATOM   147  C C   . PRO A 1 41  ? 10.184  15.751  0.015   1.00 39.15 ? 41  PRO A C   1 
ATOM   148  O O   . PRO A 1 41  ? 10.993  16.520  -0.535  1.00 37.98 ? 41  PRO A O   1 
ATOM   149  C CB  . PRO A 1 41  ? 10.266  15.438  2.547   1.00 38.57 ? 41  PRO A CB  1 
ATOM   150  C CG  . PRO A 1 41  ? 11.525  16.126  3.017   1.00 39.40 ? 41  PRO A CG  1 
ATOM   151  C CD  . PRO A 1 41  ? 12.684  15.392  2.375   1.00 38.43 ? 41  PRO A CD  1 
ATOM   152  N N   . LEU A 1 42  ? 8.901   15.638  -0.322  1.00 35.72 ? 42  LEU A N   1 
ATOM   153  C CA  . LEU A 1 42  ? 8.323   16.360  -1.421  1.00 39.60 ? 42  LEU A CA  1 
ATOM   154  C C   . LEU A 1 42  ? 8.495   17.874  -1.193  1.00 45.36 ? 42  LEU A C   1 
ATOM   155  O O   . LEU A 1 42  ? 8.744   18.622  -2.131  1.00 43.69 ? 42  LEU A O   1 
ATOM   156  C CB  . LEU A 1 42  ? 6.839   16.017  -1.525  1.00 36.98 ? 42  LEU A CB  1 
ATOM   157  C CG  . LEU A 1 42  ? 6.177   16.536  -2.799  1.00 35.84 ? 42  LEU A CG  1 
ATOM   158  C CD1 . LEU A 1 42  ? 6.647   15.749  -4.031  1.00 36.05 ? 42  LEU A CD1 1 
ATOM   159  C CD2 . LEU A 1 42  ? 4.675   16.495  -2.662  1.00 35.39 ? 42  LEU A CD2 1 
ATOM   160  N N   . ALA A 1 43  ? 8.340   18.319  0.055   1.00 48.83 ? 43  ALA A N   1 
ATOM   161  C CA  . ALA A 1 43  ? 8.555   19.734  0.423   1.00 47.37 ? 43  ALA A CA  1 
ATOM   162  C C   . ALA A 1 43  ? 9.955   20.238  0.016   1.00 44.20 ? 43  ALA A C   1 
ATOM   163  O O   . ALA A 1 43  ? 10.107  21.413  -0.211  1.00 49.40 ? 43  ALA A O   1 
ATOM   164  C CB  . ALA A 1 43  ? 8.297   19.931  1.896   1.00 44.48 ? 43  ALA A CB  1 
ATOM   165  N N   . ASP A 1 44  ? 10.970  19.380  -0.108  1.00 40.50 ? 44  ASP A N   1 
ATOM   166  C CA  . ASP A 1 44  ? 12.302  19.823  -0.548  1.00 42.04 ? 44  ASP A CA  1 
ATOM   167  C C   . ASP A 1 44  ? 12.565  19.499  -2.021  1.00 44.55 ? 44  ASP A C   1 
ATOM   168  O O   . ASP A 1 44  ? 13.702  19.548  -2.473  1.00 46.64 ? 44  ASP A O   1 
ATOM   169  C CB  . ASP A 1 44  ? 13.421  19.188  0.263   1.00 44.48 ? 44  ASP A CB  1 
ATOM   170  C CG  . ASP A 1 44  ? 13.342  19.514  1.737   1.00 48.76 ? 44  ASP A CG  1 
ATOM   171  O OD1 . ASP A 1 44  ? 12.401  20.223  2.135   1.00 55.49 ? 44  ASP A OD1 1 
ATOM   172  O OD2 . ASP A 1 44  ? 14.220  19.051  2.467   1.00 53.42 ? 44  ASP A OD2 1 
ATOM   173  N N   . ILE A 1 45  ? 11.511  19.159  -2.760  1.00 44.70 ? 45  ILE A N   1 
ATOM   174  C CA  . ILE A 1 45  ? 11.590  18.936  -4.179  1.00 39.07 ? 45  ILE A CA  1 
ATOM   175  C C   . ILE A 1 45  ? 10.730  20.016  -4.856  1.00 37.85 ? 45  ILE A C   1 
ATOM   176  O O   . ILE A 1 45  ? 9.556   20.259  -4.471  1.00 37.16 ? 45  ILE A O   1 
ATOM   177  C CB  . ILE A 1 45  ? 11.114  17.513  -4.531  1.00 37.80 ? 45  ILE A CB  1 
ATOM   178  C CG1 . ILE A 1 45  ? 11.930  16.437  -3.814  1.00 37.88 ? 45  ILE A CG1 1 
ATOM   179  C CG2 . ILE A 1 45  ? 11.144  17.280  -6.029  1.00 40.18 ? 45  ILE A CG2 1 
ATOM   180  C CD1 . ILE A 1 45  ? 11.401  15.051  -4.029  1.00 32.98 ? 45  ILE A CD1 1 
ATOM   181  N N   . SER A 1 46  ? 11.320  20.674  -5.857  1.00 40.78 ? 46  SER A N   1 
ATOM   182  C CA  . SER A 1 46  ? 10.650  21.754  -6.592  1.00 42.49 ? 46  SER A CA  1 
ATOM   183  C C   . SER A 1 46  ? 10.216  21.233  -7.965  1.00 37.25 ? 46  SER A C   1 
ATOM   184  O O   . SER A 1 46  ? 10.807  20.301  -8.502  1.00 35.56 ? 46  SER A O   1 
ATOM   185  C CB  . SER A 1 46  ? 11.569  22.948  -6.739  1.00 40.68 ? 46  SER A CB  1 
ATOM   186  O OG  . SER A 1 46  ? 12.661  22.594  -7.576  1.00 40.31 ? 46  SER A OG  1 
ATOM   187  N N   . VAL A 1 47  ? 9.213   21.897  -8.547  1.00 40.08 ? 47  VAL A N   1 
ATOM   188  C CA  . VAL A 1 47  ? 8.778   21.591  -9.924  1.00 38.83 ? 47  VAL A CA  1 
ATOM   189  C C   . VAL A 1 47  ? 9.996   21.637  -10.858 1.00 37.43 ? 47  VAL A C   1 
ATOM   190  O O   . VAL A 1 47  ? 10.139  20.818  -11.781 1.00 39.68 ? 47  VAL A O   1 
ATOM   191  C CB  . VAL A 1 47  ? 7.641   22.531  -10.364 1.00 39.50 ? 47  VAL A CB  1 
ATOM   192  C CG1 . VAL A 1 47  ? 7.402   22.469  -11.866 1.00 41.25 ? 47  VAL A CG1 1 
ATOM   193  C CG2 . VAL A 1 47  ? 6.362   22.210  -9.612  1.00 40.51 ? 47  VAL A CG2 1 
ATOM   194  N N   . ASP A 1 48  ? 10.899  22.590  -10.593 1.00 44.90 ? 48  ASP A N   1 
ATOM   195  C CA  . ASP A 1 48  ? 12.096  22.806  -11.401 1.00 44.83 ? 48  ASP A CA  1 
ATOM   196  C C   . ASP A 1 48  ? 12.999  21.565  -11.326 1.00 42.36 ? 48  ASP A C   1 
ATOM   197  O O   . ASP A 1 48  ? 13.474  21.090  -12.377 1.00 38.19 ? 48  ASP A O   1 
ATOM   198  C CB  . ASP A 1 48  ? 12.794  24.126  -11.021 1.00 50.48 ? 48  ASP A CB  1 
ATOM   199  C CG  . ASP A 1 48  ? 12.080  25.429  -11.430 1.00 56.71 ? 48  ASP A CG  1 
ATOM   200  O OD1 . ASP A 1 48  ? 11.135  25.427  -12.308 1.00 49.64 ? 48  ASP A OD1 1 
ATOM   201  O OD2 . ASP A 1 48  ? 12.479  26.463  -10.886 1.00 59.48 ? 48  ASP A OD2 1 
ATOM   202  N N   . ASP A 1 49  ? 13.217  21.036  -10.102 1.00 42.19 ? 49  ASP A N   1 
ATOM   203  C CA  . ASP A 1 49  ? 13.889  19.719  -9.910  1.00 43.31 ? 49  ASP A CA  1 
ATOM   204  C C   . ASP A 1 49  ? 13.222  18.624  -10.766 1.00 34.60 ? 49  ASP A C   1 
ATOM   205  O O   . ASP A 1 49  ? 13.878  17.840  -11.456 1.00 34.71 ? 49  ASP A O   1 
ATOM   206  C CB  . ASP A 1 49  ? 13.869  19.259  -8.448  1.00 46.98 ? 49  ASP A CB  1 
ATOM   207  C CG  . ASP A 1 49  ? 14.573  20.171  -7.461  1.00 54.06 ? 49  ASP A CG  1 
ATOM   208  O OD1 . ASP A 1 49  ? 15.652  20.684  -7.814  1.00 51.41 ? 49  ASP A OD1 1 
ATOM   209  O OD2 . ASP A 1 49  ? 14.024  20.357  -6.338  1.00 52.78 ? 49  ASP A OD2 1 
ATOM   210  N N   . LEU A 1 50  ? 11.891  18.538  -10.731 1.00 32.98 ? 50  LEU A N   1 
ATOM   211  C CA  . LEU A 1 50  ? 11.201  17.465  -11.506 1.00 28.72 ? 50  LEU A CA  1 
ATOM   212  C C   . LEU A 1 50  ? 11.351  17.666  -13.009 1.00 31.64 ? 50  LEU A C   1 
ATOM   213  O O   . LEU A 1 50  ? 11.661  16.714  -13.754 1.00 30.83 ? 50  LEU A O   1 
ATOM   214  C CB  . LEU A 1 50  ? 9.731   17.429  -11.101 1.00 28.86 ? 50  LEU A CB  1 
ATOM   215  C CG  . LEU A 1 50  ? 9.462   17.032  -9.650  1.00 32.35 ? 50  LEU A CG  1 
ATOM   216  C CD1 . LEU A 1 50  ? 7.970   17.117  -9.351  1.00 37.34 ? 50  LEU A CD1 1 
ATOM   217  C CD2 . LEU A 1 50  ? 10.001  15.628  -9.368  1.00 35.39 ? 50  LEU A CD2 1 
ATOM   218  N N   . ALA A 1 51  ? 11.167  18.927  -13.457 1.00 33.51 ? 51  ALA A N   1 
ATOM   219  C CA  . ALA A 1 51  ? 11.376  19.266  -14.880 1.00 32.90 ? 51  ALA A CA  1 
ATOM   220  C C   . ALA A 1 51  ? 12.805  18.892  -15.301 1.00 29.85 ? 51  ALA A C   1 
ATOM   221  O O   . ALA A 1 51  ? 13.049  18.216  -16.305 1.00 28.32 ? 51  ALA A O   1 
ATOM   222  C CB  . ALA A 1 51  ? 11.095  20.748  -15.074 1.00 33.11 ? 51  ALA A CB  1 
ATOM   223  N N   . LYS A 1 52  ? 13.776  19.338  -14.516 1.00 37.43 ? 52  LYS A N   1 
ATOM   224  C CA  . LYS A 1 52  ? 15.186  19.171  -14.903 1.00 37.56 ? 52  LYS A CA  1 
ATOM   225  C C   . LYS A 1 52  ? 15.483  17.679  -15.017 1.00 38.08 ? 52  LYS A C   1 
ATOM   226  O O   . LYS A 1 52  ? 15.950  17.189  -16.027 1.00 34.92 ? 52  LYS A O   1 
ATOM   227  C CB  . LYS A 1 52  ? 16.023  19.936  -13.871 1.00 47.95 ? 52  LYS A CB  1 
ATOM   228  C CG  . LYS A 1 52  ? 17.523  19.991  -14.096 1.00 50.26 ? 52  LYS A CG  1 
ATOM   229  C CD  . LYS A 1 52  ? 18.246  20.751  -12.979 1.00 57.30 ? 52  LYS A CD  1 
ATOM   230  C CE  . LYS A 1 52  ? 19.595  20.159  -12.609 1.00 64.94 ? 52  LYS A CE  1 
ATOM   231  N NZ  . LYS A 1 52  ? 20.340  19.678  -13.801 1.00 66.62 ? 52  LYS A NZ  1 
ATOM   232  N N   . GLY A 1 53  ? 15.090  16.902  -13.994 1.00 44.26 ? 53  GLY A N   1 
ATOM   233  C CA  . GLY A 1 53  ? 15.355  15.452  -14.011 1.00 34.57 ? 53  GLY A CA  1 
ATOM   234  C C   . GLY A 1 53  ? 14.698  14.774  -15.178 1.00 34.47 ? 53  GLY A C   1 
ATOM   235  O O   . GLY A 1 53  ? 15.216  13.759  -15.687 1.00 34.54 ? 53  GLY A O   1 
ATOM   236  N N   . ALA A 1 54  ? 13.545  15.306  -15.606 1.00 30.91 ? 54  ALA A N   1 
ATOM   237  C CA  . ALA A 1 54  ? 12.742  14.680  -16.669 1.00 29.74 ? 54  ALA A CA  1 
ATOM   238  C C   . ALA A 1 54  ? 13.167  15.185  -18.049 1.00 31.16 ? 54  ALA A C   1 
ATOM   239  O O   . ALA A 1 54  ? 12.705  14.685  -19.074 1.00 32.88 ? 54  ALA A O   1 
ATOM   240  C CB  . ALA A 1 54  ? 11.270  14.966  -16.429 1.00 34.47 ? 54  ALA A CB  1 
ATOM   241  N N   . GLY A 1 55  ? 14.049  16.182  -18.067 1.00 33.28 ? 55  GLY A N   1 
ATOM   242  C CA  . GLY A 1 55  ? 14.620  16.664  -19.345 1.00 34.09 ? 55  GLY A CA  1 
ATOM   243  C C   . GLY A 1 55  ? 13.647  17.576  -20.086 1.00 33.84 ? 55  GLY A C   1 
ATOM   244  O O   . GLY A 1 55  ? 13.596  17.557  -21.315 1.00 33.19 ? 55  GLY A O   1 
ATOM   245  N N   . ILE A 1 56  ? 12.863  18.358  -19.337 1.00 31.21 ? 56  ILE A N   1 
ATOM   246  C CA  . ILE A 1 56  ? 11.842  19.257  -19.939 1.00 33.33 ? 56  ILE A CA  1 
ATOM   247  C C   . ILE A 1 56  ? 11.912  20.577  -19.206 1.00 30.63 ? 56  ILE A C   1 
ATOM   248  O O   . ILE A 1 56  ? 12.509  20.663  -18.124 1.00 31.56 ? 56  ILE A O   1 
ATOM   249  C CB  . ILE A 1 56  ? 10.420  18.666  -19.855 1.00 31.89 ? 56  ILE A CB  1 
ATOM   250  C CG1 . ILE A 1 56  ? 10.057  18.352  -18.394 1.00 35.10 ? 56  ILE A CG1 1 
ATOM   251  C CG2 . ILE A 1 56  ? 10.304  17.480  -20.802 1.00 32.87 ? 56  ILE A CG2 1 
ATOM   252  C CD1 . ILE A 1 56  ? 8.614   17.912  -18.162 1.00 38.19 ? 56  ILE A CD1 1 
ATOM   253  N N   . SER A 1 57  ? 11.216  21.583  -19.747 1.00 30.10 ? 57  SER A N   1 
ATOM   254  C CA  . SER A 1 57  ? 11.126  22.891  -19.068 1.00 29.03 ? 57  SER A CA  1 
ATOM   255  C C   . SER A 1 57  ? 10.040  22.853  -18.001 1.00 30.40 ? 57  SER A C   1 
ATOM   256  O O   . SER A 1 57  ? 9.166   21.990  -18.008 1.00 28.56 ? 57  SER A O   1 
ATOM   257  C CB  . SER A 1 57  ? 10.836  23.989  -20.078 1.00 31.58 ? 57  SER A CB  1 
ATOM   258  O OG  . SER A 1 57  ? 9.507   23.854  -20.565 1.00 24.51 ? 57  SER A OG  1 
ATOM   259  N N   . ARG A 1 58  ? 10.027  23.882  -17.155 1.00 27.78 ? 58  ARG A N   1 
ATOM   260  C CA  . ARG A 1 58  ? 9.004   24.052  -16.160 1.00 31.22 ? 58  ARG A CA  1 
ATOM   261  C C   . ARG A 1 58  ? 7.625   24.189  -16.806 1.00 31.90 ? 58  ARG A C   1 
ATOM   262  O O   . ARG A 1 58  ? 6.688   23.514  -16.368 1.00 25.32 ? 58  ARG A O   1 
ATOM   263  C CB  . ARG A 1 58  ? 9.399   25.215  -15.243 1.00 36.90 ? 58  ARG A CB  1 
ATOM   264  C CG  . ARG A 1 58  ? 8.319   25.701  -14.284 1.00 44.29 ? 58  ARG A CG  1 
ATOM   265  C CD  . ARG A 1 58  ? 8.697   27.015  -13.590 1.00 47.74 ? 58  ARG A CD  1 
ATOM   266  N NE  . ARG A 1 58  ? 7.736   27.379  -12.555 1.00 58.33 ? 58  ARG A NE  1 
ATOM   267  C CZ  . ARG A 1 58  ? 7.749   26.926  -11.290 1.00 62.45 ? 58  ARG A CZ  1 
ATOM   268  N NH1 . ARG A 1 58  ? 8.794   26.268  -10.823 1.00 60.19 ? 58  ARG A NH1 1 
ATOM   269  N NH2 . ARG A 1 58  ? 6.710   27.134  -10.494 1.00 60.46 ? 58  ARG A NH2 1 
ATOM   270  N N   . PRO A 1 59  ? 7.375   25.073  -17.815 1.00 26.66 ? 59  PRO A N   1 
ATOM   271  C CA  . PRO A 1 59  ? 6.041   25.142  -18.402 1.00 25.99 ? 59  PRO A CA  1 
ATOM   272  C C   . PRO A 1 59  ? 5.630   23.820  -19.066 1.00 21.87 ? 59  PRO A C   1 
ATOM   273  O O   . PRO A 1 59  ? 4.458   23.469  -19.027 1.00 23.97 ? 59  PRO A O   1 
ATOM   274  C CB  . PRO A 1 59  ? 6.119   26.320  -19.406 1.00 24.27 ? 59  PRO A CB  1 
ATOM   275  C CG  . PRO A 1 59  ? 7.574   26.495  -19.652 1.00 26.36 ? 59  PRO A CG  1 
ATOM   276  C CD  . PRO A 1 59  ? 8.263   26.122  -18.345 1.00 29.05 ? 59  PRO A CD  1 
ATOM   277  N N   . THR A 1 60  ? 6.597   23.108  -19.651 1.00 22.93 ? 60  THR A N   1 
ATOM   278  C CA  . THR A 1 60  ? 6.300   21.795  -20.251 1.00 23.29 ? 60  THR A CA  1 
ATOM   279  C C   . THR A 1 60  ? 5.814   20.840  -19.138 1.00 24.15 ? 60  THR A C   1 
ATOM   280  O O   . THR A 1 60  ? 4.783   20.186  -19.300 1.00 25.42 ? 60  THR A O   1 
ATOM   281  C CB  . THR A 1 60  ? 7.446   21.283  -21.118 1.00 23.14 ? 60  THR A CB  1 
ATOM   282  O OG1 . THR A 1 60  ? 7.621   22.111  -22.273 1.00 21.27 ? 60  THR A OG1 1 
ATOM   283  C CG2 . THR A 1 60  ? 7.197   19.862  -21.589 1.00 23.62 ? 60  THR A CG2 1 
ATOM   284  N N   . PHE A 1 61  ? 6.489   20.840  -17.978 1.00 23.70 ? 61  PHE A N   1 
ATOM   285  C CA  . PHE A 1 61  ? 6.009   20.088  -16.821 1.00 26.35 ? 61  PHE A CA  1 
ATOM   286  C C   . PHE A 1 61  ? 4.506   20.367  -16.582 1.00 32.06 ? 61  PHE A C   1 
ATOM   287  O O   . PHE A 1 61  ? 3.704   19.426  -16.397 1.00 28.20 ? 61  PHE A O   1 
ATOM   288  C CB  . PHE A 1 61  ? 6.803   20.443  -15.557 1.00 29.05 ? 61  PHE A CB  1 
ATOM   289  C CG  . PHE A 1 61  ? 6.224   19.891  -14.270 1.00 26.64 ? 61  PHE A CG  1 
ATOM   290  C CD1 . PHE A 1 61  ? 6.690   18.693  -13.740 1.00 30.24 ? 61  PHE A CD1 1 
ATOM   291  C CD2 . PHE A 1 61  ? 5.203   20.548  -13.592 1.00 30.59 ? 61  PHE A CD2 1 
ATOM   292  C CE1 . PHE A 1 61  ? 6.135   18.166  -12.581 1.00 28.68 ? 61  PHE A CE1 1 
ATOM   293  C CE2 . PHE A 1 61  ? 4.636   20.012  -12.432 1.00 32.06 ? 61  PHE A CE2 1 
ATOM   294  C CZ  . PHE A 1 61  ? 5.119   18.819  -11.919 1.00 31.64 ? 61  PHE A CZ  1 
ATOM   295  N N   . TYR A 1 62  ? 4.131   21.658  -16.537 1.00 28.70 ? 62  TYR A N   1 
ATOM   296  C CA  . TYR A 1 62  ? 2.791   22.063  -16.091 1.00 29.30 ? 62  TYR A CA  1 
ATOM   297  C C   . TYR A 1 62  ? 1.747   21.659  -17.109 1.00 27.40 ? 62  TYR A C   1 
ATOM   298  O O   . TYR A 1 62  ? 0.569   21.708  -16.815 1.00 31.54 ? 62  TYR A O   1 
ATOM   299  C CB  . TYR A 1 62  ? 2.691   23.556  -15.821 1.00 30.59 ? 62  TYR A CB  1 
ATOM   300  C CG  . TYR A 1 62  ? 3.228   23.973  -14.482 1.00 36.29 ? 62  TYR A CG  1 
ATOM   301  C CD1 . TYR A 1 62  ? 2.616   23.567  -13.302 1.00 34.77 ? 62  TYR A CD1 1 
ATOM   302  C CD2 . TYR A 1 62  ? 4.363   24.755  -14.396 1.00 39.41 ? 62  TYR A CD2 1 
ATOM   303  C CE1 . TYR A 1 62  ? 3.099   23.977  -12.073 1.00 34.89 ? 62  TYR A CE1 1 
ATOM   304  C CE2 . TYR A 1 62  ? 4.861   25.156  -13.169 1.00 45.30 ? 62  TYR A CE2 1 
ATOM   305  C CZ  . TYR A 1 62  ? 4.222   24.765  -12.009 1.00 38.08 ? 62  TYR A CZ  1 
ATOM   306  O OH  . TYR A 1 62  ? 4.730   25.168  -10.816 1.00 44.58 ? 62  TYR A OH  1 
ATOM   307  N N   . PHE A 1 63  ? 2.192   21.276  -18.299 1.00 30.69 ? 63  PHE A N   1 
ATOM   308  C CA  . PHE A 1 63  ? 1.309   20.680  -19.262 1.00 28.95 ? 63  PHE A CA  1 
ATOM   309  C C   . PHE A 1 63  ? 0.825   19.304  -18.772 1.00 34.93 ? 63  PHE A C   1 
ATOM   310  O O   . PHE A 1 63  ? -0.338  18.939  -19.022 1.00 30.62 ? 63  PHE A O   1 
ATOM   311  C CB  . PHE A 1 63  ? 1.974   20.502  -20.625 1.00 30.40 ? 63  PHE A CB  1 
ATOM   312  C CG  . PHE A 1 63  ? 1.042   19.918  -21.652 1.00 29.88 ? 63  PHE A CG  1 
ATOM   313  C CD1 . PHE A 1 63  ? 0.013   20.681  -22.185 1.00 31.74 ? 63  PHE A CD1 1 
ATOM   314  C CD2 . PHE A 1 63  ? 1.148   18.591  -22.042 1.00 33.85 ? 63  PHE A CD2 1 
ATOM   315  C CE1 . PHE A 1 63  ? -0.874  20.149  -23.110 1.00 30.10 ? 63  PHE A CE1 1 
ATOM   316  C CE2 . PHE A 1 63  ? 0.264   18.051  -22.971 1.00 34.88 ? 63  PHE A CE2 1 
ATOM   317  C CZ  . PHE A 1 63  ? -0.747  18.830  -23.498 1.00 36.24 ? 63  PHE A CZ  1 
ATOM   318  N N   . TYR A 1 64  ? 1.728   18.519  -18.161 1.00 30.40 ? 64  TYR A N   1 
ATOM   319  C CA  . TYR A 1 64  ? 1.440   17.094  -17.736 1.00 31.40 ? 64  TYR A CA  1 
ATOM   320  C C   . TYR A 1 64  ? 0.805   17.049  -16.345 1.00 29.85 ? 64  TYR A C   1 
ATOM   321  O O   . TYR A 1 64  ? 0.021   16.171  -16.097 1.00 33.79 ? 64  TYR A O   1 
ATOM   322  C CB  . TYR A 1 64  ? 2.726   16.254  -17.772 1.00 29.91 ? 64  TYR A CB  1 
ATOM   323  C CG  . TYR A 1 64  ? 3.188   16.060  -19.181 1.00 28.92 ? 64  TYR A CG  1 
ATOM   324  C CD1 . TYR A 1 64  ? 2.573   15.127  -20.004 1.00 30.08 ? 64  TYR A CD1 1 
ATOM   325  C CD2 . TYR A 1 64  ? 4.163   16.871  -19.732 1.00 28.78 ? 64  TYR A CD2 1 
ATOM   326  C CE1 . TYR A 1 64  ? 2.921   14.999  -21.346 1.00 35.07 ? 64  TYR A CE1 1 
ATOM   327  C CE2 . TYR A 1 64  ? 4.532   16.739  -21.066 1.00 29.34 ? 64  TYR A CE2 1 
ATOM   328  C CZ  . TYR A 1 64  ? 3.900   15.817  -21.880 1.00 33.15 ? 64  TYR A CZ  1 
ATOM   329  O OH  . TYR A 1 64  ? 4.295   15.681  -23.171 1.00 34.62 ? 64  TYR A OH  1 
ATOM   330  N N   . PHE A 1 65  ? 1.204   17.938  -15.428 1.00 32.49 ? 65  PHE A N   1 
ATOM   331  C CA  . PHE A 1 65  ? 0.734   17.926  -14.037 1.00 30.80 ? 65  PHE A CA  1 
ATOM   332  C C   . PHE A 1 65  ? 0.560   19.352  -13.531 1.00 34.93 ? 65  PHE A C   1 
ATOM   333  O O   . PHE A 1 65  ? 1.392   20.230  -13.780 1.00 31.40 ? 65  PHE A O   1 
ATOM   334  C CB  . PHE A 1 65  ? 1.710   17.214  -13.076 1.00 30.65 ? 65  PHE A CB  1 
ATOM   335  C CG  . PHE A 1 65  ? 1.922   15.754  -13.365 1.00 27.87 ? 65  PHE A CG  1 
ATOM   336  C CD1 . PHE A 1 65  ? 1.102   14.781  -12.795 1.00 29.06 ? 65  PHE A CD1 1 
ATOM   337  C CD2 . PHE A 1 65  ? 2.950   15.342  -14.191 1.00 28.53 ? 65  PHE A CD2 1 
ATOM   338  C CE1 . PHE A 1 65  ? 1.304   13.436  -13.062 1.00 28.86 ? 65  PHE A CE1 1 
ATOM   339  C CE2 . PHE A 1 65  ? 3.158   13.994  -14.458 1.00 29.61 ? 65  PHE A CE2 1 
ATOM   340  C CZ  . PHE A 1 65  ? 2.335   13.043  -13.892 1.00 33.08 ? 65  PHE A CZ  1 
ATOM   341  N N   . PRO A 1 66  ? -0.514  19.617  -12.755 1.00 35.10 ? 66  PRO A N   1 
ATOM   342  C CA  . PRO A 1 66  ? -0.724  20.950  -12.204 1.00 36.27 ? 66  PRO A CA  1 
ATOM   343  C C   . PRO A 1 66  ? 0.189   21.326  -11.046 1.00 40.07 ? 66  PRO A C   1 
ATOM   344  O O   . PRO A 1 66  ? 0.306   22.509  -10.801 1.00 38.32 ? 66  PRO A O   1 
ATOM   345  C CB  . PRO A 1 66  ? -2.199  20.918  -11.768 1.00 40.05 ? 66  PRO A CB  1 
ATOM   346  C CG  . PRO A 1 66  ? -2.464  19.458  -11.475 1.00 39.42 ? 66  PRO A CG  1 
ATOM   347  C CD  . PRO A 1 66  ? -1.638  18.700  -12.492 1.00 36.16 ? 66  PRO A CD  1 
ATOM   348  N N   . SER A 1 67  ? 0.852   20.347  -10.390 1.00 33.08 ? 67  SER A N   1 
ATOM   349  C CA  . SER A 1 67  ? 1.691   20.597  -9.211  1.00 34.48 ? 67  SER A CA  1 
ATOM   350  C C   . SER A 1 67  ? 2.535   19.355  -8.881  1.00 32.33 ? 67  SER A C   1 
ATOM   351  O O   . SER A 1 67  ? 2.225   18.270  -9.338  1.00 27.43 ? 67  SER A O   1 
ATOM   352  C CB  . SER A 1 67  ? 0.844   20.901  -8.029  1.00 39.07 ? 67  SER A CB  1 
ATOM   353  O OG  . SER A 1 67  ? 0.006   19.783  -7.798  1.00 37.98 ? 67  SER A OG  1 
ATOM   354  N N   . LYS A 1 68  ? 3.536   19.530  -8.022  1.00 33.64 ? 68  LYS A N   1 
ATOM   355  C CA  . LYS A 1 68  ? 4.343   18.411  -7.583  1.00 34.68 ? 68  LYS A CA  1 
ATOM   356  C C   . LYS A 1 68  ? 3.446   17.453  -6.777  1.00 36.45 ? 68  LYS A C   1 
ATOM   357  O O   . LYS A 1 68  ? 3.650   16.224  -6.819  1.00 33.55 ? 68  LYS A O   1 
ATOM   358  C CB  . LYS A 1 68  ? 5.573   18.898  -6.818  1.00 34.40 ? 68  LYS A CB  1 
ATOM   359  C CG  . LYS A 1 68  ? 5.284   19.598  -5.496  1.00 36.47 ? 68  LYS A CG  1 
ATOM   360  C CD  . LYS A 1 68  ? 6.552   20.048  -4.808  1.00 37.09 ? 68  LYS A CD  1 
ATOM   361  C CE  . LYS A 1 68  ? 6.304   20.727  -3.477  1.00 41.08 ? 68  LYS A CE  1 
ATOM   362  N NZ  . LYS A 1 68  ? 7.559   21.240  -2.879  1.00 42.86 ? 68  LYS A NZ  1 
ATOM   363  N N   . GLU A 1 69  ? 2.410   18.008  -6.131  1.00 35.32 ? 69  GLU A N   1 
ATOM   364  C CA  . GLU A 1 69  ? 1.500   17.240  -5.295  1.00 34.99 ? 69  GLU A CA  1 
ATOM   365  C C   . GLU A 1 69  ? 0.699   16.277  -6.173  1.00 35.21 ? 69  GLU A C   1 
ATOM   366  O O   . GLU A 1 69  ? 0.492   15.146  -5.783  1.00 32.27 ? 69  GLU A O   1 
ATOM   367  C CB  . GLU A 1 69  ? 0.598   18.150  -4.471  1.00 33.28 ? 69  GLU A CB  1 
ATOM   368  C CG  . GLU A 1 69  ? 1.354   18.853  -3.361  1.00 35.88 ? 69  GLU A CG  1 
ATOM   369  C CD  . GLU A 1 69  ? 2.016   20.174  -3.703  1.00 38.57 ? 69  GLU A CD  1 
ATOM   370  O OE1 . GLU A 1 69  ? 1.904   20.632  -4.855  1.00 36.05 ? 69  GLU A OE1 1 
ATOM   371  O OE2 . GLU A 1 69  ? 2.698   20.699  -2.832  1.00 41.87 ? 69  GLU A OE2 1 
ATOM   372  N N   . ALA A 1 70  ? 0.341   16.700  -7.402  1.00 30.31 ? 70  ALA A N   1 
ATOM   373  C CA  . ALA A 1 70  ? -0.381  15.830  -8.337  1.00 28.02 ? 70  ALA A CA  1 
ATOM   374  C C   . ALA A 1 70  ? 0.512   14.683  -8.807  1.00 24.79 ? 70  ALA A C   1 
ATOM   375  O O   . ALA A 1 70  ? 0.028   13.597  -9.118  1.00 25.49 ? 70  ALA A O   1 
ATOM   376  C CB  . ALA A 1 70  ? -0.898  16.606  -9.530  1.00 31.06 ? 70  ALA A CB  1 
ATOM   377  N N   . VAL A 1 71  ? 1.810   14.944  -8.906  1.00 23.64 ? 71  VAL A N   1 
ATOM   378  C CA  . VAL A 1 71  ? 2.750   13.907  -9.294  1.00 25.46 ? 71  VAL A CA  1 
ATOM   379  C C   . VAL A 1 71  ? 2.721   12.805  -8.212  1.00 22.42 ? 71  VAL A C   1 
ATOM   380  O O   . VAL A 1 71  ? 2.676   11.667  -8.539  1.00 21.72 ? 71  VAL A O   1 
ATOM   381  C CB  . VAL A 1 71  ? 4.183   14.437  -9.498  1.00 24.64 ? 71  VAL A CB  1 
ATOM   382  C CG1 . VAL A 1 71  ? 5.139   13.329  -9.893  1.00 25.85 ? 71  VAL A CG1 1 
ATOM   383  C CG2 . VAL A 1 71  ? 4.200   15.534  -10.561 1.00 27.74 ? 71  VAL A CG2 1 
ATOM   384  N N   . LEU A 1 72  ? 2.806   13.211  -6.956  1.00 23.18 ? 72  LEU A N   1 
ATOM   385  C CA  . LEU A 1 72  ? 2.782   12.221  -5.834  1.00 26.24 ? 72  LEU A CA  1 
ATOM   386  C C   . LEU A 1 72  ? 1.474   11.428  -5.838  1.00 27.02 ? 72  LEU A C   1 
ATOM   387  O O   . LEU A 1 72  ? 1.476   10.203  -5.645  1.00 25.93 ? 72  LEU A O   1 
ATOM   388  C CB  . LEU A 1 72  ? 2.984   12.939  -4.513  1.00 24.67 ? 72  LEU A CB  1 
ATOM   389  C CG  . LEU A 1 72  ? 2.879   12.056  -3.259  1.00 26.30 ? 72  LEU A CG  1 
ATOM   390  C CD1 . LEU A 1 72  ? 3.866   10.883  -3.327  1.00 27.29 ? 72  LEU A CD1 1 
ATOM   391  C CD2 . LEU A 1 72  ? 3.112   12.885  -1.996  1.00 28.31 ? 72  LEU A CD2 1 
ATOM   392  N N   . LEU A 1 73  ? 0.348   12.111  -6.104  1.00 25.68 ? 73  LEU A N   1 
ATOM   393  C CA  . LEU A 1 73  ? -0.940  11.452  -6.138  1.00 25.71 ? 73  LEU A CA  1 
ATOM   394  C C   . LEU A 1 73  ? -0.902  10.370  -7.210  1.00 25.30 ? 73  LEU A C   1 
ATOM   395  O O   . LEU A 1 73  ? -1.364  9.241   -6.974  1.00 23.45 ? 73  LEU A O   1 
ATOM   396  C CB  . LEU A 1 73  ? -2.080  12.465  -6.370  1.00 26.38 ? 73  LEU A CB  1 
ATOM   397  C CG  . LEU A 1 73  ? -3.464  11.855  -6.618  1.00 28.06 ? 73  LEU A CG  1 
ATOM   398  C CD1 . LEU A 1 73  ? -3.959  11.125  -5.366  1.00 28.24 ? 73  LEU A CD1 1 
ATOM   399  C CD2 . LEU A 1 73  ? -4.478  12.920  -7.045  1.00 28.48 ? 73  LEU A CD2 1 
ATOM   400  N N   . THR A 1 74  ? -0.326  10.694  -8.383  1.00 23.81 ? 74  THR A N   1 
ATOM   401  C CA  . THR A 1 74  ? -0.270  9.737   -9.433  1.00 22.30 ? 74  THR A CA  1 
ATOM   402  C C   . THR A 1 74  ? 0.634   8.562   -9.035  1.00 21.98 ? 74  THR A C   1 
ATOM   403  O O   . THR A 1 74  ? 0.330   7.420   -9.333  1.00 22.92 ? 74  THR A O   1 
ATOM   404  C CB  . THR A 1 74  ? 0.197   10.348  -10.772 1.00 25.34 ? 74  THR A CB  1 
ATOM   405  O OG1 . THR A 1 74  ? -0.761  11.338  -11.157 1.00 29.16 ? 74  THR A OG1 1 
ATOM   406  C CG2 . THR A 1 74  ? 0.245   9.323   -11.873 1.00 24.70 ? 74  THR A CG2 1 
ATOM   407  N N   . LEU A 1 75  ? 1.796   8.865   -8.460  1.00 21.83 ? 75  LEU A N   1 
ATOM   408  C CA  . LEU A 1 75  ? 2.696   7.786   -8.055  1.00 23.01 ? 75  LEU A CA  1 
ATOM   409  C C   . LEU A 1 75  ? 1.961   6.840   -7.084  1.00 21.86 ? 75  LEU A C   1 
ATOM   410  O O   . LEU A 1 75  ? 2.004   5.614   -7.249  1.00 23.79 ? 75  LEU A O   1 
ATOM   411  C CB  . LEU A 1 75  ? 3.924   8.356   -7.368  1.00 23.00 ? 75  LEU A CB  1 
ATOM   412  C CG  . LEU A 1 75  ? 4.957   9.011   -8.276  1.00 23.82 ? 75  LEU A CG  1 
ATOM   413  C CD1 . LEU A 1 75  ? 5.929   9.810   -7.438  1.00 25.90 ? 75  LEU A CD1 1 
ATOM   414  C CD2 . LEU A 1 75  ? 5.651   7.999   -9.118  1.00 24.29 ? 75  LEU A CD2 1 
ATOM   415  N N   . LEU A 1 76  ? 1.261   7.419   -6.117  1.00 22.49 ? 76  LEU A N   1 
ATOM   416  C CA  . LEU A 1 76  ? 0.575   6.605   -5.118  1.00 21.35 ? 76  LEU A CA  1 
ATOM   417  C C   . LEU A 1 76  ? -0.520  5.773   -5.779  1.00 22.30 ? 76  LEU A C   1 
ATOM   418  O O   . LEU A 1 76  ? -0.675  4.608   -5.482  1.00 22.23 ? 76  LEU A O   1 
ATOM   419  C CB  . LEU A 1 76  ? 0.037   7.480   -3.994  1.00 24.58 ? 76  LEU A CB  1 
ATOM   420  C CG  . LEU A 1 76  ? -0.678  6.690   -2.879  1.00 24.81 ? 76  LEU A CG  1 
ATOM   421  C CD1 . LEU A 1 76  ? 0.294   5.721   -2.207  1.00 25.34 ? 76  LEU A CD1 1 
ATOM   422  C CD2 . LEU A 1 76  ? -1.305  7.647   -1.867  1.00 24.47 ? 76  LEU A CD2 1 
ATOM   423  N N   . ASP A 1 77  ? -1.311  6.398   -6.652  1.00 23.95 ? 77  ASP A N   1 
ATOM   424  C CA  . ASP A 1 77  ? -2.371  5.738   -7.421  1.00 22.23 ? 77  ASP A CA  1 
ATOM   425  C C   . ASP A 1 77  ? -1.803  4.523   -8.135  1.00 21.81 ? 77  ASP A C   1 
ATOM   426  O O   . ASP A 1 77  ? -2.431  3.475   -8.151  1.00 21.95 ? 77  ASP A O   1 
ATOM   427  C CB  . ASP A 1 77  ? -3.054  6.729   -8.372  1.00 25.19 ? 77  ASP A CB  1 
ATOM   428  C CG  . ASP A 1 77  ? -4.250  6.124   -9.062  1.00 29.04 ? 77  ASP A CG  1 
ATOM   429  O OD1 . ASP A 1 77  ? -5.314  6.146   -8.495  1.00 31.54 ? 77  ASP A OD1 1 
ATOM   430  O OD2 . ASP A 1 77  ? -4.052  5.504   -10.086 1.00 36.56 ? 77  ASP A OD2 1 
ATOM   431  N N   . ARG A 1 78  ? -0.595  4.635   -8.696  1.00 20.30 ? 78  ARG A N   1 
ATOM   432  C CA  . ARG A 1 78  ? -0.017  3.542   -9.457  1.00 23.19 ? 78  ARG A CA  1 
ATOM   433  C C   . ARG A 1 78  ? 0.368   2.387   -8.523  1.00 21.35 ? 78  ARG A C   1 
ATOM   434  O O   . ARG A 1 78  ? 0.081   1.223   -8.805  1.00 20.24 ? 78  ARG A O   1 
ATOM   435  C CB  . ARG A 1 78  ? 1.190   4.043   -10.254 1.00 27.44 ? 78  ARG A CB  1 
ATOM   436  C CG  . ARG A 1 78  ? 0.773   4.867   -11.471 1.00 30.50 ? 78  ARG A CG  1 
ATOM   437  C CD  . ARG A 1 78  ? 1.920   5.747   -11.977 1.00 33.98 ? 78  ARG A CD  1 
ATOM   438  N NE  . ARG A 1 78  ? 3.068   4.972   -12.419 1.00 35.26 ? 78  ARG A NE  1 
ATOM   439  C CZ  . ARG A 1 78  ? 3.156   4.361   -13.596 1.00 39.08 ? 78  ARG A CZ  1 
ATOM   440  N NH1 . ARG A 1 78  ? 2.141   4.405   -14.443 1.00 37.31 ? 78  ARG A NH1 1 
ATOM   441  N NH2 . ARG A 1 78  ? 4.254   3.710   -13.924 1.00 38.35 ? 78  ARG A NH2 1 
ATOM   442  N N   . VAL A 1 79  ? 1.029   2.732   -7.422  1.00 20.82 ? 79  VAL A N   1 
ATOM   443  C CA  . VAL A 1 79  ? 1.485   1.728   -6.435  1.00 22.63 ? 79  VAL A CA  1 
ATOM   444  C C   . VAL A 1 79  ? 0.278   0.985   -5.837  1.00 22.36 ? 79  VAL A C   1 
ATOM   445  O O   . VAL A 1 79  ? 0.254   -0.244  -5.784  1.00 22.72 ? 79  VAL A O   1 
ATOM   446  C CB  . VAL A 1 79  ? 2.355   2.380   -5.349  1.00 23.15 ? 79  VAL A CB  1 
ATOM   447  C CG1 . VAL A 1 79  ? 2.687   1.399   -4.232  1.00 26.77 ? 79  VAL A CG1 1 
ATOM   448  C CG2 . VAL A 1 79  ? 3.635   2.951   -5.944  1.00 24.32 ? 79  VAL A CG2 1 
ATOM   449  N N   . VAL A 1 80  ? -0.748  1.737   -5.447  1.00 19.91 ? 80  VAL A N   1 
ATOM   450  C CA  . VAL A 1 80  ? -1.951  1.174   -4.809  1.00 21.80 ? 80  VAL A CA  1 
ATOM   451  C C   . VAL A 1 80  ? -2.667  0.228   -5.782  1.00 21.83 ? 80  VAL A C   1 
ATOM   452  O O   . VAL A 1 80  ? -3.039  -0.898  -5.453  1.00 18.66 ? 80  VAL A O   1 
ATOM   453  C CB  . VAL A 1 80  ? -2.800  2.353   -4.328  1.00 25.25 ? 80  VAL A CB  1 
ATOM   454  C CG1 . VAL A 1 80  ? -4.261  2.045   -4.227  1.00 30.65 ? 80  VAL A CG1 1 
ATOM   455  C CG2 . VAL A 1 80  ? -2.230  2.957   -3.049  1.00 25.15 ? 80  VAL A CG2 1 
ATOM   456  N N   . ASN A 1 81  ? -2.833  0.685   -7.032  1.00 23.47 ? 81  ASN A N   1 
ATOM   457  C CA  . ASN A 1 81  ? -3.488  -0.136  -8.070  1.00 22.50 ? 81  ASN A CA  1 
ATOM   458  C C   . ASN A 1 81  ? -2.632  -1.363  -8.390  1.00 21.57 ? 81  ASN A C   1 
ATOM   459  O O   . ASN A 1 81  ? -3.152  -2.432  -8.648  1.00 21.77 ? 81  ASN A O   1 
ATOM   460  C CB  . ASN A 1 81  ? -3.793  0.714   -9.307  1.00 25.28 ? 81  ASN A CB  1 
ATOM   461  C CG  . ASN A 1 81  ? -5.139  1.385   -9.163  1.00 27.47 ? 81  ASN A CG  1 
ATOM   462  O OD1 . ASN A 1 81  ? -6.171  0.722   -9.322  1.00 26.88 ? 81  ASN A OD1 1 
ATOM   463  N ND2 . ASN A 1 81  ? -5.123  2.639   -8.766  1.00 24.64 ? 81  ASN A ND2 1 
ATOM   464  N N   . GLN A 1 82  ? -1.311  -1.220  -8.342  1.00 22.36 ? 82  GLN A N   1 
ATOM   465  C CA  . GLN A 1 82  ? -0.445  -2.359  -8.608  1.00 22.40 ? 82  GLN A CA  1 
ATOM   466  C C   . GLN A 1 82  ? -0.664  -3.433  -7.528  1.00 20.02 ? 82  GLN A C   1 
ATOM   467  O O   . GLN A 1 82  ? -0.785  -4.622  -7.817  1.00 17.32 ? 82  GLN A O   1 
ATOM   468  C CB  . GLN A 1 82  ? 0.995   -1.869  -8.694  1.00 26.83 ? 82  GLN A CB  1 
ATOM   469  C CG  . GLN A 1 82  ? 2.010   -2.984  -8.862  1.00 32.51 ? 82  GLN A CG  1 
ATOM   470  C CD  . GLN A 1 82  ? 3.418   -2.434  -8.827  1.00 39.18 ? 82  GLN A CD  1 
ATOM   471  O OE1 . GLN A 1 82  ? 3.679   -1.292  -9.196  1.00 42.60 ? 82  GLN A OE1 1 
ATOM   472  N NE2 . GLN A 1 82  ? 4.336   -3.261  -8.368  1.00 40.70 ? 82  GLN A NE2 1 
ATOM   473  N N   . ALA A 1 83  ? -0.713  -3.022  -6.248  1.00 19.78 ? 83  ALA A N   1 
ATOM   474  C CA  . ALA A 1 83  ? -0.998  -3.964  -5.152  1.00 19.70 ? 83  ALA A CA  1 
ATOM   475  C C   . ALA A 1 83  ? -2.379  -4.592  -5.367  1.00 19.42 ? 83  ALA A C   1 
ATOM   476  O O   . ALA A 1 83  ? -2.540  -5.763  -5.165  1.00 21.19 ? 83  ALA A O   1 
ATOM   477  C CB  . ALA A 1 83  ? -0.929  -3.231  -3.815  1.00 20.62 ? 83  ALA A CB  1 
ATOM   478  N N   . ASP A 1 84  ? -3.374  -3.754  -5.672  1.00 18.98 ? 84  ASP A N   1 
ATOM   479  C CA  . ASP A 1 84  ? -4.711  -4.223  -5.798  1.00 19.18 ? 84  ASP A CA  1 
ATOM   480  C C   . ASP A 1 84  ? -4.803  -5.262  -6.932  1.00 21.45 ? 84  ASP A C   1 
ATOM   481  O O   . ASP A 1 84  ? -5.447  -6.300  -6.734  1.00 20.31 ? 84  ASP A O   1 
ATOM   482  C CB  . ASP A 1 84  ? -5.684  -3.077  -6.057  1.00 20.59 ? 84  ASP A CB  1 
ATOM   483  C CG  . ASP A 1 84  ? -7.120  -3.516  -5.918  1.00 25.07 ? 84  ASP A CG  1 
ATOM   484  O OD1 . ASP A 1 84  ? -7.459  -4.023  -4.807  1.00 21.52 ? 84  ASP A OD1 1 
ATOM   485  O OD2 . ASP A 1 84  ? -7.874  -3.392  -6.932  1.00 21.81 ? 84  ASP A OD2 1 
ATOM   486  N N   . MET A 1 85  ? -4.157  -4.985  -8.086  1.00 20.31 ? 85  MET A N   1 
ATOM   487  C CA  . MET A 1 85  ? -4.146  -5.927  -9.242  1.00 25.14 ? 85  MET A CA  1 
ATOM   488  C C   . MET A 1 85  ? -3.435  -7.220  -8.877  1.00 22.89 ? 85  MET A C   1 
ATOM   489  O O   . MET A 1 85  ? -3.939  -8.303  -9.221  1.00 20.46 ? 85  MET A O   1 
ATOM   490  C CB  . MET A 1 85  ? -3.482  -5.302  -10.477 1.00 27.12 ? 85  MET A CB  1 
ATOM   491  C CG  . MET A 1 85  ? -4.305  -4.145  -10.987 1.00 33.76 ? 85  MET A CG  1 
ATOM   492  S SD  . MET A 1 85  ? -3.604  -3.460  -12.507 1.00 51.96 ? 85  MET A SD  1 
ATOM   493  C CE  . MET A 1 85  ? -2.331  -2.348  -11.893 1.00 48.55 ? 85  MET A CE  1 
ATOM   494  N N   . ALA A 1 86  ? -2.325  -7.130  -8.121  1.00 21.54 ? 86  ALA A N   1 
ATOM   495  C CA  . ALA A 1 86  ? -1.698  -8.349  -7.621  1.00 21.58 ? 86  ALA A CA  1 
ATOM   496  C C   . ALA A 1 86  ? -2.654  -9.139  -6.721  1.00 22.42 ? 86  ALA A C   1 
ATOM   497  O O   . ALA A 1 86  ? -2.721  -10.343 -6.816  1.00 21.78 ? 86  ALA A O   1 
ATOM   498  C CB  . ALA A 1 86  ? -0.398  -8.047  -6.920  1.00 23.71 ? 86  ALA A CB  1 
ATOM   499  N N   . LEU A 1 87  ? -3.369  -8.491  -5.796  1.00 23.23 ? 87  LEU A N   1 
ATOM   500  C CA  . LEU A 1 87  ? -4.301  -9.236  -4.958  1.00 23.05 ? 87  LEU A CA  1 
ATOM   501  C C   . LEU A 1 87  ? -5.426  -9.866  -5.804  1.00 23.57 ? 87  LEU A C   1 
ATOM   502  O O   . LEU A 1 87  ? -5.791  -11.003 -5.557  1.00 23.40 ? 87  LEU A O   1 
ATOM   503  C CB  . LEU A 1 87  ? -4.873  -8.315  -3.877  1.00 21.63 ? 87  LEU A CB  1 
ATOM   504  C CG  . LEU A 1 87  ? -5.907  -8.948  -2.950  1.00 23.52 ? 87  LEU A CG  1 
ATOM   505  C CD1 . LEU A 1 87  ? -5.279  -10.009 -2.048  1.00 24.89 ? 87  LEU A CD1 1 
ATOM   506  C CD2 . LEU A 1 87  ? -6.540  -7.870  -2.099  1.00 24.38 ? 87  LEU A CD2 1 
ATOM   507  N N   . GLN A 1 88  ? -5.925  -9.155  -6.813  1.00 24.55 ? 88  GLN A N   1 
ATOM   508  C CA  . GLN A 1 88  ? -7.010  -9.716  -7.705  1.00 26.20 ? 88  GLN A CA  1 
ATOM   509  C C   . GLN A 1 88  ? -6.513  -10.995 -8.380  1.00 24.92 ? 88  GLN A C   1 
ATOM   510  O O   . GLN A 1 88  ? -7.260  -11.970 -8.504  1.00 27.98 ? 88  GLN A O   1 
ATOM   511  C CB  . GLN A 1 88  ? -7.435  -8.726  -8.787  1.00 26.49 ? 88  GLN A CB  1 
ATOM   512  C CG  . GLN A 1 88  ? -8.250  -7.567  -8.264  1.00 31.23 ? 88  GLN A CG  1 
ATOM   513  C CD  . GLN A 1 88  ? -8.561  -6.586  -9.364  1.00 41.35 ? 88  GLN A CD  1 
ATOM   514  O OE1 . GLN A 1 88  ? -8.201  -5.408  -9.281  1.00 47.09 ? 88  GLN A OE1 1 
ATOM   515  N NE2 . GLN A 1 88  ? -9.166  -7.092  -10.432 1.00 34.70 ? 88  GLN A NE2 1 
ATOM   516  N N   . THR A 1 89  ? -5.228  -11.003 -8.757  1.00 26.47 ? 89  THR A N   1 
ATOM   517  C CA  . THR A 1 89  ? -4.606  -12.142 -9.421  1.00 30.26 ? 89  THR A CA  1 
ATOM   518  C C   . THR A 1 89  ? -4.592  -13.350 -8.492  1.00 31.81 ? 89  THR A C   1 
ATOM   519  O O   . THR A 1 89  ? -4.951  -14.502 -8.836  1.00 29.17 ? 89  THR A O   1 
ATOM   520  C CB  . THR A 1 89  ? -3.190  -11.771 -9.882  1.00 34.72 ? 89  THR A CB  1 
ATOM   521  O OG1 . THR A 1 89  ? -3.380  -10.800 -10.914 1.00 32.39 ? 89  THR A OG1 1 
ATOM   522  C CG2 . THR A 1 89  ? -2.386  -12.936 -10.415 1.00 37.94 ? 89  THR A CG2 1 
ATOM   523  N N   . LEU A 1 90  ? -4.143  -13.091 -7.276  1.00 30.50 ? 90  LEU A N   1 
ATOM   524  C CA  . LEU A 1 90  ? -4.103  -14.110 -6.263  1.00 29.52 ? 90  LEU A CA  1 
ATOM   525  C C   . LEU A 1 90  ? -5.503  -14.645 -5.972  1.00 32.54 ? 90  LEU A C   1 
ATOM   526  O O   . LEU A 1 90  ? -5.669  -15.847 -5.802  1.00 36.19 ? 90  LEU A O   1 
ATOM   527  C CB  . LEU A 1 90  ? -3.502  -13.446 -5.021  1.00 32.26 ? 90  LEU A CB  1 
ATOM   528  C CG  . LEU A 1 90  ? -2.980  -14.365 -3.944  1.00 35.55 ? 90  LEU A CG  1 
ATOM   529  C CD1 . LEU A 1 90  ? -2.097  -15.453 -4.546  1.00 36.78 ? 90  LEU A CD1 1 
ATOM   530  C CD2 . LEU A 1 90  ? -2.238  -13.546 -2.889  1.00 32.36 ? 90  LEU A CD2 1 
ATOM   531  N N   . ALA A 1 91  ? -6.495  -13.743 -5.891  1.00 33.05 ? 91  ALA A N   1 
ATOM   532  C CA  . ALA A 1 91  ? -7.855  -14.088 -5.535  1.00 34.77 ? 91  ALA A CA  1 
ATOM   533  C C   . ALA A 1 91  ? -8.460  -15.030 -6.594  1.00 42.24 ? 91  ALA A C   1 
ATOM   534  O O   . ALA A 1 91  ? -9.268  -15.882 -6.276  1.00 42.67 ? 91  ALA A O   1 
ATOM   535  C CB  . ALA A 1 91  ? -8.683  -12.836 -5.407  1.00 30.64 ? 91  ALA A CB  1 
ATOM   536  N N   . GLU A 1 92  ? -8.103  -14.809 -7.861  1.00 40.98 ? 92  GLU A N   1 
ATOM   537  C CA  . GLU A 1 92  ? -8.597  -15.595 -8.967  1.00 44.71 ? 92  GLU A CA  1 
ATOM   538  C C   . GLU A 1 92  ? -7.835  -16.935 -9.044  1.00 46.93 ? 92  GLU A C   1 
ATOM   539  O O   . GLU A 1 92  ? -8.351  -17.868 -9.588  1.00 54.08 ? 92  GLU A O   1 
ATOM   540  C CB  . GLU A 1 92  ? -8.435  -14.780 -10.255 1.00 46.39 ? 92  GLU A CB  1 
ATOM   541  C CG  . GLU A 1 92  ? -9.337  -13.552 -10.361 1.00 45.74 ? 92  GLU A CG  1 
ATOM   542  C CD  . GLU A 1 92  ? -8.968  -12.625 -11.512 1.00 52.42 ? 92  GLU A CD  1 
ATOM   543  O OE1 . GLU A 1 92  ? -7.954  -12.879 -12.164 1.00 54.86 ? 92  GLU A OE1 1 
ATOM   544  O OE2 . GLU A 1 92  ? -9.695  -11.645 -11.767 1.00 56.19 ? 92  GLU A OE2 1 
ATOM   545  N N   . ASN A 1 93  ? -6.599  -16.995 -8.519  1.00 52.23 ? 93  ASN A N   1 
ATOM   546  C CA  . ASN A 1 93  ? -5.659  -18.147 -8.643  1.00 47.50 ? 93  ASN A CA  1 
ATOM   547  C C   . ASN A 1 93  ? -5.175  -18.616 -7.274  1.00 51.46 ? 93  ASN A C   1 
ATOM   548  O O   . ASN A 1 93  ? -3.997  -18.425 -6.943  1.00 58.75 ? 93  ASN A O   1 
ATOM   549  C CB  . ASN A 1 93  ? -4.408  -17.796 -9.443  1.00 46.03 ? 93  ASN A CB  1 
ATOM   550  C CG  . ASN A 1 93  ? -4.742  -17.331 -10.837 1.00 48.71 ? 93  ASN A CG  1 
ATOM   551  O OD1 . ASN A 1 93  ? -4.973  -18.151 -11.708 1.00 52.44 ? 93  ASN A OD1 1 
ATOM   552  N ND2 . ASN A 1 93  ? -4.805  -16.031 -11.046 1.00 41.71 ? 93  ASN A ND2 1 
ATOM   553  N N   . PRO A 1 94  ? -6.042  -19.257 -6.451  1.00 55.22 ? 94  PRO A N   1 
ATOM   554  C CA  . PRO A 1 94  ? -5.624  -19.791 -5.138  1.00 57.46 ? 94  PRO A CA  1 
ATOM   555  C C   . PRO A 1 94  ? -4.322  -20.631 -5.052  1.00 57.20 ? 94  PRO A C   1 
ATOM   556  O O   . PRO A 1 94  ? -4.262  -21.737 -5.595  1.00 59.73 ? 94  PRO A O   1 
ATOM   557  C CB  . PRO A 1 94  ? -6.821  -20.700 -4.762  1.00 50.93 ? 94  PRO A CB  1 
ATOM   558  C CG  . PRO A 1 94  ? -7.645  -20.831 -6.037  1.00 51.99 ? 94  PRO A CG  1 
ATOM   559  C CD  . PRO A 1 94  ? -7.471  -19.505 -6.740  1.00 46.63 ? 94  PRO A CD  1 
ATOM   560  N N   . ALA A 1 95  ? -3.301  -20.164 -4.306  1.00 51.97 ? 95  ALA A N   1 
ATOM   561  C CA  . ALA A 1 95  ? -2.147  -21.033 -3.971  1.00 49.92 ? 95  ALA A CA  1 
ATOM   562  C C   . ALA A 1 95  ? -2.662  -22.253 -3.187  1.00 54.26 ? 95  ALA A C   1 
ATOM   563  O O   . ALA A 1 95  ? -3.646  -22.172 -2.446  1.00 47.17 ? 95  ALA A O   1 
ATOM   564  C CB  . ALA A 1 95  ? -1.051  -20.278 -3.233  1.00 47.76 ? 95  ALA A CB  1 
ATOM   565  N N   . ASP A 1 96  ? -2.002  -23.404 -3.374  1.00 58.08 ? 96  ASP A N   1 
ATOM   566  C CA  . ASP A 1 96  ? -2.528  -24.737 -2.952  1.00 59.86 ? 96  ASP A CA  1 
ATOM   567  C C   . ASP A 1 96  ? -1.784  -25.161 -1.675  1.00 61.94 ? 96  ASP A C   1 
ATOM   568  O O   . ASP A 1 96  ? -0.686  -25.763 -1.738  1.00 57.69 ? 96  ASP A O   1 
ATOM   569  C CB  . ASP A 1 96  ? -2.427  -25.720 -4.129  1.00 62.70 ? 96  ASP A CB  1 
ATOM   570  C CG  . ASP A 1 96  ? -2.558  -27.183 -3.767  1.00 64.72 ? 96  ASP A CG  1 
ATOM   571  O OD1 . ASP A 1 96  ? -3.203  -27.483 -2.747  1.00 70.74 ? 96  ASP A OD1 1 
ATOM   572  O OD2 . ASP A 1 96  ? -1.980  -28.002 -4.494  1.00 75.75 ? 96  ASP A OD2 1 
ATOM   573  N N   . THR A 1 97  ? -2.366  -24.809 -0.515  1.00 64.59 ? 97  THR A N   1 
ATOM   574  C CA  . THR A 1 97  ? -1.568  -24.611 0.691   1.00 53.28 ? 97  THR A CA  1 
ATOM   575  C C   . THR A 1 97  ? -2.491  -24.503 1.932   1.00 51.28 ? 97  THR A C   1 
ATOM   576  O O   . THR A 1 97  ? -3.731  -24.430 1.838   1.00 52.49 ? 97  THR A O   1 
ATOM   577  C CB  . THR A 1 97  ? -0.591  -23.467 0.372   1.00 54.99 ? 97  THR A CB  1 
ATOM   578  O OG1 . THR A 1 97  ? 0.580   -23.596 1.182   1.00 55.55 ? 97  THR A OG1 1 
ATOM   579  C CG2 . THR A 1 97  ? -1.243  -22.100 0.447   1.00 46.19 ? 97  THR A CG2 1 
ATOM   580  N N   . ASP A 1 98  ? -1.878  -24.535 3.125   1.00 42.08 ? 98  ASP A N   1 
ATOM   581  C CA  . ASP A 1 98  ? -2.616  -24.439 4.354   1.00 38.92 ? 98  ASP A CA  1 
ATOM   582  C C   . ASP A 1 98  ? -3.115  -22.994 4.542   1.00 35.08 ? 98  ASP A C   1 
ATOM   583  O O   . ASP A 1 98  ? -2.766  -22.074 3.765   1.00 30.24 ? 98  ASP A O   1 
ATOM   584  C CB  . ASP A 1 98  ? -1.753  -24.943 5.514   1.00 44.17 ? 98  ASP A CB  1 
ATOM   585  C CG  . ASP A 1 98  ? -0.433  -24.225 5.704   1.00 42.13 ? 98  ASP A CG  1 
ATOM   586  O OD1 . ASP A 1 98  ? -0.359  -23.070 5.399   1.00 39.89 ? 98  ASP A OD1 1 
ATOM   587  O OD2 . ASP A 1 98  ? 0.494   -24.843 6.198   1.00 58.85 ? 98  ASP A OD2 1 
ATOM   588  N N   . ARG A 1 99  ? -3.952  -22.802 5.560   1.00 30.05 ? 99  ARG A N   1 
ATOM   589  C CA  . ARG A 1 99  ? -4.590  -21.500 5.860   1.00 32.39 ? 99  ARG A CA  1 
ATOM   590  C C   . ARG A 1 99  ? -3.513  -20.460 6.224   1.00 25.69 ? 99  ARG A C   1 
ATOM   591  O O   . ARG A 1 99  ? -3.641  -19.308 5.838   1.00 30.09 ? 99  ARG A O   1 
ATOM   592  C CB  . ARG A 1 99  ? -5.655  -21.693 6.943   1.00 33.12 ? 99  ARG A CB  1 
ATOM   593  C CG  . ARG A 1 99  ? -5.086  -21.997 8.321   1.00 36.06 ? 99  ARG A CG  1 
ATOM   594  C CD  . ARG A 1 99  ? -6.062  -22.662 9.288   1.00 38.70 ? 99  ARG A CD  1 
ATOM   595  N NE  . ARG A 1 99  ? -5.486  -22.694 10.632  1.00 40.76 ? 99  ARG A NE  1 
ATOM   596  C CZ  . ARG A 1 99  ? -6.139  -23.101 11.719  1.00 41.20 ? 99  ARG A CZ  1 
ATOM   597  N NH1 . ARG A 1 99  ? -7.374  -23.538 11.605  1.00 34.57 ? 99  ARG A NH1 1 
ATOM   598  N NH2 . ARG A 1 99  ? -5.546  -23.082 12.905  1.00 46.83 ? 99  ARG A NH2 1 
ATOM   599  N N   . GLU A 1 100 ? -2.429  -20.883 6.892   1.00 24.42 ? 100 GLU A N   1 
ATOM   600  C CA  . GLU A 1 100 ? -1.390  -19.951 7.292   1.00 27.49 ? 100 GLU A CA  1 
ATOM   601  C C   . GLU A 1 100 ? -0.710  -19.371 6.040   1.00 28.44 ? 100 GLU A C   1 
ATOM   602  O O   . GLU A 1 100 ? -0.490  -18.154 5.867   1.00 23.22 ? 100 GLU A O   1 
ATOM   603  C CB  . GLU A 1 100 ? -0.395  -20.625 8.218   1.00 29.98 ? 100 GLU A CB  1 
ATOM   604  C CG  . GLU A 1 100 ? 0.839   -19.791 8.393   1.00 36.71 ? 100 GLU A CG  1 
ATOM   605  C CD  . GLU A 1 100 ? 1.765   -20.271 9.483   1.00 46.23 ? 100 GLU A CD  1 
ATOM   606  O OE1 . GLU A 1 100 ? 1.287   -20.967 10.377  1.00 53.80 ? 100 GLU A OE1 1 
ATOM   607  O OE2 . GLU A 1 100 ? 2.955   -19.934 9.421   1.00 51.86 ? 100 GLU A OE2 1 
ATOM   608  N N   . ASN A 1 101 ? -0.346  -20.268 5.131   1.00 25.06 ? 101 ASN A N   1 
ATOM   609  C CA  . ASN A 1 101 ? 0.309   -19.855 3.888   1.00 28.86 ? 101 ASN A CA  1 
ATOM   610  C C   . ASN A 1 101 ? -0.617  -19.015 2.986   1.00 23.78 ? 101 ASN A C   1 
ATOM   611  O O   . ASN A 1 101 ? -0.147  -18.110 2.248   1.00 26.74 ? 101 ASN A O   1 
ATOM   612  C CB  . ASN A 1 101 ? 0.821   -21.106 3.166   1.00 34.66 ? 101 ASN A CB  1 
ATOM   613  C CG  . ASN A 1 101 ? 2.049   -20.802 2.356   1.00 38.33 ? 101 ASN A CG  1 
ATOM   614  O OD1 . ASN A 1 101 ? 3.081   -20.418 2.921   1.00 41.59 ? 101 ASN A OD1 1 
ATOM   615  N ND2 . ASN A 1 101 ? 1.921   -20.981 1.045   1.00 46.61 ? 101 ASN A ND2 1 
ATOM   616  N N   . MET A 1 102 ? -1.919  -19.315 2.987   1.00 23.57 ? 102 MET A N   1 
ATOM   617  C CA  . MET A 1 102 ? -2.913  -18.566 2.252   1.00 23.00 ? 102 MET A CA  1 
ATOM   618  C C   . MET A 1 102 ? -2.899  -17.097 2.713   1.00 23.18 ? 102 MET A C   1 
ATOM   619  O O   . MET A 1 102 ? -2.896  -16.193 1.882   1.00 21.55 ? 102 MET A O   1 
ATOM   620  C CB  . MET A 1 102 ? -4.313  -19.154 2.476   1.00 27.55 ? 102 MET A CB  1 
ATOM   621  C CG  . MET A 1 102 ? -5.442  -18.359 1.842   1.00 33.12 ? 102 MET A CG  1 
ATOM   622  S SD  . MET A 1 102 ? -7.137  -18.990 2.142   1.00 37.30 ? 102 MET A SD  1 
ATOM   623  C CE  . MET A 1 102 ? -7.423  -18.480 3.845   1.00 34.93 ? 102 MET A CE  1 
ATOM   624  N N   . TRP A 1 103 ? -2.920  -16.855 4.031   1.00 23.09 ? 103 TRP A N   1 
ATOM   625  C CA  . TRP A 1 103 ? -2.865  -15.462 4.518   1.00 19.69 ? 103 TRP A CA  1 
ATOM   626  C C   . TRP A 1 103 ? -1.483  -14.864 4.278   1.00 19.50 ? 103 TRP A C   1 
ATOM   627  O O   . TRP A 1 103 ? -1.392  -13.714 3.878   1.00 20.99 ? 103 TRP A O   1 
ATOM   628  C CB  . TRP A 1 103 ? -3.303  -15.362 5.970   1.00 19.21 ? 103 TRP A CB  1 
ATOM   629  C CG  . TRP A 1 103 ? -4.759  -15.664 6.134   1.00 18.98 ? 103 TRP A CG  1 
ATOM   630  C CD1 . TRP A 1 103 ? -5.309  -16.773 6.686   1.00 19.26 ? 103 TRP A CD1 1 
ATOM   631  C CD2 . TRP A 1 103 ? -5.867  -14.825 5.759   1.00 20.39 ? 103 TRP A CD2 1 
ATOM   632  N NE1 . TRP A 1 103 ? -6.673  -16.674 6.702   1.00 18.41 ? 103 TRP A NE1 1 
ATOM   633  C CE2 . TRP A 1 103 ? -7.053  -15.521 6.097   1.00 19.96 ? 103 TRP A CE2 1 
ATOM   634  C CE3 . TRP A 1 103 ? -5.974  -13.560 5.180   1.00 20.05 ? 103 TRP A CE3 1 
ATOM   635  C CZ2 . TRP A 1 103 ? -8.327  -14.973 5.931   1.00 21.81 ? 103 TRP A CZ2 1 
ATOM   636  C CZ3 . TRP A 1 103 ? -7.237  -13.049 4.948   1.00 21.59 ? 103 TRP A CZ3 1 
ATOM   637  C CH2 . TRP A 1 103 ? -8.391  -13.726 5.351   1.00 22.53 ? 103 TRP A CH2 1 
ATOM   638  N N   . ARG A 1 104 ? -0.417  -15.639 4.484   1.00 20.34 ? 104 ARG A N   1 
ATOM   639  C CA  . ARG A 1 104 ? 0.909   -15.107 4.279   1.00 19.35 ? 104 ARG A CA  1 
ATOM   640  C C   . ARG A 1 104 ? 1.065   -14.613 2.823   1.00 20.11 ? 104 ARG A C   1 
ATOM   641  O O   . ARG A 1 104 ? 1.598   -13.517 2.583   1.00 16.96 ? 104 ARG A O   1 
ATOM   642  C CB  . ARG A 1 104 ? 1.951   -16.167 4.649   1.00 20.96 ? 104 ARG A CB  1 
ATOM   643  C CG  . ARG A 1 104 ? 3.395   -15.756 4.445   1.00 25.03 ? 104 ARG A CG  1 
ATOM   644  C CD  . ARG A 1 104 ? 4.366   -16.885 4.821   1.00 26.85 ? 104 ARG A CD  1 
ATOM   645  N NE  . ARG A 1 104 ? 4.188   -17.338 6.191   1.00 30.88 ? 104 ARG A NE  1 
ATOM   646  C CZ  . ARG A 1 104 ? 4.763   -16.792 7.264   1.00 34.01 ? 104 ARG A CZ  1 
ATOM   647  N NH1 . ARG A 1 104 ? 5.634   -15.787 7.169   1.00 36.30 ? 104 ARG A NH1 1 
ATOM   648  N NH2 . ARG A 1 104 ? 4.467   -17.292 8.449   1.00 33.22 ? 104 ARG A NH2 1 
ATOM   649  N N   . THR A 1 105 ? 0.624   -15.426 1.836   1.00 19.35 ? 105 THR A N   1 
ATOM   650  C CA  . THR A 1 105 ? 0.732   -15.052 0.431   1.00 19.66 ? 105 THR A CA  1 
ATOM   651  C C   . THR A 1 105 ? 0.000   -13.733 0.172   1.00 18.39 ? 105 THR A C   1 
ATOM   652  O O   . THR A 1 105 ? 0.496   -12.885 -0.587  1.00 19.05 ? 105 THR A O   1 
ATOM   653  C CB  . THR A 1 105 ? 0.255   -16.201 -0.488  1.00 21.57 ? 105 THR A CB  1 
ATOM   654  O OG1 . THR A 1 105 ? 1.051   -17.329 -0.144  1.00 21.38 ? 105 THR A OG1 1 
ATOM   655  C CG2 . THR A 1 105 ? 0.508   -15.900 -1.953  1.00 26.17 ? 105 THR A CG2 1 
ATOM   656  N N   . GLY A 1 106 ? -1.190  -13.572 0.767   1.00 18.79 ? 106 GLY A N   1 
ATOM   657  C CA  . GLY A 1 106 ? -1.968  -12.352 0.656   1.00 18.80 ? 106 GLY A CA  1 
ATOM   658  C C   . GLY A 1 106 ? -1.292  -11.127 1.277   1.00 16.00 ? 106 GLY A C   1 
ATOM   659  O O   . GLY A 1 106 ? -1.088  -10.075 0.636   1.00 18.87 ? 106 GLY A O   1 
ATOM   660  N N   . ILE A 1 107 ? -0.865  -11.225 2.538   1.00 16.98 ? 107 ILE A N   1 
ATOM   661  C CA  . ILE A 1 107 ? -0.161  -10.098 3.178   1.00 16.82 ? 107 ILE A CA  1 
ATOM   662  C C   . ILE A 1 107 ? 1.066   -9.735  2.333   1.00 17.28 ? 107 ILE A C   1 
ATOM   663  O O   . ILE A 1 107 ? 1.443   -8.599  2.233   1.00 17.43 ? 107 ILE A O   1 
ATOM   664  C CB  . ILE A 1 107 ? 0.205   -10.462 4.635   1.00 17.11 ? 107 ILE A CB  1 
ATOM   665  C CG1 . ILE A 1 107 ? -1.086  -10.689 5.432   1.00 16.69 ? 107 ILE A CG1 1 
ATOM   666  C CG2 . ILE A 1 107 ? 1.079   -9.384  5.253   1.00 16.21 ? 107 ILE A CG2 1 
ATOM   667  C CD1 . ILE A 1 107 ? -0.872  -11.190 6.816   1.00 18.85 ? 107 ILE A CD1 1 
ATOM   668  N N   . ASN A 1 108 ? 1.761   -10.769 1.841   1.00 18.27 ? 108 ASN A N   1 
ATOM   669  C CA  . ASN A 1 108 ? 3.031   -10.606 1.081   1.00 17.89 ? 108 ASN A CA  1 
ATOM   670  C C   . ASN A 1 108 ? 2.846   -9.721  -0.154  1.00 17.44 ? 108 ASN A C   1 
ATOM   671  O O   . ASN A 1 108 ? 3.790   -9.039  -0.546  1.00 18.54 ? 108 ASN A O   1 
ATOM   672  C CB  . ASN A 1 108 ? 3.631   -11.950 0.665   1.00 18.65 ? 108 ASN A CB  1 
ATOM   673  C CG  . ASN A 1 108 ? 5.041   -11.776 0.137   1.00 18.85 ? 108 ASN A CG  1 
ATOM   674  O OD1 . ASN A 1 108 ? 5.916   -11.292 0.876   1.00 18.88 ? 108 ASN A OD1 1 
ATOM   675  N ND2 . ASN A 1 108 ? 5.266   -12.194 -1.113  1.00 17.15 ? 108 ASN A ND2 1 
ATOM   676  N N   . VAL A 1 109 ? 1.659   -9.734  -0.792  1.00 18.33 ? 109 VAL A N   1 
ATOM   677  C CA  . VAL A 1 109 ? 1.411   -8.840  -1.939  1.00 19.86 ? 109 VAL A CA  1 
ATOM   678  C C   . VAL A 1 109 ? 1.728   -7.396  -1.514  1.00 19.54 ? 109 VAL A C   1 
ATOM   679  O O   . VAL A 1 109 ? 2.373   -6.617  -2.225  1.00 19.59 ? 109 VAL A O   1 
ATOM   680  C CB  . VAL A 1 109 ? -0.062  -8.945  -2.404  1.00 22.39 ? 109 VAL A CB  1 
ATOM   681  C CG1 . VAL A 1 109 ? -0.466  -7.836  -3.345  1.00 25.06 ? 109 VAL A CG1 1 
ATOM   682  C CG2 . VAL A 1 109 ? -0.331  -10.313 -3.015  1.00 23.66 ? 109 VAL A CG2 1 
ATOM   683  N N   . PHE A 1 110 ? 1.249   -7.020  -0.322  1.00 17.67 ? 110 PHE A N   1 
ATOM   684  C CA  . PHE A 1 110 ? 1.408   -5.631  0.177   1.00 16.21 ? 110 PHE A CA  1 
ATOM   685  C C   . PHE A 1 110 ? 2.821   -5.361  0.690   1.00 17.79 ? 110 PHE A C   1 
ATOM   686  O O   . PHE A 1 110 ? 3.406   -4.312  0.414   1.00 16.94 ? 110 PHE A O   1 
ATOM   687  C CB  . PHE A 1 110 ? 0.342   -5.392  1.244   1.00 17.25 ? 110 PHE A CB  1 
ATOM   688  C CG  . PHE A 1 110 ? -1.017  -5.438  0.602   1.00 18.31 ? 110 PHE A CG  1 
ATOM   689  C CD1 . PHE A 1 110 ? -1.491  -4.379  -0.146  1.00 20.09 ? 110 PHE A CD1 1 
ATOM   690  C CD2 . PHE A 1 110 ? -1.807  -6.572  0.693   1.00 19.58 ? 110 PHE A CD2 1 
ATOM   691  C CE1 . PHE A 1 110 ? -2.743  -4.438  -0.750  1.00 18.99 ? 110 PHE A CE1 1 
ATOM   692  C CE2 . PHE A 1 110 ? -3.039  -6.642  0.044   1.00 22.01 ? 110 PHE A CE2 1 
ATOM   693  C CZ  . PHE A 1 110 ? -3.508  -5.566  -0.667  1.00 20.50 ? 110 PHE A CZ  1 
ATOM   694  N N   . PHE A 1 111 ? 3.380   -6.338  1.398   1.00 17.85 ? 111 PHE A N   1 
ATOM   695  C CA  . PHE A 1 111 ? 4.774   -6.249  1.849   1.00 18.59 ? 111 PHE A CA  1 
ATOM   696  C C   . PHE A 1 111 ? 5.732   -5.993  0.670   1.00 19.20 ? 111 PHE A C   1 
ATOM   697  O O   . PHE A 1 111 ? 6.573   -5.068  0.741   1.00 19.00 ? 111 PHE A O   1 
ATOM   698  C CB  . PHE A 1 111 ? 5.117   -7.546  2.582   1.00 20.30 ? 111 PHE A CB  1 
ATOM   699  C CG  . PHE A 1 111 ? 6.546   -7.654  3.052   1.00 21.98 ? 111 PHE A CG  1 
ATOM   700  C CD1 . PHE A 1 111 ? 7.006   -6.870  4.083   1.00 22.37 ? 111 PHE A CD1 1 
ATOM   701  C CD2 . PHE A 1 111 ? 7.427   -8.561  2.477   1.00 24.71 ? 111 PHE A CD2 1 
ATOM   702  C CE1 . PHE A 1 111 ? 8.296   -7.025  4.576   1.00 20.85 ? 111 PHE A CE1 1 
ATOM   703  C CE2 . PHE A 1 111 ? 8.748   -8.642  2.907   1.00 25.17 ? 111 PHE A CE2 1 
ATOM   704  C CZ  . PHE A 1 111 ? 9.159   -7.906  3.995   1.00 21.37 ? 111 PHE A CZ  1 
ATOM   705  N N   . GLU A 1 112 ? 5.619   -6.801  -0.408  1.00 19.82 ? 112 GLU A N   1 
ATOM   706  C CA  . GLU A 1 112 ? 6.483   -6.650  -1.582  1.00 19.92 ? 112 GLU A CA  1 
ATOM   707  C C   . GLU A 1 112 ? 6.122   -5.404  -2.404  1.00 20.29 ? 112 GLU A C   1 
ATOM   708  O O   . GLU A 1 112 ? 7.013   -4.689  -2.858  1.00 21.57 ? 112 GLU A O   1 
ATOM   709  C CB  . GLU A 1 112 ? 6.393   -7.884  -2.492  1.00 23.18 ? 112 GLU A CB  1 
ATOM   710  C CG  . GLU A 1 112 ? 7.116   -9.082  -1.904  1.00 25.77 ? 112 GLU A CG  1 
ATOM   711  C CD  . GLU A 1 112 ? 8.619   -8.868  -1.820  1.00 29.00 ? 112 GLU A CD  1 
ATOM   712  O OE1 . GLU A 1 112 ? 9.104   -8.066  -2.612  1.00 28.90 ? 112 GLU A OE1 1 
ATOM   713  O OE2 . GLU A 1 112 ? 9.273   -9.431  -0.912  1.00 27.87 ? 112 GLU A OE2 1 
ATOM   714  N N   . THR A 1 113 ? 4.834   -5.131  -2.613  1.00 17.38 ? 113 THR A N   1 
ATOM   715  C CA  . THR A 1 113 ? 4.489   -4.021  -3.480  1.00 18.54 ? 113 THR A CA  1 
ATOM   716  C C   . THR A 1 113 ? 4.891   -2.714  -2.828  1.00 20.06 ? 113 THR A C   1 
ATOM   717  O O   . THR A 1 113 ? 5.595   -1.888  -3.449  1.00 21.08 ? 113 THR A O   1 
ATOM   718  C CB  . THR A 1 113 ? 3.001   -3.968  -3.856  1.00 20.63 ? 113 THR A CB  1 
ATOM   719  O OG1 . THR A 1 113 ? 2.711   -5.214  -4.457  1.00 20.43 ? 113 THR A OG1 1 
ATOM   720  C CG2 . THR A 1 113 ? 2.697   -2.870  -4.846  1.00 23.57 ? 113 THR A CG2 1 
ATOM   721  N N   . PHE A 1 114 ? 4.445   -2.501  -1.586  1.00 18.66 ? 114 PHE A N   1 
ATOM   722  C CA  . PHE A 1 114 ? 4.760   -1.233  -0.936  1.00 18.13 ? 114 PHE A CA  1 
ATOM   723  C C   . PHE A 1 114 ? 6.248   -1.207  -0.594  1.00 18.71 ? 114 PHE A C   1 
ATOM   724  O O   . PHE A 1 114 ? 6.891   -0.152  -0.602  1.00 17.66 ? 114 PHE A O   1 
ATOM   725  C CB  . PHE A 1 114 ? 3.892   -1.039  0.298   1.00 19.11 ? 114 PHE A CB  1 
ATOM   726  C CG  . PHE A 1 114 ? 2.476   -0.678  -0.072  1.00 22.40 ? 114 PHE A CG  1 
ATOM   727  C CD1 . PHE A 1 114 ? 2.185   0.553   -0.647  1.00 28.27 ? 114 PHE A CD1 1 
ATOM   728  C CD2 . PHE A 1 114 ? 1.430   -1.473  0.317   1.00 23.28 ? 114 PHE A CD2 1 
ATOM   729  C CE1 . PHE A 1 114 ? 0.870   0.905   -0.943  1.00 29.01 ? 114 PHE A CE1 1 
ATOM   730  C CE2 . PHE A 1 114 ? 0.118   -1.139  -0.015  1.00 26.09 ? 114 PHE A CE2 1 
ATOM   731  C CZ  . PHE A 1 114 ? -0.154  0.012   -0.686  1.00 24.96 ? 114 PHE A CZ  1 
ATOM   732  N N   . GLY A 1 115 ? 6.771   -2.387  -0.281  1.00 19.84 ? 115 GLY A N   1 
ATOM   733  C CA  . GLY A 1 115 ? 8.190   -2.573  0.132   1.00 21.83 ? 115 GLY A CA  1 
ATOM   734  C C   . GLY A 1 115 ? 9.178   -2.230  -0.981  1.00 22.69 ? 115 GLY A C   1 
ATOM   735  O O   . GLY A 1 115 ? 10.327  -1.838  -0.723  1.00 24.51 ? 115 GLY A O   1 
ATOM   736  N N   . SER A 1 116 ? 8.724   -2.375  -2.218  1.00 23.60 ? 116 SER A N   1 
ATOM   737  C CA  . SER A 1 116 ? 9.477   -2.062  -3.396  1.00 25.77 ? 116 SER A CA  1 
ATOM   738  C C   . SER A 1 116 ? 9.373   -0.581  -3.779  1.00 25.28 ? 116 SER A C   1 
ATOM   739  O O   . SER A 1 116 ? 10.008  -0.152  -4.753  1.00 22.74 ? 116 SER A O   1 
ATOM   740  C CB  . SER A 1 116 ? 9.044   -2.962  -4.510  1.00 25.66 ? 116 SER A CB  1 
ATOM   741  O OG  . SER A 1 116 ? 9.417   -4.284  -4.181  1.00 25.34 ? 116 SER A OG  1 
ATOM   742  N N   . HIS A 1 117 ? 8.492   0.157   -3.109  1.00 23.63 ? 117 HIS A N   1 
ATOM   743  C CA  . HIS A 1 117 ? 8.231   1.585   -3.375  1.00 23.47 ? 117 HIS A CA  1 
ATOM   744  C C   . HIS A 1 117 ? 8.132   2.336   -2.038  1.00 22.87 ? 117 HIS A C   1 
ATOM   745  O O   . HIS A 1 117 ? 7.166   2.977   -1.792  1.00 19.68 ? 117 HIS A O   1 
ATOM   746  C CB  . HIS A 1 117 ? 6.981   1.796   -4.256  1.00 23.11 ? 117 HIS A CB  1 
ATOM   747  C CG  . HIS A 1 117 ? 7.073   1.097   -5.568  1.00 23.92 ? 117 HIS A CG  1 
ATOM   748  N ND1 . HIS A 1 117 ? 7.704   1.662   -6.653  1.00 23.75 ? 117 HIS A ND1 1 
ATOM   749  C CD2 . HIS A 1 117 ? 6.644   -0.118  -5.971  1.00 24.25 ? 117 HIS A CD2 1 
ATOM   750  C CE1 . HIS A 1 117 ? 7.701   0.783   -7.656  1.00 24.51 ? 117 HIS A CE1 1 
ATOM   751  N NE2 . HIS A 1 117 ? 7.101   -0.322  -7.251  1.00 25.11 ? 117 HIS A NE2 1 
ATOM   752  N N   . LYS A 1 118 ? 9.203   2.289   -1.223  1.00 22.60 ? 118 LYS A N   1 
ATOM   753  C CA  . LYS A 1 118 ? 9.162   2.783   0.162   1.00 24.02 ? 118 LYS A CA  1 
ATOM   754  C C   . LYS A 1 118 ? 9.031   4.301   0.186   1.00 22.78 ? 118 LYS A C   1 
ATOM   755  O O   . LYS A 1 118 ? 8.319   4.823   1.003   1.00 21.58 ? 118 LYS A O   1 
ATOM   756  C CB  . LYS A 1 118 ? 10.399  2.367   0.967   1.00 23.69 ? 118 LYS A CB  1 
ATOM   757  C CG  . LYS A 1 118 ? 10.386  0.906   1.394   1.00 23.85 ? 118 LYS A CG  1 
ATOM   758  C CD  . LYS A 1 118 ? 11.656  0.378   2.083   1.00 26.79 ? 118 LYS A CD  1 
ATOM   759  C CE  . LYS A 1 118 ? 11.674  -1.142  2.093   1.00 29.64 ? 118 LYS A CE  1 
ATOM   760  N NZ  . LYS A 1 118 ? 12.907  -1.664  2.701   1.00 39.92 ? 118 LYS A NZ  1 
ATOM   761  N N   . ALA A 1 119 ? 9.738   4.988   -0.723  1.00 23.51 ? 119 ALA A N   1 
ATOM   762  C CA  . ALA A 1 119 ? 9.721   6.440   -0.766  1.00 23.43 ? 119 ALA A CA  1 
ATOM   763  C C   . ALA A 1 119 ? 8.310   6.928   -1.112  1.00 20.41 ? 119 ALA A C   1 
ATOM   764  O O   . ALA A 1 119 ? 7.827   7.871   -0.506  1.00 24.82 ? 119 ALA A O   1 
ATOM   765  C CB  . ALA A 1 119 ? 10.747  6.936   -1.757  1.00 25.87 ? 119 ALA A CB  1 
ATOM   766  N N   . VAL A 1 120 ? 7.667   6.305   -2.084  1.00 22.26 ? 120 VAL A N   1 
ATOM   767  C CA  . VAL A 1 120 ? 6.329   6.736   -2.518  1.00 22.66 ? 120 VAL A CA  1 
ATOM   768  C C   . VAL A 1 120 ? 5.340   6.429   -1.391  1.00 24.83 ? 120 VAL A C   1 
ATOM   769  O O   . VAL A 1 120 ? 4.471   7.248   -1.103  1.00 23.86 ? 120 VAL A O   1 
ATOM   770  C CB  . VAL A 1 120 ? 5.868   6.105   -3.846  1.00 21.98 ? 120 VAL A CB  1 
ATOM   771  C CG1 . VAL A 1 120 ? 4.373   6.269   -4.091  1.00 22.85 ? 120 VAL A CG1 1 
ATOM   772  C CG2 . VAL A 1 120 ? 6.654   6.667   -5.028  1.00 25.03 ? 120 VAL A CG2 1 
ATOM   773  N N   . THR A 1 121 ? 5.501   5.250   -0.758  1.00 23.73 ? 121 THR A N   1 
ATOM   774  C CA  . THR A 1 121 ? 4.660   4.835   0.355   1.00 22.49 ? 121 THR A CA  1 
ATOM   775  C C   . THR A 1 121 ? 4.728   5.844   1.501   1.00 23.15 ? 121 THR A C   1 
ATOM   776  O O   . THR A 1 121 ? 3.683   6.322   2.013   1.00 23.08 ? 121 THR A O   1 
ATOM   777  C CB  . THR A 1 121 ? 5.067   3.456   0.890   1.00 24.59 ? 121 THR A CB  1 
ATOM   778  O OG1 . THR A 1 121 ? 4.856   2.520   -0.159  1.00 21.70 ? 121 THR A OG1 1 
ATOM   779  C CG2 . THR A 1 121 ? 4.245   3.062   2.095   1.00 26.67 ? 121 THR A CG2 1 
ATOM   780  N N   . ARG A 1 122 ? 5.953   6.173   1.905   1.00 23.98 ? 122 ARG A N   1 
ATOM   781  C CA  . ARG A 1 122 ? 6.215   7.128   3.003   1.00 27.00 ? 122 ARG A CA  1 
ATOM   782  C C   . ARG A 1 122 ? 5.629   8.512   2.660   1.00 27.28 ? 122 ARG A C   1 
ATOM   783  O O   . ARG A 1 122 ? 4.882   9.060   3.425   1.00 23.00 ? 122 ARG A O   1 
ATOM   784  C CB  . ARG A 1 122 ? 7.725   7.148   3.256   1.00 32.09 ? 122 ARG A CB  1 
ATOM   785  C CG  . ARG A 1 122 ? 8.230   8.246   4.183   1.00 39.98 ? 122 ARG A CG  1 
ATOM   786  C CD  . ARG A 1 122 ? 9.751   8.365   4.051   1.00 51.28 ? 122 ARG A CD  1 
ATOM   787  N NE  . ARG A 1 122 ? 10.424  7.088   4.324   1.00 65.83 ? 122 ARG A NE  1 
ATOM   788  C CZ  . ARG A 1 122 ? 11.199  6.394   3.472   1.00 68.06 ? 122 ARG A CZ  1 
ATOM   789  N NH1 . ARG A 1 122 ? 11.541  6.872   2.286   1.00 59.64 ? 122 ARG A NH1 1 
ATOM   790  N NH2 . ARG A 1 122 ? 11.639  5.198   3.828   1.00 62.21 ? 122 ARG A NH2 1 
ATOM   791  N N   . ALA A 1 123 ? 5.894   9.027   1.451   1.00 24.78 ? 123 ALA A N   1 
ATOM   792  C CA  . ALA A 1 123 ? 5.423   10.351  1.054   1.00 24.45 ? 123 ALA A CA  1 
ATOM   793  C C   . ALA A 1 123 ? 3.904   10.372  0.920   1.00 23.97 ? 123 ALA A C   1 
ATOM   794  O O   . ALA A 1 123 ? 3.207   11.321  1.356   1.00 25.91 ? 123 ALA A O   1 
ATOM   795  C CB  . ALA A 1 123 ? 6.110   10.712  -0.238  1.00 27.20 ? 123 ALA A CB  1 
ATOM   796  N N   . GLY A 1 124 ? 3.344   9.324   0.325   1.00 24.42 ? 124 GLY A N   1 
ATOM   797  C CA  . GLY A 1 124 ? 1.906   9.227   0.168   1.00 24.30 ? 124 GLY A CA  1 
ATOM   798  C C   . GLY A 1 124 ? 1.175   9.158   1.489   1.00 25.95 ? 124 GLY A C   1 
ATOM   799  O O   . GLY A 1 124 ? 0.109   9.736   1.643   1.00 25.94 ? 124 GLY A O   1 
ATOM   800  N N   . GLN A 1 125 ? 1.742   8.431   2.471   1.00 25.54 ? 125 GLN A N   1 
ATOM   801  C CA  . GLN A 1 125 ? 1.113   8.371   3.819   1.00 26.74 ? 125 GLN A CA  1 
ATOM   802  C C   . GLN A 1 125 ? 1.136   9.760   4.450   1.00 26.68 ? 125 GLN A C   1 
ATOM   803  O O   . GLN A 1 125 ? 0.143   10.171  4.978   1.00 25.71 ? 125 GLN A O   1 
ATOM   804  C CB  . GLN A 1 125 ? 1.742   7.302   4.731   1.00 27.15 ? 125 GLN A CB  1 
ATOM   805  C CG  . GLN A 1 125 ? 1.490   5.887   4.212   1.00 26.55 ? 125 GLN A CG  1 
ATOM   806  C CD  . GLN A 1 125 ? 0.018   5.547   4.055   1.00 30.78 ? 125 GLN A CD  1 
ATOM   807  O OE1 . GLN A 1 125 ? -0.728  5.665   5.004   1.00 28.57 ? 125 GLN A OE1 1 
ATOM   808  N NE2 . GLN A 1 125 ? -0.420  5.124   2.865   1.00 29.26 ? 125 GLN A NE2 1 
ATOM   809  N N   . ALA A 1 126 ? 2.237   10.489  4.320   1.00 24.21 ? 126 ALA A N   1 
ATOM   810  C CA  . ALA A 1 126 ? 2.306   11.819  4.904   1.00 28.02 ? 126 ALA A CA  1 
ATOM   811  C C   . ALA A 1 126 ? 1.274   12.737  4.239   1.00 31.14 ? 126 ALA A C   1 
ATOM   812  O O   . ALA A 1 126 ? 0.609   13.531  4.935   1.00 32.85 ? 126 ALA A O   1 
ATOM   813  C CB  . ALA A 1 126 ? 3.697   12.388  4.744   1.00 28.38 ? 126 ALA A CB  1 
ATOM   814  N N   . ALA A 1 127 ? 1.102   12.584  2.920   1.00 27.89 ? 127 ALA A N   1 
ATOM   815  C CA  . ALA A 1 127 ? 0.231   13.486  2.173   1.00 27.79 ? 127 ALA A CA  1 
ATOM   816  C C   . ALA A 1 127 ? -1.231  13.299  2.567   1.00 32.50 ? 127 ALA A C   1 
ATOM   817  O O   . ALA A 1 127 ? -2.059  14.216  2.337   1.00 27.47 ? 127 ALA A O   1 
ATOM   818  C CB  . ALA A 1 127 ? 0.449   13.318  0.701   1.00 27.24 ? 127 ALA A CB  1 
ATOM   819  N N   . ARG A 1 128 ? -1.570  12.178  3.235   1.00 28.26 ? 128 ARG A N   1 
ATOM   820  C CA  . ARG A 1 128 ? -2.959  11.987  3.708   1.00 29.97 ? 128 ARG A CA  1 
ATOM   821  C C   . ARG A 1 128 ? -3.416  13.168  4.572   1.00 30.72 ? 128 ARG A C   1 
ATOM   822  O O   . ARG A 1 128 ? -4.616  13.515  4.572   1.00 29.65 ? 128 ARG A O   1 
ATOM   823  C CB  . ARG A 1 128 ? -3.114  10.680  4.483   1.00 26.54 ? 128 ARG A CB  1 
ATOM   824  C CG  . ARG A 1 128 ? -2.936  9.459   3.591   1.00 28.13 ? 128 ARG A CG  1 
ATOM   825  C CD  . ARG A 1 128 ? -2.818  8.206   4.438   1.00 29.17 ? 128 ARG A CD  1 
ATOM   826  N NE  . ARG A 1 128 ? -4.053  7.961   5.169   1.00 29.09 ? 128 ARG A NE  1 
ATOM   827  C CZ  . ARG A 1 128 ? -4.231  6.954   6.039   1.00 29.99 ? 128 ARG A CZ  1 
ATOM   828  N NH1 . ARG A 1 128 ? -3.240  6.113   6.308   1.00 24.93 ? 128 ARG A NH1 1 
ATOM   829  N NH2 . ARG A 1 128 ? -5.385  6.835   6.649   1.00 28.67 ? 128 ARG A NH2 1 
ATOM   830  N N   . ALA A 1 129 ? -2.478  13.743  5.320   1.00 30.44 ? 129 ALA A N   1 
ATOM   831  C CA  . ALA A 1 129 ? -2.771  14.847  6.256   1.00 33.63 ? 129 ALA A CA  1 
ATOM   832  C C   . ALA A 1 129 ? -3.156  16.132  5.506   1.00 35.49 ? 129 ALA A C   1 
ATOM   833  O O   . ALA A 1 129 ? -3.929  16.934  6.040   1.00 34.75 ? 129 ALA A O   1 
ATOM   834  C CB  . ALA A 1 129 ? -1.593  15.091  7.176   1.00 31.93 ? 129 ALA A CB  1 
ATOM   835  N N   . THR A 1 130 ? -2.638  16.332  4.289   1.00 34.10 ? 130 THR A N   1 
ATOM   836  C CA  . THR A 1 130 ? -2.735  17.639  3.625   1.00 34.82 ? 130 THR A CA  1 
ATOM   837  C C   . THR A 1 130 ? -3.518  17.556  2.313   1.00 35.89 ? 130 THR A C   1 
ATOM   838  O O   . THR A 1 130 ? -3.834  18.586  1.741   1.00 37.34 ? 130 THR A O   1 
ATOM   839  C CB  . THR A 1 130 ? -1.326  18.203  3.445   1.00 36.18 ? 130 THR A CB  1 
ATOM   840  O OG1 . THR A 1 130 ? -0.644  17.322  2.559   1.00 36.01 ? 130 THR A OG1 1 
ATOM   841  C CG2 . THR A 1 130 ? -0.550  18.282  4.739   1.00 35.56 ? 130 THR A CG2 1 
ATOM   842  N N   . SER A 1 131 ? -3.795  16.354  1.794   1.00 28.99 ? 131 SER A N   1 
ATOM   843  C CA  . SER A 1 131 ? -4.410  16.230  0.478   1.00 31.39 ? 131 SER A CA  1 
ATOM   844  C C   . SER A 1 131 ? -5.678  15.395  0.574   1.00 34.86 ? 131 SER A C   1 
ATOM   845  O O   . SER A 1 131 ? -5.606  14.218  0.934   1.00 27.81 ? 131 SER A O   1 
ATOM   846  C CB  . SER A 1 131 ? -3.470  15.636  -0.540  1.00 31.16 ? 131 SER A CB  1 
ATOM   847  O OG  . SER A 1 131 ? -4.215  15.168  -1.667  1.00 28.91 ? 131 SER A OG  1 
ATOM   848  N N   . VAL A 1 132 ? -6.836  15.999  0.262   1.00 30.63 ? 132 VAL A N   1 
ATOM   849  C CA  . VAL A 1 132 ? -8.076  15.266  0.319   1.00 31.21 ? 132 VAL A CA  1 
ATOM   850  C C   . VAL A 1 132 ? -8.065  14.151  -0.725  1.00 29.00 ? 132 VAL A C   1 
ATOM   851  O O   . VAL A 1 132 ? -8.704  13.098  -0.546  1.00 27.06 ? 132 VAL A O   1 
ATOM   852  C CB  . VAL A 1 132 ? -9.319  16.155  0.127   1.00 35.54 ? 132 VAL A CB  1 
ATOM   853  C CG1 . VAL A 1 132 ? -10.587 15.321  0.159   1.00 41.01 ? 132 VAL A CG1 1 
ATOM   854  C CG2 . VAL A 1 132 ? -9.380  17.236  1.176   1.00 37.21 ? 132 VAL A CG2 1 
ATOM   855  N N   . GLU A 1 133 ? -7.423  14.374  -1.867  1.00 27.62 ? 133 GLU A N   1 
ATOM   856  C CA  . GLU A 1 133 ? -7.438  13.361  -2.895  1.00 27.79 ? 133 GLU A CA  1 
ATOM   857  C C   . GLU A 1 133 ? -6.596  12.161  -2.444  1.00 24.72 ? 133 GLU A C   1 
ATOM   858  O O   . GLU A 1 133 ? -6.959  11.043  -2.756  1.00 22.38 ? 133 GLU A O   1 
ATOM   859  C CB  . GLU A 1 133 ? -6.889  13.865  -4.226  1.00 33.11 ? 133 GLU A CB  1 
ATOM   860  C CG  . GLU A 1 133 ? -7.846  14.808  -4.916  1.00 41.67 ? 133 GLU A CG  1 
ATOM   861  C CD  . GLU A 1 133 ? -7.218  16.172  -5.017  1.00 52.68 ? 133 GLU A CD  1 
ATOM   862  O OE1 . GLU A 1 133 ? -7.071  16.861  -3.951  1.00 57.77 ? 133 GLU A OE1 1 
ATOM   863  O OE2 . GLU A 1 133 ? -6.775  16.478  -6.135  1.00 57.44 ? 133 GLU A OE2 1 
ATOM   864  N N   . VAL A 1 134 ? -5.475  12.428  -1.776  1.00 25.95 ? 134 VAL A N   1 
ATOM   865  C CA  . VAL A 1 134 ? -4.645  11.309  -1.273  1.00 24.90 ? 134 VAL A CA  1 
ATOM   866  C C   . VAL A 1 134 ? -5.412  10.564  -0.171  1.00 24.95 ? 134 VAL A C   1 
ATOM   867  O O   . VAL A 1 134 ? -5.481  9.342   -0.205  1.00 23.67 ? 134 VAL A O   1 
ATOM   868  C CB  . VAL A 1 134 ? -3.259  11.763  -0.812  1.00 26.00 ? 134 VAL A CB  1 
ATOM   869  C CG1 . VAL A 1 134 ? -2.577  10.693  0.025   1.00 24.85 ? 134 VAL A CG1 1 
ATOM   870  C CG2 . VAL A 1 134 ? -2.404  12.159  -2.007  1.00 27.78 ? 134 VAL A CG2 1 
ATOM   871  N N   . ALA A 1 135 ? -6.053  11.292  0.752   1.00 26.27 ? 135 ALA A N   1 
ATOM   872  C CA  . ALA A 1 135 ? -6.858  10.657  1.803   1.00 25.92 ? 135 ALA A CA  1 
ATOM   873  C C   . ALA A 1 135 ? -7.980  9.815   1.182   1.00 26.68 ? 135 ALA A C   1 
ATOM   874  O O   . ALA A 1 135 ? -8.251  8.717   1.636   1.00 24.90 ? 135 ALA A O   1 
ATOM   875  C CB  . ALA A 1 135 ? -7.391  11.688  2.794   1.00 26.29 ? 135 ALA A CB  1 
ATOM   876  N N   . GLU A 1 136 ? -8.684  10.324  0.164   1.00 24.50 ? 136 GLU A N   1 
ATOM   877  C CA  . GLU A 1 136 ? -9.809  9.614   -0.390  1.00 26.79 ? 136 GLU A CA  1 
ATOM   878  C C   . GLU A 1 136 ? -9.337  8.394   -1.190  1.00 22.82 ? 136 GLU A C   1 
ATOM   879  O O   . GLU A 1 136 ? -9.978  7.341   -1.121  1.00 22.66 ? 136 GLU A O   1 
ATOM   880  C CB  . GLU A 1 136 ? -10.675 10.538  -1.250  1.00 30.59 ? 136 GLU A CB  1 
ATOM   881  C CG  . GLU A 1 136 ? -11.391 11.570  -0.383  1.00 33.09 ? 136 GLU A CG  1 
ATOM   882  C CD  . GLU A 1 136 ? -12.357 12.434  -1.176  1.00 42.57 ? 136 GLU A CD  1 
ATOM   883  O OE1 . GLU A 1 136 ? -12.233 12.455  -2.422  1.00 39.13 ? 136 GLU A OE1 1 
ATOM   884  O OE2 . GLU A 1 136 ? -13.228 13.066  -0.549  1.00 43.26 ? 136 GLU A OE2 1 
ATOM   885  N N   . LEU A 1 137 ? -8.145  8.492   -1.804  1.00 21.49 ? 137 LEU A N   1 
ATOM   886  C CA  . LEU A 1 137 ? -7.598  7.365   -2.511  1.00 20.74 ? 137 LEU A CA  1 
ATOM   887  C C   . LEU A 1 137 ? -7.302  6.246   -1.519  1.00 19.97 ? 137 LEU A C   1 
ATOM   888  O O   . LEU A 1 137 ? -7.678  5.079   -1.730  1.00 19.46 ? 137 LEU A O   1 
ATOM   889  C CB  . LEU A 1 137 ? -6.329  7.796   -3.265  1.00 23.47 ? 137 LEU A CB  1 
ATOM   890  C CG  . LEU A 1 137 ? -5.554  6.678   -3.943  1.00 24.44 ? 137 LEU A CG  1 
ATOM   891  C CD1 . LEU A 1 137 ? -6.345  6.009   -5.054  1.00 30.74 ? 137 LEU A CD1 1 
ATOM   892  C CD2 . LEU A 1 137 ? -4.246  7.225   -4.493  1.00 28.92 ? 137 LEU A CD2 1 
ATOM   893  N N   . TRP A 1 138 ? -6.573  6.594   -0.467  1.00 21.37 ? 138 TRP A N   1 
ATOM   894  C CA  . TRP A 1 138 ? -6.193  5.603   0.532   1.00 21.17 ? 138 TRP A CA  1 
ATOM   895  C C   . TRP A 1 138 ? -7.446  4.961   1.137   1.00 19.67 ? 138 TRP A C   1 
ATOM   896  O O   . TRP A 1 138 ? -7.585  3.728   1.222   1.00 18.24 ? 138 TRP A O   1 
ATOM   897  C CB  . TRP A 1 138 ? -5.245  6.186   1.577   1.00 21.76 ? 138 TRP A CB  1 
ATOM   898  C CG  . TRP A 1 138 ? -4.687  5.098   2.421   1.00 23.01 ? 138 TRP A CG  1 
ATOM   899  C CD1 . TRP A 1 138 ? -5.067  4.771   3.696   1.00 25.07 ? 138 TRP A CD1 1 
ATOM   900  C CD2 . TRP A 1 138 ? -3.712  4.121   2.026   1.00 23.72 ? 138 TRP A CD2 1 
ATOM   901  N NE1 . TRP A 1 138 ? -4.355  3.691   4.129   1.00 24.74 ? 138 TRP A NE1 1 
ATOM   902  C CE2 . TRP A 1 138 ? -3.550  3.240   3.117   1.00 25.00 ? 138 TRP A CE2 1 
ATOM   903  C CE3 . TRP A 1 138 ? -2.978  3.902   0.868   1.00 24.16 ? 138 TRP A CE3 1 
ATOM   904  C CZ2 . TRP A 1 138 ? -2.663  2.161   3.076   1.00 25.55 ? 138 TRP A CZ2 1 
ATOM   905  C CZ3 . TRP A 1 138 ? -2.073  2.869   0.839   1.00 27.23 ? 138 TRP A CZ3 1 
ATOM   906  C CH2 . TRP A 1 138 ? -1.937  1.997   1.918   1.00 23.06 ? 138 TRP A CH2 1 
ATOM   907  N N   . SER A 1 139 ? -8.431  5.785   1.481   1.00 20.02 ? 139 SER A N   1 
ATOM   908  C CA  . SER A 1 139 ? -9.683  5.325   2.057   1.00 20.93 ? 139 SER A CA  1 
ATOM   909  C C   . SER A 1 139 ? -10.413 4.341   1.139   1.00 19.73 ? 139 SER A C   1 
ATOM   910  O O   . SER A 1 139 ? -10.948 3.309   1.594   1.00 19.42 ? 139 SER A O   1 
ATOM   911  C CB  . SER A 1 139 ? -10.561 6.519   2.451   1.00 24.03 ? 139 SER A CB  1 
ATOM   912  O OG  . SER A 1 139 ? -11.839 6.102   2.898   1.00 28.83 ? 139 SER A OG  1 
ATOM   913  N N   . THR A 1 140 ? -10.523 4.673   -0.150  1.00 20.67 ? 140 THR A N   1 
ATOM   914  C CA  . THR A 1 140 ? -11.222 3.821   -1.114  1.00 19.51 ? 140 THR A CA  1 
ATOM   915  C C   . THR A 1 140 ? -10.603 2.424   -1.123  1.00 17.69 ? 140 THR A C   1 
ATOM   916  O O   . THR A 1 140 ? -11.301 1.438   -1.032  1.00 17.70 ? 140 THR A O   1 
ATOM   917  C CB  . THR A 1 140 ? -11.121 4.374   -2.539  1.00 24.96 ? 140 THR A CB  1 
ATOM   918  O OG1 . THR A 1 140 ? -11.843 5.597   -2.497  1.00 28.04 ? 140 THR A OG1 1 
ATOM   919  C CG2 . THR A 1 140 ? -11.666 3.454   -3.604  1.00 29.87 ? 140 THR A CG2 1 
ATOM   920  N N   . PHE A 1 141 ? -9.275  2.348   -1.251  1.00 16.35 ? 141 PHE A N   1 
ATOM   921  C CA  . PHE A 1 141 ? -8.647  1.021   -1.339  1.00 18.50 ? 141 PHE A CA  1 
ATOM   922  C C   . PHE A 1 141 ? -8.686  0.292   0.006   1.00 17.19 ? 141 PHE A C   1 
ATOM   923  O O   . PHE A 1 141 ? -8.843  -0.917  0.035   1.00 17.87 ? 141 PHE A O   1 
ATOM   924  C CB  . PHE A 1 141 ? -7.242  1.108   -1.918  1.00 20.63 ? 141 PHE A CB  1 
ATOM   925  C CG  . PHE A 1 141 ? -7.302  1.188   -3.425  1.00 20.58 ? 141 PHE A CG  1 
ATOM   926  C CD1 . PHE A 1 141 ? -7.370  0.040   -4.191  1.00 21.28 ? 141 PHE A CD1 1 
ATOM   927  C CD2 . PHE A 1 141 ? -7.433  2.425   -4.053  1.00 23.50 ? 141 PHE A CD2 1 
ATOM   928  C CE1 . PHE A 1 141 ? -7.412  0.124   -5.580  1.00 23.78 ? 141 PHE A CE1 1 
ATOM   929  C CE2 . PHE A 1 141 ? -7.577  2.496   -5.438  1.00 26.33 ? 141 PHE A CE2 1 
ATOM   930  C CZ  . PHE A 1 141 ? -7.537  1.349   -6.194  1.00 23.97 ? 141 PHE A CZ  1 
ATOM   931  N N   . MET A 1 142 ? -8.527  1.008   1.107   1.00 19.27 ? 142 MET A N   1 
ATOM   932  C CA  . MET A 1 142 ? -8.639  0.353   2.421   1.00 18.57 ? 142 MET A CA  1 
ATOM   933  C C   . MET A 1 142 ? -10.029 -0.305  2.574   1.00 20.22 ? 142 MET A C   1 
ATOM   934  O O   . MET A 1 142 ? -10.167 -1.442  3.040   1.00 18.46 ? 142 MET A O   1 
ATOM   935  C CB  . MET A 1 142 ? -8.376  1.332   3.564   1.00 20.96 ? 142 MET A CB  1 
ATOM   936  C CG  . MET A 1 142 ? -6.910  1.774   3.682   1.00 22.33 ? 142 MET A CG  1 
ATOM   937  S SD  . MET A 1 142 ? -5.816  0.375   4.118   1.00 24.27 ? 142 MET A SD  1 
ATOM   938  C CE  . MET A 1 142 ? -6.317  0.051   5.821   1.00 26.43 ? 142 MET A CE  1 
ATOM   939  N N   . GLN A 1 143 ? -11.087 0.404   2.156   1.00 20.44 ? 143 GLN A N   1 
ATOM   940  C CA  . GLN A 1 143 ? -12.418 -0.178  2.246   1.00 21.28 ? 143 GLN A CA  1 
ATOM   941  C C   . GLN A 1 143 ? -12.471 -1.451  1.390   1.00 18.50 ? 143 GLN A C   1 
ATOM   942  O O   . GLN A 1 143 ? -13.043 -2.456  1.796   1.00 19.56 ? 143 GLN A O   1 
ATOM   943  C CB  . GLN A 1 143 ? -13.469 0.828   1.768   1.00 22.62 ? 143 GLN A CB  1 
ATOM   944  C CG  . GLN A 1 143 ? -13.650 1.958   2.754   1.00 27.82 ? 143 GLN A CG  1 
ATOM   945  C CD  . GLN A 1 143 ? -14.516 3.042   2.142   1.00 32.86 ? 143 GLN A CD  1 
ATOM   946  O OE1 . GLN A 1 143 ? -14.084 4.155   1.870   1.00 36.54 ? 143 GLN A OE1 1 
ATOM   947  N NE2 . GLN A 1 143 ? -15.757 2.713   1.912   1.00 31.50 ? 143 GLN A NE2 1 
ATOM   948  N N   . LYS A 1 144 ? -11.857 -1.396  0.212   1.00 18.48 ? 144 LYS A N   1 
ATOM   949  C CA  . LYS A 1 144 ? -11.894 -2.504  -0.693  1.00 18.63 ? 144 LYS A CA  1 
ATOM   950  C C   . LYS A 1 144 ? -11.173 -3.701  -0.084  1.00 16.02 ? 144 LYS A C   1 
ATOM   951  O O   . LYS A 1 144 ? -11.664 -4.848  -0.125  1.00 15.54 ? 144 LYS A O   1 
ATOM   952  C CB  . LYS A 1 144 ? -11.274 -2.106  -2.028  1.00 21.08 ? 144 LYS A CB  1 
ATOM   953  C CG  . LYS A 1 144 ? -11.372 -3.155  -3.108  1.00 29.04 ? 144 LYS A CG  1 
ATOM   954  C CD  . LYS A 1 144 ? -10.931 -2.674  -4.500  1.00 34.46 ? 144 LYS A CD  1 
ATOM   955  C CE  . LYS A 1 144 ? -11.230 -3.732  -5.549  1.00 33.65 ? 144 LYS A CE  1 
ATOM   956  N NZ  . LYS A 1 144 ? -10.576 -3.401  -6.842  1.00 33.27 ? 144 LYS A NZ  1 
ATOM   957  N N   . TRP A 1 145 ? -9.981  -3.457  0.470   1.00 15.61 ? 145 TRP A N   1 
ATOM   958  C CA  . TRP A 1 145 ? -9.189  -4.574  0.997   1.00 16.82 ? 145 TRP A CA  1 
ATOM   959  C C   . TRP A 1 145 ? -9.806  -5.159  2.270   1.00 17.08 ? 145 TRP A C   1 
ATOM   960  O O   . TRP A 1 145 ? -9.712  -6.361  2.537   1.00 17.18 ? 145 TRP A O   1 
ATOM   961  C CB  . TRP A 1 145 ? -7.761  -4.084  1.227   1.00 16.51 ? 145 TRP A CB  1 
ATOM   962  C CG  . TRP A 1 145 ? -7.127  -3.653  -0.043  1.00 17.52 ? 145 TRP A CG  1 
ATOM   963  C CD1 . TRP A 1 145 ? -7.376  -4.166  -1.292  1.00 17.00 ? 145 TRP A CD1 1 
ATOM   964  C CD2 . TRP A 1 145 ? -6.099  -2.655  -0.206  1.00 17.49 ? 145 TRP A CD2 1 
ATOM   965  N NE1 . TRP A 1 145 ? -6.573  -3.541  -2.206  1.00 16.54 ? 145 TRP A NE1 1 
ATOM   966  C CE2 . TRP A 1 145 ? -5.797  -2.616  -1.589  1.00 16.32 ? 145 TRP A CE2 1 
ATOM   967  C CE3 . TRP A 1 145 ? -5.415  -1.780  0.641   1.00 17.46 ? 145 TRP A CE3 1 
ATOM   968  C CZ2 . TRP A 1 145 ? -4.838  -1.754  -2.128  1.00 18.82 ? 145 TRP A CZ2 1 
ATOM   969  C CZ3 . TRP A 1 145 ? -4.496  -0.913  0.104   1.00 17.56 ? 145 TRP A CZ3 1 
ATOM   970  C CH2 . TRP A 1 145 ? -4.180  -0.931  -1.255  1.00 17.48 ? 145 TRP A CH2 1 
ATOM   971  N N   . ILE A 1 146 ? -10.423 -4.280  3.064   1.00 16.61 ? 146 ILE A N   1 
ATOM   972  C CA  . ILE A 1 146 ? -11.139 -4.738  4.264   1.00 16.02 ? 146 ILE A CA  1 
ATOM   973  C C   . ILE A 1 146 ? -12.341 -5.590  3.820   1.00 16.73 ? 146 ILE A C   1 
ATOM   974  O O   . ILE A 1 146 ? -12.556 -6.665  4.374   1.00 15.05 ? 146 ILE A O   1 
ATOM   975  C CB  . ILE A 1 146 ? -11.525 -3.554  5.167   1.00 15.69 ? 146 ILE A CB  1 
ATOM   976  C CG1 . ILE A 1 146 ? -10.269 -3.020  5.858   1.00 16.39 ? 146 ILE A CG1 1 
ATOM   977  C CG2 . ILE A 1 146 ? -12.633 -3.918  6.161   1.00 16.98 ? 146 ILE A CG2 1 
ATOM   978  C CD1 . ILE A 1 146 ? -10.387 -1.625  6.374   1.00 18.97 ? 146 ILE A CD1 1 
ATOM   979  N N   . ALA A 1 147 ? -13.127 -5.088  2.860   1.00 19.12 ? 147 ALA A N   1 
ATOM   980  C CA  . ALA A 1 147 ? -14.319 -5.856  2.399   1.00 18.39 ? 147 ALA A CA  1 
ATOM   981  C C   . ALA A 1 147 ? -13.874 -7.237  1.904   1.00 19.30 ? 147 ALA A C   1 
ATOM   982  O O   . ALA A 1 147 ? -14.514 -8.292  2.230   1.00 16.92 ? 147 ALA A O   1 
ATOM   983  C CB  . ALA A 1 147 ? -15.121 -5.055  1.390   1.00 18.98 ? 147 ALA A CB  1 
ATOM   984  N N   . TYR A 1 148 ? -12.732 -7.289  1.185   1.00 19.72 ? 148 TYR A N   1 
ATOM   985  C CA  . TYR A 1 148 ? -12.237 -8.565  0.678   1.00 20.99 ? 148 TYR A CA  1 
ATOM   986  C C   . TYR A 1 148 ? -11.783 -9.477  1.832   1.00 19.56 ? 148 TYR A C   1 
ATOM   987  O O   . TYR A 1 148 ? -12.145 -10.656 1.892   1.00 18.90 ? 148 TYR A O   1 
ATOM   988  C CB  . TYR A 1 148 ? -11.130 -8.378  -0.371  1.00 21.10 ? 148 TYR A CB  1 
ATOM   989  C CG  . TYR A 1 148 ? -10.613 -9.686  -0.894  1.00 23.20 ? 148 TYR A CG  1 
ATOM   990  C CD1 . TYR A 1 148 ? -11.408 -10.536 -1.641  1.00 24.55 ? 148 TYR A CD1 1 
ATOM   991  C CD2 . TYR A 1 148 ? -9.346  -10.119 -0.567  1.00 23.23 ? 148 TYR A CD2 1 
ATOM   992  C CE1 . TYR A 1 148 ? -10.944 -11.762 -2.094  1.00 22.78 ? 148 TYR A CE1 1 
ATOM   993  C CE2 . TYR A 1 148 ? -8.879  -11.351 -0.984  1.00 25.55 ? 148 TYR A CE2 1 
ATOM   994  C CZ  . TYR A 1 148 ? -9.671  -12.165 -1.764  1.00 24.89 ? 148 TYR A CZ  1 
ATOM   995  O OH  . TYR A 1 148 ? -9.179  -13.377 -2.137  1.00 25.78 ? 148 TYR A OH  1 
ATOM   996  N N   . THR A 1 149 ? -11.006 -8.933  2.772   1.00 17.85 ? 149 THR A N   1 
ATOM   997  C CA  . THR A 1 149 ? -10.601 -9.678  3.967   1.00 17.31 ? 149 THR A CA  1 
ATOM   998  C C   . THR A 1 149 ? -11.827 -10.293 4.654   1.00 19.06 ? 149 THR A C   1 
ATOM   999  O O   . THR A 1 149 ? -11.829 -11.493 5.042   1.00 16.77 ? 149 THR A O   1 
ATOM   1000 C CB  . THR A 1 149 ? -9.837  -8.750  4.946   1.00 16.99 ? 149 THR A CB  1 
ATOM   1001 O OG1 . THR A 1 149 ? -8.678  -8.190  4.301   1.00 16.99 ? 149 THR A OG1 1 
ATOM   1002 C CG2 . THR A 1 149 ? -9.446  -9.476  6.200   1.00 15.69 ? 149 THR A CG2 1 
ATOM   1003 N N   . ALA A 1 150 ? -12.870 -9.462  4.876   1.00 19.05 ? 150 ALA A N   1 
ATOM   1004 C CA  . ALA A 1 150 ? -14.025 -9.966  5.618   1.00 18.72 ? 150 ALA A CA  1 
ATOM   1005 C C   . ALA A 1 150 ? -14.697 -11.104 4.829   1.00 19.21 ? 150 ALA A C   1 
ATOM   1006 O O   . ALA A 1 150 ? -15.236 -12.023 5.444   1.00 19.25 ? 150 ALA A O   1 
ATOM   1007 C CB  . ALA A 1 150 ? -15.017 -8.871  5.892   1.00 17.81 ? 150 ALA A CB  1 
ATOM   1008 N N   . ALA A 1 151 ? -14.814 -10.925 3.503   1.00 21.68 ? 151 ALA A N   1 
ATOM   1009 C CA  . ALA A 1 151 ? -15.425 -11.959 2.617   1.00 23.20 ? 151 ALA A CA  1 
ATOM   1010 C C   . ALA A 1 151 ? -14.685 -13.292 2.778   1.00 23.86 ? 151 ALA A C   1 
ATOM   1011 O O   . ALA A 1 151 ? -15.297 -14.382 2.905   1.00 22.11 ? 151 ALA A O   1 
ATOM   1012 C CB  . ALA A 1 151 ? -15.452 -11.484 1.173   1.00 22.05 ? 151 ALA A CB  1 
ATOM   1013 N N   . VAL A 1 152 ? -13.351 -13.231 2.858   1.00 21.62 ? 152 VAL A N   1 
ATOM   1014 C CA  . VAL A 1 152 ? -12.604 -14.448 3.018   1.00 22.04 ? 152 VAL A CA  1 
ATOM   1015 C C   . VAL A 1 152 ? -12.849 -15.054 4.404   1.00 22.78 ? 152 VAL A C   1 
ATOM   1016 O O   . VAL A 1 152 ? -13.059 -16.285 4.508   1.00 22.51 ? 152 VAL A O   1 
ATOM   1017 C CB  . VAL A 1 152 ? -11.106 -14.240 2.717   1.00 22.46 ? 152 VAL A CB  1 
ATOM   1018 C CG1 . VAL A 1 152 ? -10.315 -15.498 3.019   1.00 24.06 ? 152 VAL A CG1 1 
ATOM   1019 C CG2 . VAL A 1 152 ? -10.858 -13.789 1.271   1.00 22.79 ? 152 VAL A CG2 1 
ATOM   1020 N N   . ILE A 1 153 ? -12.760 -14.251 5.478   1.00 20.66 ? 153 ILE A N   1 
ATOM   1021 C CA  . ILE A 1 153 ? -13.055 -14.747 6.811   1.00 20.93 ? 153 ILE A CA  1 
ATOM   1022 C C   . ILE A 1 153 ? -14.442 -15.437 6.804   1.00 21.99 ? 153 ILE A C   1 
ATOM   1023 O O   . ILE A 1 153 ? -14.590 -16.484 7.384   1.00 22.76 ? 153 ILE A O   1 
ATOM   1024 C CB  . ILE A 1 153 ? -12.958 -13.611 7.856   1.00 21.86 ? 153 ILE A CB  1 
ATOM   1025 C CG1 . ILE A 1 153 ? -11.520 -13.092 8.022   1.00 20.59 ? 153 ILE A CG1 1 
ATOM   1026 C CG2 . ILE A 1 153 ? -13.524 -14.034 9.203   1.00 21.96 ? 153 ILE A CG2 1 
ATOM   1027 C CD1 . ILE A 1 153 ? -11.421 -11.820 8.801   1.00 22.20 ? 153 ILE A CD1 1 
ATOM   1028 N N   . ASP A 1 154 ? -15.454 -14.778 6.239   1.00 21.72 ? 154 ASP A N   1 
ATOM   1029 C CA  . ASP A 1 154 ? -16.838 -15.327 6.198   1.00 26.15 ? 154 ASP A CA  1 
ATOM   1030 C C   . ASP A 1 154 ? -16.879 -16.679 5.470   1.00 29.33 ? 154 ASP A C   1 
ATOM   1031 O O   . ASP A 1 154 ? -17.515 -17.612 5.951   1.00 34.20 ? 154 ASP A O   1 
ATOM   1032 C CB  . ASP A 1 154 ? -17.803 -14.316 5.583   1.00 25.63 ? 154 ASP A CB  1 
ATOM   1033 C CG  . ASP A 1 154 ? -18.296 -13.311 6.604   1.00 26.55 ? 154 ASP A CG  1 
ATOM   1034 O OD1 . ASP A 1 154 ? -18.242 -13.623 7.819   1.00 27.85 ? 154 ASP A OD1 1 
ATOM   1035 O OD2 . ASP A 1 154 ? -18.692 -12.219 6.185   1.00 34.59 ? 154 ASP A OD2 1 
ATOM   1036 N N   . ALA A 1 155 ? -16.217 -16.751 4.316   1.00 29.48 ? 155 ALA A N   1 
ATOM   1037 C CA  . ALA A 1 155 ? -16.069 -18.004 3.581   1.00 32.30 ? 155 ALA A CA  1 
ATOM   1038 C C   . ALA A 1 155 ? -15.488 -19.072 4.499   1.00 30.91 ? 155 ALA A C   1 
ATOM   1039 O O   . ALA A 1 155 ? -15.962 -20.181 4.513   1.00 33.21 ? 155 ALA A O   1 
ATOM   1040 C CB  . ALA A 1 155 ? -15.168 -17.824 2.385   1.00 33.87 ? 155 ALA A CB  1 
ATOM   1041 N N   . GLU A 1 156 ? -14.452 -18.720 5.263   1.00 28.53 ? 156 GLU A N   1 
ATOM   1042 C CA  . GLU A 1 156 ? -13.788 -19.656 6.105   1.00 27.08 ? 156 GLU A CA  1 
ATOM   1043 C C   . GLU A 1 156 ? -14.748 -20.100 7.209   1.00 29.75 ? 156 GLU A C   1 
ATOM   1044 O O   . GLU A 1 156 ? -14.710 -21.261 7.661   1.00 34.03 ? 156 GLU A O   1 
ATOM   1045 C CB  . GLU A 1 156 ? -12.514 -19.078 6.728   1.00 26.10 ? 156 GLU A CB  1 
ATOM   1046 C CG  . GLU A 1 156 ? -11.357 -18.902 5.770   1.00 24.59 ? 156 GLU A CG  1 
ATOM   1047 C CD  . GLU A 1 156 ? -10.723 -20.208 5.344   1.00 28.07 ? 156 GLU A CD  1 
ATOM   1048 O OE1 . GLU A 1 156 ? -9.792  -20.655 6.011   1.00 24.60 ? 156 GLU A OE1 1 
ATOM   1049 O OE2 . GLU A 1 156 ? -11.321 -20.854 4.498   1.00 26.79 ? 156 GLU A OE2 1 
ATOM   1050 N N   . ARG A 1 157 ? -15.577 -19.170 7.689   1.00 25.07 ? 157 ARG A N   1 
ATOM   1051 C CA  . ARG A 1 157 ? -16.539 -19.515 8.710   1.00 26.16 ? 157 ARG A CA  1 
ATOM   1052 C C   . ARG A 1 157 ? -17.646 -20.437 8.118   1.00 29.17 ? 157 ARG A C   1 
ATOM   1053 O O   . ARG A 1 157 ? -18.045 -21.411 8.748   1.00 32.34 ? 157 ARG A O   1 
ATOM   1054 C CB  . ARG A 1 157 ? -17.145 -18.243 9.282   1.00 24.81 ? 157 ARG A CB  1 
ATOM   1055 C CG  . ARG A 1 157 ? -16.154 -17.466 10.149  1.00 23.53 ? 157 ARG A CG  1 
ATOM   1056 C CD  . ARG A 1 157 ? -16.729 -16.140 10.612  1.00 23.58 ? 157 ARG A CD  1 
ATOM   1057 N NE  . ARG A 1 157 ? -15.768 -15.499 11.513  1.00 22.52 ? 157 ARG A NE  1 
ATOM   1058 C CZ  . ARG A 1 157 ? -16.022 -14.408 12.219  1.00 23.55 ? 157 ARG A CZ  1 
ATOM   1059 N NH1 . ARG A 1 157 ? -17.199 -13.800 12.104  1.00 20.24 ? 157 ARG A NH1 1 
ATOM   1060 N NH2 . ARG A 1 157 ? -15.078 -13.925 13.017  1.00 21.50 ? 157 ARG A NH2 1 
ATOM   1061 N N   . ASP A 1 158 ? -18.122 -20.111 6.922   1.00 31.33 ? 158 ASP A N   1 
ATOM   1062 C CA  . ASP A 1 158 ? -19.179 -20.905 6.221   1.00 34.73 ? 158 ASP A CA  1 
ATOM   1063 C C   . ASP A 1 158 ? -18.692 -22.344 5.985   1.00 36.73 ? 158 ASP A C   1 
ATOM   1064 O O   . ASP A 1 158 ? -19.489 -23.270 6.097   1.00 40.08 ? 158 ASP A O   1 
ATOM   1065 C CB  . ASP A 1 158 ? -19.603 -20.227 4.918   1.00 33.26 ? 158 ASP A CB  1 
ATOM   1066 C CG  . ASP A 1 158 ? -20.385 -18.944 5.114   1.00 38.80 ? 158 ASP A CG  1 
ATOM   1067 O OD1 . ASP A 1 158 ? -20.778 -18.644 6.263   1.00 41.43 ? 158 ASP A OD1 1 
ATOM   1068 O OD2 . ASP A 1 158 ? -20.560 -18.230 4.115   1.00 41.84 ? 158 ASP A OD2 1 
ATOM   1069 N N   . ARG A 1 159 ? -17.402 -22.520 5.684   1.00 36.38 ? 159 ARG A N   1 
ATOM   1070 C CA  . ARG A 1 159 ? -16.737 -23.829 5.494   1.00 39.31 ? 159 ARG A CA  1 
ATOM   1071 C C   . ARG A 1 159 ? -16.585 -24.605 6.802   1.00 36.96 ? 159 ARG A C   1 
ATOM   1072 O O   . ARG A 1 159 ? -16.146 -25.729 6.769   1.00 39.02 ? 159 ARG A O   1 
ATOM   1073 C CB  . ARG A 1 159 ? -15.275 -23.691 5.045   1.00 41.07 ? 159 ARG A CB  1 
ATOM   1074 C CG  . ARG A 1 159 ? -15.009 -23.425 3.572   1.00 47.42 ? 159 ARG A CG  1 
ATOM   1075 C CD  . ARG A 1 159 ? -13.516 -23.221 3.300   1.00 49.93 ? 159 ARG A CD  1 
ATOM   1076 N NE  . ARG A 1 159 ? -12.603 -23.922 4.216   1.00 55.09 ? 159 ARG A NE  1 
ATOM   1077 C CZ  . ARG A 1 159 ? -11.276 -23.726 4.295   1.00 54.87 ? 159 ARG A CZ  1 
ATOM   1078 N NH1 . ARG A 1 159 ? -10.662 -22.970 3.403   1.00 64.50 ? 159 ARG A NH1 1 
ATOM   1079 N NH2 . ARG A 1 159 ? -10.551 -24.329 5.225   1.00 54.40 ? 159 ARG A NH2 1 
ATOM   1080 N N   . GLY A 1 160 ? -16.788 -23.961 7.950   1.00 35.93 ? 160 GLY A N   1 
ATOM   1081 C CA  . GLY A 1 160 ? -16.480 -24.557 9.242   1.00 32.76 ? 160 GLY A CA  1 
ATOM   1082 C C   . GLY A 1 160 ? -14.990 -24.570 9.554   1.00 33.09 ? 160 GLY A C   1 
ATOM   1083 O O   . GLY A 1 160 ? -14.584 -25.243 10.459  1.00 33.29 ? 160 GLY A O   1 
ATOM   1084 N N   . ALA A 1 161 ? -14.163 -23.813 8.811   1.00 30.67 ? 161 ALA A N   1 
ATOM   1085 C CA  . ALA A 1 161 ? -12.707 -23.729 9.072   1.00 30.14 ? 161 ALA A CA  1 
ATOM   1086 C C   . ALA A 1 161 ? -12.354 -22.663 10.125  1.00 31.66 ? 161 ALA A C   1 
ATOM   1087 O O   . ALA A 1 161 ? -11.344 -22.769 10.782  1.00 32.43 ? 161 ALA A O   1 
ATOM   1088 C CB  . ALA A 1 161 ? -11.994 -23.465 7.775   1.00 32.88 ? 161 ALA A CB  1 
ATOM   1089 N N   . ALA A 1 162 ? -13.218 -21.663 10.338  1.00 27.41 ? 162 ALA A N   1 
ATOM   1090 C CA  . ALA A 1 162 ? -12.969 -20.632 11.386  1.00 28.99 ? 162 ALA A CA  1 
ATOM   1091 C C   . ALA A 1 162 ? -14.213 -20.453 12.258  1.00 25.07 ? 162 ALA A C   1 
ATOM   1092 O O   . ALA A 1 162 ? -15.338 -20.504 11.743  1.00 25.80 ? 162 ALA A O   1 
ATOM   1093 C CB  . ALA A 1 162 ? -12.580 -19.336 10.727  1.00 28.83 ? 162 ALA A CB  1 
ATOM   1094 N N   . PRO A 1 163 ? -14.039 -20.167 13.562  1.00 27.15 ? 163 PRO A N   1 
ATOM   1095 C CA  . PRO A 1 163 ? -15.158 -19.985 14.481  1.00 26.31 ? 163 PRO A CA  1 
ATOM   1096 C C   . PRO A 1 163 ? -15.815 -18.620 14.305  1.00 29.39 ? 163 PRO A C   1 
ATOM   1097 O O   . PRO A 1 163 ? -15.185 -17.593 13.874  1.00 23.64 ? 163 PRO A O   1 
ATOM   1098 C CB  . PRO A 1 163 ? -14.485 -20.138 15.843  1.00 29.08 ? 163 PRO A CB  1 
ATOM   1099 C CG  . PRO A 1 163 ? -13.160 -19.463 15.619  1.00 28.20 ? 163 PRO A CG  1 
ATOM   1100 C CD  . PRO A 1 163 ? -12.749 -19.947 14.242  1.00 28.17 ? 163 PRO A CD  1 
ATOM   1101 N N   . ARG A 1 164 ? -17.093 -18.568 14.637  1.00 25.83 ? 164 ARG A N   1 
ATOM   1102 C CA  . ARG A 1 164 ? -17.797 -17.288 14.552  1.00 30.04 ? 164 ARG A CA  1 
ATOM   1103 C C   . ARG A 1 164 ? -17.549 -16.501 15.840  1.00 31.58 ? 164 ARG A C   1 
ATOM   1104 O O   . ARG A 1 164 ? -18.309 -16.650 16.803  1.00 28.10 ? 164 ARG A O   1 
ATOM   1105 C CB  . ARG A 1 164 ? -19.300 -17.485 14.289  1.00 34.00 ? 164 ARG A CB  1 
ATOM   1106 C CG  . ARG A 1 164 ? -19.617 -18.039 12.905  1.00 42.35 ? 164 ARG A CG  1 
ATOM   1107 C CD  . ARG A 1 164 ? -21.111 -18.127 12.524  1.00 48.20 ? 164 ARG A CD  1 
ATOM   1108 N NE  . ARG A 1 164 ? -21.293 -18.793 11.232  1.00 50.18 ? 164 ARG A NE  1 
ATOM   1109 C CZ  . ARG A 1 164 ? -20.915 -18.302 10.041  1.00 51.49 ? 164 ARG A CZ  1 
ATOM   1110 N NH1 . ARG A 1 164 ? -20.569 -17.031 9.918   1.00 48.22 ? 164 ARG A NH1 1 
ATOM   1111 N NH2 . ARG A 1 164 ? -20.878 -19.084 8.975   1.00 44.33 ? 164 ARG A NH2 1 
ATOM   1112 N N   . THR A 1 165 ? -16.523 -15.636 15.834  1.00 25.03 ? 165 THR A N   1 
ATOM   1113 C CA  . THR A 1 165 ? -16.114 -14.876 16.999  1.00 22.55 ? 165 THR A CA  1 
ATOM   1114 C C   . THR A 1 165 ? -16.592 -13.436 16.826  1.00 25.69 ? 165 THR A C   1 
ATOM   1115 O O   . THR A 1 165 ? -17.785 -13.183 16.864  1.00 24.91 ? 165 THR A O   1 
ATOM   1116 C CB  . THR A 1 165 ? -14.609 -15.069 17.265  1.00 22.72 ? 165 THR A CB  1 
ATOM   1117 O OG1 . THR A 1 165 ? -13.909 -14.719 16.063  1.00 21.49 ? 165 THR A OG1 1 
ATOM   1118 C CG2 . THR A 1 165 ? -14.273 -16.487 17.657  1.00 24.09 ? 165 THR A CG2 1 
ATOM   1119 N N   . LEU A 1 166 ? -15.676 -12.515 16.515  1.00 22.15 ? 166 LEU A N   1 
ATOM   1120 C CA  . LEU A 1 166 ? -16.007 -11.157 16.259  1.00 23.58 ? 166 LEU A CA  1 
ATOM   1121 C C   . LEU A 1 166 ? -16.764 -11.076 14.941  1.00 20.81 ? 166 LEU A C   1 
ATOM   1122 O O   . LEU A 1 166 ? -16.532 -11.903 14.083  1.00 22.65 ? 166 LEU A O   1 
ATOM   1123 C CB  . LEU A 1 166 ? -14.742 -10.326 16.071  1.00 21.11 ? 166 LEU A CB  1 
ATOM   1124 C CG  . LEU A 1 166 ? -13.822 -10.170 17.271  1.00 24.68 ? 166 LEU A CG  1 
ATOM   1125 C CD1 . LEU A 1 166 ? -12.678 -9.248  16.893  1.00 21.65 ? 166 LEU A CD1 1 
ATOM   1126 C CD2 . LEU A 1 166 ? -14.564 -9.631  18.506  1.00 24.70 ? 166 LEU A CD2 1 
ATOM   1127 N N   . PRO A 1 167 ? -17.560 -10.015 14.736  1.00 21.39 ? 167 PRO A N   1 
ATOM   1128 C CA  . PRO A 1 167 ? -18.041 -9.628  13.407  1.00 21.20 ? 167 PRO A CA  1 
ATOM   1129 C C   . PRO A 1 167 ? -16.849 -9.526  12.443  1.00 21.77 ? 167 PRO A C   1 
ATOM   1130 O O   . PRO A 1 167 ? -15.814 -8.848  12.736  1.00 18.69 ? 167 PRO A O   1 
ATOM   1131 C CB  . PRO A 1 167 ? -18.688 -8.266  13.619  1.00 21.63 ? 167 PRO A CB  1 
ATOM   1132 C CG  . PRO A 1 167 ? -19.124 -8.279  15.088  1.00 21.71 ? 167 PRO A CG  1 
ATOM   1133 C CD  . PRO A 1 167 ? -18.075 -9.117  15.788  1.00 21.33 ? 167 PRO A CD  1 
ATOM   1134 N N   . ALA A 1 168 ? -16.984 -10.222 11.321  1.00 20.35 ? 168 ALA A N   1 
ATOM   1135 C CA  . ALA A 1 168 ? -15.866 -10.362 10.391  1.00 20.85 ? 168 ALA A CA  1 
ATOM   1136 C C   . ALA A 1 168 ? -15.360 -8.997  9.905   1.00 19.14 ? 168 ALA A C   1 
ATOM   1137 O O   . ALA A 1 168 ? -14.141 -8.810  9.723   1.00 18.53 ? 168 ALA A O   1 
ATOM   1138 C CB  . ALA A 1 168 ? -16.315 -11.250 9.244   1.00 20.79 ? 168 ALA A CB  1 
ATOM   1139 N N   . HIS A 1 169 ? -16.273 -8.055  9.618   1.00 17.34 ? 169 HIS A N   1 
ATOM   1140 C CA  . HIS A 1 169 ? -15.867 -6.786  9.055   1.00 19.81 ? 169 HIS A CA  1 
ATOM   1141 C C   . HIS A 1 169 ? -15.044 -5.958  10.067  1.00 20.88 ? 169 HIS A C   1 
ATOM   1142 O O   . HIS A 1 169 ? -14.078 -5.272  9.724   1.00 17.51 ? 169 HIS A O   1 
ATOM   1143 C CB  . HIS A 1 169 ? -17.085 -6.053  8.497   1.00 21.15 ? 169 HIS A CB  1 
ATOM   1144 C CG  . HIS A 1 169 ? -16.718 -4.930  7.581   1.00 17.80 ? 169 HIS A CG  1 
ATOM   1145 N ND1 . HIS A 1 169 ? -16.513 -3.641  8.037   1.00 20.65 ? 169 HIS A ND1 1 
ATOM   1146 C CD2 . HIS A 1 169 ? -16.437 -4.928  6.259   1.00 18.74 ? 169 HIS A CD2 1 
ATOM   1147 C CE1 . HIS A 1 169 ? -16.183 -2.850  6.999   1.00 19.43 ? 169 HIS A CE1 1 
ATOM   1148 N NE2 . HIS A 1 169 ? -16.177 -3.632  5.879   1.00 19.47 ? 169 HIS A NE2 1 
ATOM   1149 N N   . GLU A 1 170 ? -15.415 -6.062  11.349  1.00 19.61 ? 170 GLU A N   1 
ATOM   1150 C CA  . GLU A 1 170 ? -14.706 -5.356  12.399  1.00 18.42 ? 170 GLU A CA  1 
ATOM   1151 C C   . GLU A 1 170 ? -13.310 -5.976  12.587  1.00 16.67 ? 170 GLU A C   1 
ATOM   1152 O O   . GLU A 1 170 ? -12.340 -5.235  12.727  1.00 15.35 ? 170 GLU A O   1 
ATOM   1153 C CB  . GLU A 1 170 ? -15.568 -5.392  13.656  1.00 19.89 ? 170 GLU A CB  1 
ATOM   1154 C CG  . GLU A 1 170 ? -16.870 -4.587  13.472  1.00 21.17 ? 170 GLU A CG  1 
ATOM   1155 C CD  . GLU A 1 170 ? -17.859 -4.648  14.643  1.00 22.93 ? 170 GLU A CD  1 
ATOM   1156 O OE1 . GLU A 1 170 ? -17.514 -5.265  15.718  1.00 19.60 ? 170 GLU A OE1 1 
ATOM   1157 O OE2 . GLU A 1 170 ? -18.998 -4.135  14.443  1.00 25.82 ? 170 GLU A OE2 1 
ATOM   1158 N N   . LEU A 1 171 ? -13.240 -7.311  12.654  1.00 16.05 ? 171 LEU A N   1 
ATOM   1159 C CA  . LEU A 1 171 ? -11.933 -8.024  12.785  1.00 16.66 ? 171 LEU A CA  1 
ATOM   1160 C C   . LEU A 1 171 ? -11.040 -7.656  11.603  1.00 15.18 ? 171 LEU A C   1 
ATOM   1161 O O   . LEU A 1 171 ? -9.841  -7.303  11.778  1.00 15.43 ? 171 LEU A O   1 
ATOM   1162 C CB  . LEU A 1 171 ? -12.210 -9.535  12.858  1.00 16.60 ? 171 LEU A CB  1 
ATOM   1163 C CG  . LEU A 1 171 ? -11.003 -10.468 12.796  1.00 16.72 ? 171 LEU A CG  1 
ATOM   1164 C CD1 . LEU A 1 171 ? -9.989  -10.098 13.864  1.00 17.59 ? 171 LEU A CD1 1 
ATOM   1165 C CD2 . LEU A 1 171 ? -11.439 -11.922 12.962  1.00 16.76 ? 171 LEU A CD2 1 
ATOM   1166 N N   . ALA A 1 172 ? -11.630 -7.662  10.395  1.00 15.43 ? 172 ALA A N   1 
ATOM   1167 C CA  . ALA A 1 172 ? -10.874 -7.296  9.172   1.00 16.18 ? 172 ALA A CA  1 
ATOM   1168 C C   . ALA A 1 172 ? -10.343 -5.869  9.243   1.00 15.90 ? 172 ALA A C   1 
ATOM   1169 O O   . ALA A 1 172 ? -9.225  -5.613  8.799   1.00 14.86 ? 172 ALA A O   1 
ATOM   1170 C CB  . ALA A 1 172 ? -11.702 -7.486  7.932   1.00 17.71 ? 172 ALA A CB  1 
ATOM   1171 N N   . THR A 1 173 ? -11.191 -4.935  9.716   1.00 14.98 ? 173 THR A N   1 
ATOM   1172 C CA  . THR A 1 173 ? -10.787 -3.546  9.822   1.00 17.25 ? 173 THR A CA  1 
ATOM   1173 C C   . THR A 1 173 ? -9.516  -3.452  10.707  1.00 16.43 ? 173 THR A C   1 
ATOM   1174 O O   . THR A 1 173 ? -8.562  -2.823  10.305  1.00 15.79 ? 173 THR A O   1 
ATOM   1175 C CB  . THR A 1 173 ? -11.963 -2.677  10.320  1.00 19.60 ? 173 THR A CB  1 
ATOM   1176 O OG1 . THR A 1 173 ? -13.020 -2.803  9.360   1.00 17.86 ? 173 THR A OG1 1 
ATOM   1177 C CG2 . THR A 1 173 ? -11.652 -1.199  10.422  1.00 19.03 ? 173 THR A CG2 1 
ATOM   1178 N N   . ALA A 1 174 ? -9.579  -3.990  11.919  1.00 14.19 ? 174 ALA A N   1 
ATOM   1179 C CA  . ALA A 1 174 ? -8.469  -3.860  12.888  1.00 15.92 ? 174 ALA A CA  1 
ATOM   1180 C C   . ALA A 1 174 ? -7.200  -4.497  12.307  1.00 15.40 ? 174 ALA A C   1 
ATOM   1181 O O   . ALA A 1 174 ? -6.113  -3.953  12.476  1.00 16.05 ? 174 ALA A O   1 
ATOM   1182 C CB  . ALA A 1 174 ? -8.819  -4.509  14.193  1.00 15.38 ? 174 ALA A CB  1 
ATOM   1183 N N   . LEU A 1 175 ? -7.356  -5.682  11.709  1.00 14.89 ? 175 LEU A N   1 
ATOM   1184 C CA  . LEU A 1 175 ? -6.193  -6.396  11.122  1.00 15.08 ? 175 LEU A CA  1 
ATOM   1185 C C   . LEU A 1 175 ? -5.564  -5.584  9.996   1.00 15.86 ? 175 LEU A C   1 
ATOM   1186 O O   . LEU A 1 175 ? -4.352  -5.507  9.903   1.00 15.67 ? 175 LEU A O   1 
ATOM   1187 C CB  . LEU A 1 175 ? -6.618  -7.798  10.687  1.00 16.02 ? 175 LEU A CB  1 
ATOM   1188 C CG  . LEU A 1 175 ? -6.915  -8.772  11.831  1.00 15.90 ? 175 LEU A CG  1 
ATOM   1189 C CD1 . LEU A 1 175 ? -7.405  -10.105 11.266  1.00 17.32 ? 175 LEU A CD1 1 
ATOM   1190 C CD2 . LEU A 1 175 ? -5.697  -9.019  12.711  1.00 16.66 ? 175 LEU A CD2 1 
ATOM   1191 N N   . ASN A 1 176 ? -6.393  -5.017  9.116   1.00 17.08 ? 176 ASN A N   1 
ATOM   1192 C CA  . ASN A 1 176 ? -5.917  -4.153  8.028   1.00 16.98 ? 176 ASN A CA  1 
ATOM   1193 C C   . ASN A 1 176 ? -5.227  -2.889  8.566   1.00 17.61 ? 176 ASN A C   1 
ATOM   1194 O O   . ASN A 1 176 ? -4.159  -2.532  8.018   1.00 16.20 ? 176 ASN A O   1 
ATOM   1195 C CB  . ASN A 1 176 ? -7.043  -3.826  7.030   1.00 16.74 ? 176 ASN A CB  1 
ATOM   1196 C CG  . ASN A 1 176 ? -7.233  -4.920  5.996   1.00 15.41 ? 176 ASN A CG  1 
ATOM   1197 O OD1 . ASN A 1 176 ? -6.684  -4.782  4.912   1.00 18.52 ? 176 ASN A OD1 1 
ATOM   1198 N ND2 . ASN A 1 176 ? -7.947  -6.007  6.307   1.00 15.80 ? 176 ASN A ND2 1 
ATOM   1199 N N   . LEU A 1 177 ? -5.782  -2.250  9.624   1.00 14.20 ? 177 LEU A N   1 
ATOM   1200 C CA  . LEU A 1 177 ? -5.138  -1.076  10.201  1.00 15.05 ? 177 LEU A CA  1 
ATOM   1201 C C   . LEU A 1 177 ? -3.822  -1.481  10.887  1.00 14.39 ? 177 LEU A C   1 
ATOM   1202 O O   . LEU A 1 177 ? -2.846  -0.700  10.851  1.00 15.99 ? 177 LEU A O   1 
ATOM   1203 C CB  . LEU A 1 177 ? -6.101  -0.355  11.146  1.00 15.27 ? 177 LEU A CB  1 
ATOM   1204 C CG  . LEU A 1 177 ? -7.285  0.332   10.459  1.00 14.83 ? 177 LEU A CG  1 
ATOM   1205 C CD1 . LEU A 1 177 ? -8.247  0.862   11.517  1.00 17.08 ? 177 LEU A CD1 1 
ATOM   1206 C CD2 . LEU A 1 177 ? -6.813  1.437   9.547   1.00 16.07 ? 177 LEU A CD2 1 
ATOM   1207 N N   . MET A 1 178 ? -3.789  -2.661  11.523  1.00 14.39 ? 178 MET A N   1 
ATOM   1208 C CA  . MET A 1 178 ? -2.551  -3.158  12.081  1.00 15.66 ? 178 MET A CA  1 
ATOM   1209 C C   . MET A 1 178 ? -1.484  -3.211  10.986  1.00 16.96 ? 178 MET A C   1 
ATOM   1210 O O   . MET A 1 178 ? -0.337  -2.749  11.189  1.00 15.49 ? 178 MET A O   1 
ATOM   1211 C CB  . MET A 1 178 ? -2.685  -4.556  12.695  1.00 15.35 ? 178 MET A CB  1 
ATOM   1212 C CG  . MET A 1 178 ? -1.341  -5.107  13.219  1.00 14.90 ? 178 MET A CG  1 
ATOM   1213 S SD  . MET A 1 178 ? -1.450  -6.709  13.984  1.00 17.93 ? 178 MET A SD  1 
ATOM   1214 C CE  . MET A 1 178 ? -2.045  -7.742  12.640  1.00 17.90 ? 178 MET A CE  1 
ATOM   1215 N N   . ASN A 1 179 ? -1.856  -3.792  9.843   1.00 16.19 ? 179 ASN A N   1 
ATOM   1216 C CA  . ASN A 1 179 ? -0.884  -4.027  8.793   1.00 18.11 ? 179 ASN A CA  1 
ATOM   1217 C C   . ASN A 1 179 ? -0.385  -2.687  8.260   1.00 16.95 ? 179 ASN A C   1 
ATOM   1218 O O   . ASN A 1 179 ? 0.825   -2.528  7.982   1.00 15.00 ? 179 ASN A O   1 
ATOM   1219 C CB  . ASN A 1 179 ? -1.450  -4.923  7.679   1.00 17.54 ? 179 ASN A CB  1 
ATOM   1220 C CG  . ASN A 1 179 ? -1.462  -6.391  8.053   1.00 18.63 ? 179 ASN A CG  1 
ATOM   1221 O OD1 . ASN A 1 179 ? -1.370  -6.737  9.239   1.00 16.60 ? 179 ASN A OD1 1 
ATOM   1222 N ND2 . ASN A 1 179 ? -1.563  -7.283  7.061   1.00 16.62 ? 179 ASN A ND2 1 
ATOM   1223 N N   . GLU A 1 180 ? -1.309  -1.724  8.119   1.00 14.54 ? 180 GLU A N   1 
ATOM   1224 C CA  . GLU A 1 180 ? -0.949  -0.414  7.586   1.00 16.28 ? 180 GLU A CA  1 
ATOM   1225 C C   . GLU A 1 180 ? 0.152   0.190   8.472   1.00 17.31 ? 180 GLU A C   1 
ATOM   1226 O O   . GLU A 1 180 ? 1.259   0.563   8.018   1.00 16.22 ? 180 GLU A O   1 
ATOM   1227 C CB  . GLU A 1 180 ? -2.169  0.507   7.615   1.00 16.94 ? 180 GLU A CB  1 
ATOM   1228 C CG  . GLU A 1 180 ? -1.891  1.919   7.183   1.00 17.46 ? 180 GLU A CG  1 
ATOM   1229 C CD  . GLU A 1 180 ? -3.067  2.865   7.327   1.00 19.57 ? 180 GLU A CD  1 
ATOM   1230 O OE1 . GLU A 1 180 ? -4.105  2.591   6.771   1.00 19.41 ? 180 GLU A OE1 1 
ATOM   1231 O OE2 . GLU A 1 180 ? -2.903  3.897   7.985   1.00 22.79 ? 180 GLU A OE2 1 
ATOM   1232 N N   . ARG A 1 181 ? -0.138  0.244   9.775   1.00 16.47 ? 181 ARG A N   1 
ATOM   1233 C CA  . ARG A 1 181 ? 0.746   0.933   10.700  1.00 16.97 ? 181 ARG A CA  1 
ATOM   1234 C C   . ARG A 1 181 ? 2.069   0.180   10.880  1.00 17.84 ? 181 ARG A C   1 
ATOM   1235 O O   . ARG A 1 181 ? 3.157   0.829   10.985  1.00 17.01 ? 181 ARG A O   1 
ATOM   1236 C CB  . ARG A 1 181 ? 0.068   1.119   12.052  1.00 17.47 ? 181 ARG A CB  1 
ATOM   1237 C CG  . ARG A 1 181 ? 0.817   2.040   12.992  1.00 19.88 ? 181 ARG A CG  1 
ATOM   1238 C CD  . ARG A 1 181 ? 0.783   3.498   12.569  1.00 22.24 ? 181 ARG A CD  1 
ATOM   1239 N NE  . ARG A 1 181 ? 1.744   4.176   13.376  1.00 29.51 ? 181 ARG A NE  1 
ATOM   1240 C CZ  . ARG A 1 181 ? 3.016   4.387   13.017  1.00 29.52 ? 181 ARG A CZ  1 
ATOM   1241 N NH1 . ARG A 1 181 ? 3.418   4.078   11.805  1.00 28.92 ? 181 ARG A NH1 1 
ATOM   1242 N NH2 . ARG A 1 181 ? 3.829   4.946   13.873  1.00 33.56 ? 181 ARG A NH2 1 
ATOM   1243 N N   . THR A 1 182 ? 2.000   -1.154  10.963  1.00 16.13 ? 182 THR A N   1 
ATOM   1244 C CA  . THR A 1 182 ? 3.151   -1.964  11.279  1.00 15.95 ? 182 THR A CA  1 
ATOM   1245 C C   . THR A 1 182 ? 4.073   -2.052  10.051  1.00 17.66 ? 182 THR A C   1 
ATOM   1246 O O   . THR A 1 182 ? 5.279   -1.819  10.162  1.00 16.00 ? 182 THR A O   1 
ATOM   1247 C CB  . THR A 1 182 ? 2.692   -3.336  11.785  1.00 18.34 ? 182 THR A CB  1 
ATOM   1248 O OG1 . THR A 1 182 ? 1.853   -3.189  12.937  1.00 18.35 ? 182 THR A OG1 1 
ATOM   1249 C CG2 . THR A 1 182 ? 3.881   -4.187  12.151  1.00 19.88 ? 182 THR A CG2 1 
ATOM   1250 N N   . LEU A 1 183 ? 3.500   -2.308  8.854   1.00 14.87 ? 183 LEU A N   1 
ATOM   1251 C CA  . LEU A 1 183 ? 4.341   -2.387  7.645   1.00 17.52 ? 183 LEU A CA  1 
ATOM   1252 C C   . LEU A 1 183 ? 5.029   -1.054  7.433   1.00 16.84 ? 183 LEU A C   1 
ATOM   1253 O O   . LEU A 1 183 ? 6.257   -0.988  7.223   1.00 17.91 ? 183 LEU A O   1 
ATOM   1254 C CB  . LEU A 1 183 ? 3.519   -2.744  6.401   1.00 17.09 ? 183 LEU A CB  1 
ATOM   1255 C CG  . LEU A 1 183 ? 3.057   -4.191  6.272   1.00 20.83 ? 183 LEU A CG  1 
ATOM   1256 C CD1 . LEU A 1 183 ? 2.173   -4.323  5.059   1.00 23.75 ? 183 LEU A CD1 1 
ATOM   1257 C CD2 . LEU A 1 183 ? 4.218   -5.192  6.193   1.00 24.21 ? 183 LEU A CD2 1 
ATOM   1258 N N   . PHE A 1 184 ? 4.261   0.018   7.541   1.00 17.77 ? 184 PHE A N   1 
ATOM   1259 C CA  . PHE A 1 184 ? 4.814   1.357   7.204   1.00 19.29 ? 184 PHE A CA  1 
ATOM   1260 C C   . PHE A 1 184 ? 5.842   1.821   8.266   1.00 18.92 ? 184 PHE A C   1 
ATOM   1261 O O   . PHE A 1 184 ? 6.883   2.371   7.894   1.00 18.52 ? 184 PHE A O   1 
ATOM   1262 C CB  . PHE A 1 184 ? 3.660   2.324   6.896   1.00 22.07 ? 184 PHE A CB  1 
ATOM   1263 C CG  . PHE A 1 184 ? 2.825   1.900   5.692   1.00 23.57 ? 184 PHE A CG  1 
ATOM   1264 C CD1 . PHE A 1 184 ? 3.233   0.873   4.837   1.00 24.04 ? 184 PHE A CD1 1 
ATOM   1265 C CD2 . PHE A 1 184 ? 1.595   2.483   5.427   1.00 25.04 ? 184 PHE A CD2 1 
ATOM   1266 C CE1 . PHE A 1 184 ? 2.429   0.439   3.776   1.00 24.20 ? 184 PHE A CE1 1 
ATOM   1267 C CE2 . PHE A 1 184 ? 0.827   2.099   4.328   1.00 22.23 ? 184 PHE A CE2 1 
ATOM   1268 C CZ  . PHE A 1 184 ? 1.239   1.086   3.509   1.00 25.35 ? 184 PHE A CZ  1 
ATOM   1269 N N   . ALA A 1 185 ? 5.611   1.535   9.551   1.00 15.68 ? 185 ALA A N   1 
ATOM   1270 C CA  . ALA A 1 185 ? 6.622   1.840   10.540  1.00 19.47 ? 185 ALA A CA  1 
ATOM   1271 C C   . ALA A 1 185 ? 7.922   1.070   10.296  1.00 18.61 ? 185 ALA A C   1 
ATOM   1272 O O   . ALA A 1 185 ? 9.039   1.636   10.494  1.00 18.78 ? 185 ALA A O   1 
ATOM   1273 C CB  . ALA A 1 185 ? 6.088   1.584   11.904  1.00 20.76 ? 185 ALA A CB  1 
ATOM   1274 N N   . SER A 1 186 ? 7.816   -0.202  9.887   1.00 18.16 ? 186 SER A N   1 
ATOM   1275 C CA  . SER A 1 186 ? 9.004   -1.035  9.580   1.00 19.36 ? 186 SER A CA  1 
ATOM   1276 C C   . SER A 1 186 ? 9.755   -0.464  8.379   1.00 20.36 ? 186 SER A C   1 
ATOM   1277 O O   . SER A 1 186 ? 11.007  -0.363  8.412   1.00 19.09 ? 186 SER A O   1 
ATOM   1278 C CB  . SER A 1 186 ? 8.709   -2.495  9.306   1.00 18.46 ? 186 SER A CB  1 
ATOM   1279 O OG  . SER A 1 186 ? 8.239   -3.162  10.460  1.00 25.53 ? 186 SER A OG  1 
ATOM   1280 N N   . PHE A 1 187 ? 9.013   -0.146  7.315   1.00 19.30 ? 187 PHE A N   1 
ATOM   1281 C CA  . PHE A 1 187 ? 9.615   0.383   6.096   1.00 21.42 ? 187 PHE A CA  1 
ATOM   1282 C C   . PHE A 1 187 ? 10.328  1.706   6.376   1.00 25.93 ? 187 PHE A C   1 
ATOM   1283 O O   . PHE A 1 187 ? 11.414  1.911   5.845   1.00 24.58 ? 187 PHE A O   1 
ATOM   1284 C CB  . PHE A 1 187 ? 8.577   0.623   4.992   1.00 20.52 ? 187 PHE A CB  1 
ATOM   1285 C CG  . PHE A 1 187 ? 7.993   -0.647  4.440   1.00 21.18 ? 187 PHE A CG  1 
ATOM   1286 C CD1 . PHE A 1 187 ? 8.676   -1.848  4.558   1.00 21.85 ? 187 PHE A CD1 1 
ATOM   1287 C CD2 . PHE A 1 187 ? 6.765   -0.631  3.802   1.00 21.10 ? 187 PHE A CD2 1 
ATOM   1288 C CE1 . PHE A 1 187 ? 8.127   -3.006  4.054   1.00 21.90 ? 187 PHE A CE1 1 
ATOM   1289 C CE2 . PHE A 1 187 ? 6.224   -1.791  3.281   1.00 21.60 ? 187 PHE A CE2 1 
ATOM   1290 C CZ  . PHE A 1 187 ? 6.904   -2.972  3.419   1.00 23.39 ? 187 PHE A CZ  1 
ATOM   1291 N N   . ALA A 1 188 ? 9.737   2.556   7.223   1.00 24.75 ? 188 ALA A N   1 
ATOM   1292 C CA  . ALA A 1 188 ? 10.330  3.863   7.569   1.00 27.83 ? 188 ALA A CA  1 
ATOM   1293 C C   . ALA A 1 188 ? 11.446  3.737   8.610   1.00 25.46 ? 188 ALA A C   1 
ATOM   1294 O O   . ALA A 1 188 ? 12.049  4.732   8.919   1.00 30.36 ? 188 ALA A O   1 
ATOM   1295 C CB  . ALA A 1 188 ? 9.276   4.843   8.032   1.00 27.44 ? 188 ALA A CB  1 
ATOM   1296 N N   . GLY A 1 189 ? 11.703  2.556   9.158   1.00 23.47 ? 189 GLY A N   1 
ATOM   1297 C CA  . GLY A 1 189 ? 12.610  2.374   10.296  1.00 26.77 ? 189 GLY A CA  1 
ATOM   1298 C C   . GLY A 1 189 ? 12.229  3.243   11.493  1.00 30.20 ? 189 GLY A C   1 
ATOM   1299 O O   . GLY A 1 189 ? 13.113  3.752   12.218  1.00 28.54 ? 189 GLY A O   1 
ATOM   1300 N N   . GLU A 1 190 ? 10.934  3.370   11.784  1.00 21.32 ? 190 GLU A N   1 
ATOM   1301 C CA  . GLU A 1 190 ? 10.503  4.140   12.974  1.00 24.01 ? 190 GLU A CA  1 
ATOM   1302 C C   . GLU A 1 190 ? 11.024  3.494   14.250  1.00 21.84 ? 190 GLU A C   1 
ATOM   1303 O O   . GLU A 1 190 ? 11.264  2.322   14.343  1.00 20.72 ? 190 GLU A O   1 
ATOM   1304 C CB  . GLU A 1 190 ? 8.987   4.241   13.103  1.00 24.29 ? 190 GLU A CB  1 
ATOM   1305 C CG  . GLU A 1 190 ? 8.379   5.129   12.055  1.00 27.60 ? 190 GLU A CG  1 
ATOM   1306 C CD  . GLU A 1 190 ? 6.860   5.239   12.147  1.00 28.95 ? 190 GLU A CD  1 
ATOM   1307 O OE1 . GLU A 1 190 ? 6.318   5.024   13.239  1.00 28.43 ? 190 GLU A OE1 1 
ATOM   1308 O OE2 . GLU A 1 190 ? 6.245   5.555   11.119  1.00 32.71 ? 190 GLU A OE2 1 
ATOM   1309 N N   . GLN A 1 191 ? 11.139  4.310   15.280  1.00 23.08 ? 191 GLN A N   1 
ATOM   1310 C CA  . GLN A 1 191 ? 11.379  3.847   16.642  1.00 26.93 ? 191 GLN A CA  1 
ATOM   1311 C C   . GLN A 1 191 ? 10.093  4.098   17.417  1.00 27.92 ? 191 GLN A C   1 
ATOM   1312 O O   . GLN A 1 191 ? 9.729   5.251   17.641  1.00 26.36 ? 191 GLN A O   1 
ATOM   1313 C CB  . GLN A 1 191 ? 12.601  4.624   17.152  1.00 34.82 ? 191 GLN A CB  1 
ATOM   1314 C CG  . GLN A 1 191 ? 13.051  4.308   18.560  1.00 42.28 ? 191 GLN A CG  1 
ATOM   1315 C CD  . GLN A 1 191 ? 13.823  3.017   18.599  1.00 51.84 ? 191 GLN A CD  1 
ATOM   1316 O OE1 . GLN A 1 191 ? 13.249  1.941   18.431  1.00 56.64 ? 191 GLN A OE1 1 
ATOM   1317 N NE2 . GLN A 1 191 ? 15.126  3.122   18.829  1.00 42.08 ? 191 GLN A NE2 1 
ATOM   1318 N N   . PRO A 1 192 ? 9.316   3.061   17.810  1.00 25.76 ? 192 PRO A N   1 
ATOM   1319 C CA  . PRO A 1 192 ? 9.683   1.659   17.640  1.00 24.27 ? 192 PRO A CA  1 
ATOM   1320 C C   . PRO A 1 192 ? 9.105   1.110   16.321  1.00 21.68 ? 192 PRO A C   1 
ATOM   1321 O O   . PRO A 1 192 ? 8.083   1.584   15.737  1.00 21.49 ? 192 PRO A O   1 
ATOM   1322 C CB  . PRO A 1 192 ? 9.014   1.027   18.843  1.00 27.00 ? 192 PRO A CB  1 
ATOM   1323 C CG  . PRO A 1 192 ? 7.663   1.735   18.842  1.00 25.64 ? 192 PRO A CG  1 
ATOM   1324 C CD  . PRO A 1 192 ? 7.995   3.177   18.471  1.00 27.01 ? 192 PRO A CD  1 
ATOM   1325 N N   . SER A 1 193 ? 9.550   -0.125  15.928  1.00 18.52 ? 194 SER A N   1 
ATOM   1326 C CA  . SER A 1 193 ? 9.043   -0.845  14.754  1.00 17.84 ? 194 SER A CA  1 
ATOM   1327 C C   . SER A 1 193 ? 9.557   -2.276  14.813  1.00 21.05 ? 194 SER A C   1 
ATOM   1328 O O   . SER A 1 193 ? 10.592  -2.543  15.431  1.00 19.09 ? 194 SER A O   1 
ATOM   1329 C CB  . SER A 1 193 ? 9.399   -0.165  13.453  1.00 18.82 ? 194 SER A CB  1 
ATOM   1330 O OG  . SER A 1 193 ? 10.806  -0.175  13.244  1.00 19.10 ? 194 SER A OG  1 
ATOM   1331 N N   . VAL A 1 194 A 8.793   -3.179  14.207  1.00 18.40 ? 194 VAL A N   1 
ATOM   1332 C CA  . VAL A 1 194 A 9.232   -4.534  13.993  1.00 19.40 ? 194 VAL A CA  1 
ATOM   1333 C C   . VAL A 1 194 A 10.283  -4.483  12.905  1.00 17.70 ? 194 VAL A C   1 
ATOM   1334 O O   . VAL A 1 194 A 10.122  -3.794  11.902  1.00 18.67 ? 194 VAL A O   1 
ATOM   1335 C CB  . VAL A 1 194 A 8.057   -5.437  13.606  1.00 19.06 ? 194 VAL A CB  1 
ATOM   1336 C CG1 . VAL A 1 194 A 8.497   -6.837  13.261  1.00 19.13 ? 194 VAL A CG1 1 
ATOM   1337 C CG2 . VAL A 1 194 A 7.032   -5.475  14.726  1.00 20.52 ? 194 VAL A CG2 1 
ATOM   1338 N N   . PRO A 1 195 ? 11.429  -5.161  13.051  1.00 19.35 ? 195 PRO A N   1 
ATOM   1339 C CA  . PRO A 1 195 ? 12.392  -5.185  11.951  1.00 19.26 ? 195 PRO A CA  1 
ATOM   1340 C C   . PRO A 1 195 ? 11.773  -5.748  10.671  1.00 18.45 ? 195 PRO A C   1 
ATOM   1341 O O   . PRO A 1 195 ? 10.918  -6.679  10.679  1.00 17.00 ? 195 PRO A O   1 
ATOM   1342 C CB  . PRO A 1 195 ? 13.503  -6.099  12.468  1.00 21.27 ? 195 PRO A CB  1 
ATOM   1343 C CG  . PRO A 1 195 ? 13.354  -6.057  13.977  1.00 22.73 ? 195 PRO A CG  1 
ATOM   1344 C CD  . PRO A 1 195 ? 11.872  -5.901  14.234  1.00 22.29 ? 195 PRO A CD  1 
ATOM   1345 N N   . GLU A 1 196 ? 12.188  -5.186  9.542   1.00 17.86 ? 196 GLU A N   1 
ATOM   1346 C CA  . GLU A 1 196 ? 11.581  -5.529  8.268   1.00 20.21 ? 196 GLU A CA  1 
ATOM   1347 C C   . GLU A 1 196 ? 11.657  -7.019  7.979   1.00 19.37 ? 196 GLU A C   1 
ATOM   1348 O O   . GLU A 1 196 ? 10.673  -7.615  7.443   1.00 16.92 ? 196 GLU A O   1 
ATOM   1349 C CB  . GLU A 1 196 ? 12.245  -4.693  7.183   1.00 24.26 ? 196 GLU A CB  1 
ATOM   1350 C CG  . GLU A 1 196 ? 11.553  -4.841  5.864   1.00 28.66 ? 196 GLU A CG  1 
ATOM   1351 C CD  . GLU A 1 196 ? 12.050  -3.907  4.767   1.00 32.30 ? 196 GLU A CD  1 
ATOM   1352 O OE1 . GLU A 1 196 ? 12.741  -2.958  5.083   1.00 39.66 ? 196 GLU A OE1 1 
ATOM   1353 O OE2 . GLU A 1 196 ? 11.658  -4.102  3.623   1.00 35.50 ? 196 GLU A OE2 1 
ATOM   1354 N N   . ALA A 1 197 ? 12.763  -7.666  8.394   1.00 19.35 ? 197 ALA A N   1 
ATOM   1355 C CA  . ALA A 1 197 ? 12.962  -9.127  8.193   1.00 19.67 ? 197 ALA A CA  1 
ATOM   1356 C C   . ALA A 1 197 ? 12.079  -9.995  9.106   1.00 19.43 ? 197 ALA A C   1 
ATOM   1357 O O   . ALA A 1 197 ? 12.019  -11.212 8.915   1.00 20.18 ? 197 ALA A O   1 
ATOM   1358 C CB  . ALA A 1 197 ? 14.441  -9.481  8.424   1.00 21.26 ? 197 ALA A CB  1 
ATOM   1359 N N   . ARG A 1 198 ? 11.368  -9.408  10.065  1.00 16.11 ? 198 ARG A N   1 
ATOM   1360 C CA  . ARG A 1 198 ? 10.467  -10.144 10.958  1.00 17.81 ? 198 ARG A CA  1 
ATOM   1361 C C   . ARG A 1 198 ? 8.991   -9.736  10.795  1.00 17.56 ? 198 ARG A C   1 
ATOM   1362 O O   . ARG A 1 198 ? 8.118   -10.355 11.369  1.00 16.10 ? 198 ARG A O   1 
ATOM   1363 C CB  . ARG A 1 198 ? 10.895  -9.883  12.408  1.00 20.86 ? 198 ARG A CB  1 
ATOM   1364 C CG  . ARG A 1 198 ? 12.243  -10.507 12.739  1.00 22.72 ? 198 ARG A CG  1 
ATOM   1365 C CD  . ARG A 1 198 ? 12.229  -12.022 12.875  1.00 22.67 ? 198 ARG A CD  1 
ATOM   1366 N NE  . ARG A 1 198 ? 11.148  -12.546 13.696  1.00 22.27 ? 198 ARG A NE  1 
ATOM   1367 C CZ  . ARG A 1 198 ? 10.384  -13.582 13.337  1.00 25.39 ? 198 ARG A CZ  1 
ATOM   1368 N NH1 . ARG A 1 198 ? 10.805  -14.373 12.357  1.00 25.27 ? 198 ARG A NH1 1 
ATOM   1369 N NH2 . ARG A 1 198 ? 9.247   -13.855 13.967  1.00 20.63 ? 198 ARG A NH2 1 
ATOM   1370 N N   . VAL A 1 199 ? 8.714   -8.700  10.018  1.00 16.57 ? 199 VAL A N   1 
ATOM   1371 C CA  . VAL A 1 199 ? 7.363   -8.145  10.043  1.00 19.20 ? 199 VAL A CA  1 
ATOM   1372 C C   . VAL A 1 199 ? 6.375   -9.132  9.403   1.00 17.27 ? 199 VAL A C   1 
ATOM   1373 O O   . VAL A 1 199 ? 5.255   -9.259  9.858   1.00 18.28 ? 199 VAL A O   1 
ATOM   1374 C CB  . VAL A 1 199 ? 7.346   -6.700  9.509   1.00 21.21 ? 199 VAL A CB  1 
ATOM   1375 C CG1 . VAL A 1 199 ? 7.601   -6.617  8.044   1.00 22.45 ? 199 VAL A CG1 1 
ATOM   1376 C CG2 . VAL A 1 199 ? 6.054   -5.997  9.891   1.00 21.77 ? 199 VAL A CG2 1 
ATOM   1377 N N   . LEU A 1 200 ? 6.730   -9.826  8.296   1.00 20.05 ? 200 LEU A N   1 
ATOM   1378 C CA  . LEU A 1 200 ? 5.734   -10.669 7.675   1.00 21.08 ? 200 LEU A CA  1 
ATOM   1379 C C   . LEU A 1 200 ? 5.295   -11.779 8.643   1.00 20.69 ? 200 LEU A C   1 
ATOM   1380 O O   . LEU A 1 200 ? 4.080   -11.998 8.871   1.00 22.24 ? 200 LEU A O   1 
ATOM   1381 C CB  . LEU A 1 200 ? 6.315   -11.199 6.354   1.00 22.78 ? 200 LEU A CB  1 
ATOM   1382 C CG  . LEU A 1 200 ? 5.356   -11.947 5.454   1.00 24.75 ? 200 LEU A CG  1 
ATOM   1383 C CD1 . LEU A 1 200 ? 4.101   -11.130 5.140   1.00 24.04 ? 200 LEU A CD1 1 
ATOM   1384 C CD2 . LEU A 1 200 ? 6.097   -12.375 4.189   1.00 27.29 ? 200 LEU A CD2 1 
ATOM   1385 N N   . ASP A 1 201 ? 6.267   -12.462 9.273   1.00 18.25 ? 201 ASP A N   1 
ATOM   1386 C CA  . ASP A 1 201 ? 5.965   -13.555 10.179  1.00 19.08 ? 201 ASP A CA  1 
ATOM   1387 C C   . ASP A 1 201 ? 5.151   -13.004 11.369  1.00 17.24 ? 201 ASP A C   1 
ATOM   1388 O O   . ASP A 1 201 ? 4.261   -13.691 11.908  1.00 16.81 ? 201 ASP A O   1 
ATOM   1389 C CB  . ASP A 1 201 ? 7.193   -14.256 10.767  1.00 23.16 ? 201 ASP A CB  1 
ATOM   1390 C CG  . ASP A 1 201 ? 7.937   -15.279 9.904   1.00 27.16 ? 201 ASP A CG  1 
ATOM   1391 O OD1 . ASP A 1 201 ? 7.386   -15.698 8.904   1.00 25.05 ? 201 ASP A OD1 1 
ATOM   1392 O OD2 . ASP A 1 201 ? 9.066   -15.697 10.335  1.00 29.97 ? 201 ASP A OD2 1 
ATOM   1393 N N   . THR A 1 202 ? 5.460   -11.777 11.811  1.00 15.93 ? 202 THR A N   1 
ATOM   1394 C CA  . THR A 1 202 ? 4.769   -11.198 12.964  1.00 14.73 ? 202 THR A CA  1 
ATOM   1395 C C   . THR A 1 202 ? 3.280   -11.020 12.632  1.00 14.92 ? 202 THR A C   1 
ATOM   1396 O O   . THR A 1 202 ? 2.397   -11.451 13.371  1.00 18.41 ? 202 THR A O   1 
ATOM   1397 C CB  . THR A 1 202 ? 5.385   -9.847  13.344  1.00 17.42 ? 202 THR A CB  1 
ATOM   1398 O OG1 . THR A 1 202 ? 6.743   -10.059 13.723  1.00 17.56 ? 202 THR A OG1 1 
ATOM   1399 C CG2 . THR A 1 202 ? 4.631   -9.186  14.484  1.00 18.71 ? 202 THR A CG2 1 
ATOM   1400 N N   . LEU A 1 203 ? 3.009   -10.392 11.473  1.00 14.38 ? 203 LEU A N   1 
ATOM   1401 C CA  . LEU A 1 203 ? 1.606   -10.141 11.058  1.00 16.55 ? 203 LEU A CA  1 
ATOM   1402 C C   . LEU A 1 203 ? 0.862   -11.439 10.771  1.00 15.82 ? 203 LEU A C   1 
ATOM   1403 O O   . LEU A 1 203 ? -0.291  -11.563 11.187  1.00 16.67 ? 203 LEU A O   1 
ATOM   1404 C CB  . LEU A 1 203 ? 1.588   -9.195  9.855   1.00 14.71 ? 203 LEU A CB  1 
ATOM   1405 C CG  . LEU A 1 203 ? 2.215   -7.828  10.109  1.00 15.08 ? 203 LEU A CG  1 
ATOM   1406 C CD1 . LEU A 1 203 ? 2.299   -7.008  8.840   1.00 16.18 ? 203 LEU A CD1 1 
ATOM   1407 C CD2 . LEU A 1 203 ? 1.437   -7.075  11.172  1.00 16.09 ? 203 LEU A CD2 1 
ATOM   1408 N N   . VAL A 1 204 ? 1.521   -12.431 10.145  1.00 16.88 ? 204 VAL A N   1 
ATOM   1409 C CA  . VAL A 1 204 ? 0.834   -13.652 9.810   1.00 15.53 ? 204 VAL A CA  1 
ATOM   1410 C C   . VAL A 1 204 ? 0.368   -14.360 11.096  1.00 16.52 ? 204 VAL A C   1 
ATOM   1411 O O   . VAL A 1 204 ? -0.779  -14.886 11.213  1.00 18.03 ? 204 VAL A O   1 
ATOM   1412 C CB  . VAL A 1 204 ? 1.700   -14.570 8.934   1.00 17.98 ? 204 VAL A CB  1 
ATOM   1413 C CG1 . VAL A 1 204 ? 1.078   -15.965 8.835   1.00 20.23 ? 204 VAL A CG1 1 
ATOM   1414 C CG2 . VAL A 1 204 ? 1.945   -13.968 7.545   1.00 17.86 ? 204 VAL A CG2 1 
ATOM   1415 N N   . HIS A 1 205 ? 1.233   -14.397 12.106  1.00 16.43 ? 205 HIS A N   1 
ATOM   1416 C CA  . HIS A 1 205 ? 0.853   -15.028 13.352  1.00 17.74 ? 205 HIS A CA  1 
ATOM   1417 C C   . HIS A 1 205 ? -0.433  -14.393 13.937  1.00 16.09 ? 205 HIS A C   1 
ATOM   1418 O O   . HIS A 1 205 ? -1.338  -15.123 14.399  1.00 16.20 ? 205 HIS A O   1 
ATOM   1419 C CB  . HIS A 1 205 ? 1.990   -14.952 14.358  1.00 18.63 ? 205 HIS A CB  1 
ATOM   1420 C CG  . HIS A 1 205 ? 1.572   -15.294 15.750  1.00 18.85 ? 205 HIS A CG  1 
ATOM   1421 N ND1 . HIS A 1 205 ? 1.571   -16.609 16.215  1.00 19.22 ? 205 HIS A ND1 1 
ATOM   1422 C CD2 . HIS A 1 205 ? 1.086   -14.532 16.761  1.00 16.47 ? 205 HIS A CD2 1 
ATOM   1423 C CE1 . HIS A 1 205 ? 1.150   -16.623 17.473  1.00 18.63 ? 205 HIS A CE1 1 
ATOM   1424 N NE2 . HIS A 1 205 ? 0.859   -15.352 17.845  1.00 16.38 ? 205 HIS A NE2 1 
ATOM   1425 N N   . ILE A 1 206 ? -0.503  -13.069 13.968  1.00 15.94 ? 206 ILE A N   1 
ATOM   1426 C CA  . ILE A 1 206 ? -1.618  -12.349 14.612  1.00 15.91 ? 206 ILE A CA  1 
ATOM   1427 C C   . ILE A 1 206 ? -2.888  -12.552 13.770  1.00 16.36 ? 206 ILE A C   1 
ATOM   1428 O O   . ILE A 1 206 ? -3.983  -12.705 14.317  1.00 15.65 ? 206 ILE A O   1 
ATOM   1429 C CB  . ILE A 1 206 ? -1.260  -10.861 14.822  1.00 17.26 ? 206 ILE A CB  1 
ATOM   1430 C CG1 . ILE A 1 206 ? -0.097  -10.693 15.804  1.00 17.18 ? 206 ILE A CG1 1 
ATOM   1431 C CG2 . ILE A 1 206 ? -2.461  -10.067 15.318  1.00 16.42 ? 206 ILE A CG2 1 
ATOM   1432 C CD1 . ILE A 1 206 ? 0.521   -9.316  15.704  1.00 17.11 ? 206 ILE A CD1 1 
ATOM   1433 N N   . TRP A 1 207 ? -2.739  -12.564 12.440  1.00 15.53 ? 207 TRP A N   1 
ATOM   1434 C CA  . TRP A 1 207 ? -3.893  -12.829 11.515  1.00 16.63 ? 207 TRP A CA  1 
ATOM   1435 C C   . TRP A 1 207 ? -4.450  -14.235 11.767  1.00 17.80 ? 207 TRP A C   1 
ATOM   1436 O O   . TRP A 1 207 ? -5.669  -14.383 12.028  1.00 15.36 ? 207 TRP A O   1 
ATOM   1437 C CB  . TRP A 1 207 ? -3.513  -12.610 10.043  1.00 16.38 ? 207 TRP A CB  1 
ATOM   1438 C CG  . TRP A 1 207 ? -3.541  -11.189 9.580   1.00 15.64 ? 207 TRP A CG  1 
ATOM   1439 C CD1 . TRP A 1 207 ? -2.783  -10.145 10.047  1.00 15.58 ? 207 TRP A CD1 1 
ATOM   1440 C CD2 . TRP A 1 207 ? -4.385  -10.625 8.559   1.00 17.27 ? 207 TRP A CD2 1 
ATOM   1441 N NE1 . TRP A 1 207 ? -3.109  -8.989  9.409   1.00 16.06 ? 207 TRP A NE1 1 
ATOM   1442 C CE2 . TRP A 1 207 ? -4.070  -9.250  8.477   1.00 15.94 ? 207 TRP A CE2 1 
ATOM   1443 C CE3 . TRP A 1 207 ? -5.360  -11.153 7.702   1.00 16.42 ? 207 TRP A CE3 1 
ATOM   1444 C CZ2 . TRP A 1 207 ? -4.721  -8.381  7.603   1.00 17.23 ? 207 TRP A CZ2 1 
ATOM   1445 C CZ3 . TRP A 1 207 ? -5.992  -10.300 6.836   1.00 17.12 ? 207 TRP A CZ3 1 
ATOM   1446 C CH2 . TRP A 1 207 ? -5.684  -8.947  6.786   1.00 17.46 ? 207 TRP A CH2 1 
ATOM   1447 N N   . VAL A 1 208 ? -3.565  -15.259 11.752  1.00 17.91 ? 208 VAL A N   1 
ATOM   1448 C CA  . VAL A 1 208 ? -3.999  -16.651 11.852  1.00 20.81 ? 208 VAL A CA  1 
ATOM   1449 C C   . VAL A 1 208 ? -4.621  -16.930 13.235  1.00 18.68 ? 208 VAL A C   1 
ATOM   1450 O O   . VAL A 1 208 ? -5.713  -17.521 13.315  1.00 19.16 ? 208 VAL A O   1 
ATOM   1451 C CB  . VAL A 1 208 ? -2.859  -17.642 11.512  1.00 22.40 ? 208 VAL A CB  1 
ATOM   1452 C CG1 . VAL A 1 208 ? -3.195  -19.075 11.889  1.00 28.62 ? 208 VAL A CG1 1 
ATOM   1453 C CG2 . VAL A 1 208 ? -2.516  -17.534 10.050  1.00 23.75 ? 208 VAL A CG2 1 
ATOM   1454 N N   . THR A 1 209 ? -3.974  -16.467 14.304  1.00 18.79 ? 209 THR A N   1 
ATOM   1455 C CA  . THR A 1 209 ? -4.468  -16.768 15.622  1.00 19.82 ? 209 THR A CA  1 
ATOM   1456 C C   . THR A 1 209 ? -5.798  -16.057 15.868  1.00 19.32 ? 209 THR A C   1 
ATOM   1457 O O   . THR A 1 209 ? -6.677  -16.664 16.459  1.00 16.67 ? 209 THR A O   1 
ATOM   1458 C CB  . THR A 1 209 ? -3.476  -16.415 16.725  1.00 21.46 ? 209 THR A CB  1 
ATOM   1459 O OG1 . THR A 1 209 ? -3.066  -15.057 16.534  1.00 19.03 ? 209 THR A OG1 1 
ATOM   1460 C CG2 . THR A 1 209 ? -2.328  -17.394 16.758  1.00 20.97 ? 209 THR A CG2 1 
ATOM   1461 N N   . SER A 1 210 ? -5.955  -14.827 15.338  1.00 16.82 ? 210 SER A N   1 
ATOM   1462 C CA  . SER A 1 210 ? -7.171  -14.043 15.585  1.00 18.00 ? 210 SER A CA  1 
ATOM   1463 C C   . SER A 1 210 ? -8.327  -14.478 14.682  1.00 18.53 ? 210 SER A C   1 
ATOM   1464 O O   . SER A 1 210 ? -9.484  -14.366 15.028  1.00 17.18 ? 210 SER A O   1 
ATOM   1465 C CB  . SER A 1 210 ? -6.879  -12.560 15.490  1.00 17.99 ? 210 SER A CB  1 
ATOM   1466 O OG  . SER A 1 210 ? -6.730  -12.115 14.153  1.00 18.53 ? 210 SER A OG  1 
ATOM   1467 N N   . ILE A 1 211 ? -8.021  -15.037 13.514  1.00 17.78 ? 211 ILE A N   1 
ATOM   1468 C CA  . ILE A 1 211 ? -9.079  -15.474 12.616  1.00 19.28 ? 211 ILE A CA  1 
ATOM   1469 C C   . ILE A 1 211 ? -9.534  -16.893 12.997  1.00 21.54 ? 211 ILE A C   1 
ATOM   1470 O O   . ILE A 1 211 ? -10.739 -17.180 12.922  1.00 20.51 ? 211 ILE A O   1 
ATOM   1471 C CB  . ILE A 1 211 ? -8.631  -15.369 11.155  1.00 18.44 ? 211 ILE A CB  1 
ATOM   1472 C CG1 . ILE A 1 211 ? -8.528  -13.894 10.755  1.00 16.92 ? 211 ILE A CG1 1 
ATOM   1473 C CG2 . ILE A 1 211 ? -9.541  -16.177 10.225  1.00 18.70 ? 211 ILE A CG2 1 
ATOM   1474 C CD1 . ILE A 1 211 ? -7.801  -13.620 9.439   1.00 18.92 ? 211 ILE A CD1 1 
ATOM   1475 N N   . TYR A 1 212 ? -8.596  -17.739 13.444  1.00 21.42 ? 212 TYR A N   1 
ATOM   1476 C CA  . TYR A 1 212 ? -8.905  -19.177 13.663  1.00 23.52 ? 212 TYR A CA  1 
ATOM   1477 C C   . TYR A 1 212 ? -9.122  -19.477 15.142  1.00 24.68 ? 212 TYR A C   1 
ATOM   1478 O O   . TYR A 1 212 ? -9.697  -20.535 15.461  1.00 23.77 ? 212 TYR A O   1 
ATOM   1479 C CB  . TYR A 1 212 ? -7.867  -20.078 12.968  1.00 21.63 ? 212 TYR A CB  1 
ATOM   1480 C CG  . TYR A 1 212 ? -7.905  -19.893 11.478  1.00 23.13 ? 212 TYR A CG  1 
ATOM   1481 C CD1 . TYR A 1 212 ? -8.916  -20.457 10.709  1.00 24.53 ? 212 TYR A CD1 1 
ATOM   1482 C CD2 . TYR A 1 212 ? -6.980  -19.103 10.816  1.00 22.54 ? 212 TYR A CD2 1 
ATOM   1483 C CE1 . TYR A 1 212 ? -9.024  -20.202 9.355   1.00 20.31 ? 212 TYR A CE1 1 
ATOM   1484 C CE2 . TYR A 1 212 ? -7.059  -18.866 9.456   1.00 22.44 ? 212 TYR A CE2 1 
ATOM   1485 C CZ  . TYR A 1 212 ? -8.061  -19.450 8.706   1.00 22.54 ? 212 TYR A CZ  1 
ATOM   1486 O OH  . TYR A 1 212 ? -8.185  -19.177 7.376   1.00 22.79 ? 212 TYR A OH  1 
ATOM   1487 N N   . GLY A 1 213 ? -8.695  -18.590 16.046  1.00 24.56 ? 213 GLY A N   1 
ATOM   1488 C CA  . GLY A 1 213 ? -8.702  -18.885 17.474  1.00 26.82 ? 213 GLY A CA  1 
ATOM   1489 C C   . GLY A 1 213 ? -10.072 -18.595 18.101  1.00 29.42 ? 213 GLY A C   1 
ATOM   1490 O O   . GLY A 1 213 ? -10.737 -17.662 17.665  1.00 26.62 ? 213 GLY A O   1 
ATOM   1491 N N   . GLU A 1 214 ? -10.510 -19.390 19.088  1.00 41.08 ? 214 GLU A N   1 
ATOM   1492 C CA  . GLU A 1 214 ? -11.830 -19.109 19.813  1.00 48.12 ? 214 GLU A CA  1 
ATOM   1493 C C   . GLU A 1 214 ? -11.574 -18.174 20.983  1.00 50.76 ? 214 GLU A C   1 
ATOM   1494 O O   . GLU A 1 214 ? -10.713 -18.502 21.773  1.00 44.79 ? 214 GLU A O   1 
ATOM   1495 C CB  . GLU A 1 214 ? -12.487 -20.332 20.441  1.00 55.07 ? 214 GLU A CB  1 
ATOM   1496 C CG  . GLU A 1 214 ? -13.502 -21.022 19.555  1.00 63.78 ? 214 GLU A CG  1 
ATOM   1497 C CD  . GLU A 1 214 ? -12.866 -22.121 18.729  1.00 69.60 ? 214 GLU A CD  1 
ATOM   1498 O OE1 . GLU A 1 214 ? -11.622 -22.217 18.750  1.00 81.93 ? 214 GLU A OE1 1 
ATOM   1499 O OE2 . GLU A 1 214 ? -13.602 -22.876 18.080  1.00 70.78 ? 214 GLU A OE2 1 
HETATM 1500 C C4  . UAT B 2 .   ? -5.450  -7.323  3.001   1.00 26.22 ? 301 UAT A C4  1 
HETATM 1501 C C14 . UAT B 2 .   ? -4.407  -9.966  2.637   1.00 26.37 ? 301 UAT A C14 1 
HETATM 1502 C C5  . UAT B 2 .   ? -3.206  -6.724  3.855   1.00 26.46 ? 301 UAT A C5  1 
HETATM 1503 C C6  . UAT B 2 .   ? -4.109  -4.794  3.460   1.00 30.02 ? 301 UAT A C6  1 
HETATM 1504 C C11 . UAT B 2 .   ? -2.918  -1.478  4.628   1.00 31.84 ? 301 UAT A C11 1 
HETATM 1505 C C7  . UAT B 2 .   ? -3.199  -3.710  3.879   1.00 34.21 ? 301 UAT A C7  1 
HETATM 1506 C C8  . UAT B 2 .   ? -1.874  -3.761  3.488   1.00 33.16 ? 301 UAT A C8  1 
HETATM 1507 C C9  . UAT B 2 .   ? -1.059  -2.686  3.754   1.00 31.72 ? 301 UAT A C9  1 
HETATM 1508 C C10 . UAT B 2 .   ? -1.605  -1.527  4.233   1.00 32.36 ? 301 UAT A C10 1 
HETATM 1509 C C12 . UAT B 2 .   ? -3.746  -2.551  4.382   1.00 31.32 ? 301 UAT A C12 1 
HETATM 1510 C C13 . UAT B 2 .   ? -3.859  -9.120  3.737   1.00 23.80 ? 301 UAT A C13 1 
HETATM 1511 N N1  . UAT B 2 .   ? -4.087  -7.697  3.471   1.00 24.25 ? 301 UAT A N1  1 
HETATM 1512 N N2  . UAT B 2 .   ? -3.881  -5.738  4.211   1.00 28.92 ? 301 UAT A N2  1 
HETATM 1513 C C3  . UAT B 2 .   ? -6.080  -8.321  2.042   1.00 24.80 ? 301 UAT A C3  1 
HETATM 1514 C C1  . UAT B 2 .   ? -6.516  -10.785 1.591   1.00 30.38 ? 301 UAT A C1  1 
HETATM 1515 C C2  . UAT B 2 .   ? -5.893  -9.744  2.501   1.00 26.38 ? 301 UAT A C2  1 
HETATM 1516 O O1  . UAT B 2 .   ? -2.060  -6.849  4.264   1.00 25.94 ? 301 UAT A O1  1 
HETATM 1517 O O   . HOH C 3 .   ? 10.487  4.236   4.210   1.00 63.07 ? 401 HOH A O   1 
HETATM 1518 O O   . HOH C 3 .   ? 5.001   8.772   5.853   1.00 29.30 ? 402 HOH A O   1 
HETATM 1519 O O   . HOH C 3 .   ? -11.743 -15.996 15.915  1.00 20.60 ? 403 HOH A O   1 
HETATM 1520 O O   . HOH C 3 .   ? 11.903  3.493   -2.446  1.00 36.19 ? 404 HOH A O   1 
HETATM 1521 O O   . HOH C 3 .   ? 3.528   -18.171 1.793   1.00 34.19 ? 405 HOH A O   1 
HETATM 1522 O O   . HOH C 3 .   ? -17.042 -8.357  2.634   1.00 26.57 ? 406 HOH A O   1 
HETATM 1523 O O   . HOH C 3 .   ? -17.728 -21.505 11.516  1.00 36.08 ? 407 HOH A O   1 
HETATM 1524 O O   . HOH C 3 .   ? 6.423   3.858   15.574  1.00 22.08 ? 408 HOH A O   1 
HETATM 1525 O O   . HOH C 3 .   ? -8.699  10.568  -4.657  1.00 37.66 ? 409 HOH A O   1 
HETATM 1526 O O   . HOH C 3 .   ? -15.570 -6.688  16.788  1.00 25.69 ? 410 HOH A O   1 
HETATM 1527 O O   . HOH C 3 .   ? -18.898 -9.600  6.491   1.00 31.30 ? 411 HOH A O   1 
HETATM 1528 O O   . HOH C 3 .   ? 9.523   24.934  -22.988 1.00 17.98 ? 412 HOH A O   1 
HETATM 1529 O O   . HOH C 3 .   ? -0.599  18.212  0.039   1.00 36.42 ? 413 HOH A O   1 
HETATM 1530 O O   . HOH C 3 .   ? -7.375  4.417   -8.653  1.00 30.60 ? 414 HOH A O   1 
HETATM 1531 O O   . HOH C 3 .   ? -13.204 -16.105 12.656  1.00 19.71 ? 415 HOH A O   1 
HETATM 1532 O O   . HOH C 3 .   ? -19.512 -2.954  12.046  0.50 23.97 ? 416 HOH A O   1 
HETATM 1533 O O   . HOH C 3 .   ? 9.323   -9.957  7.051   1.00 19.05 ? 417 HOH A O   1 
HETATM 1534 O O   . HOH C 3 .   ? -17.838 -14.646 1.932   1.00 35.03 ? 418 HOH A O   1 
HETATM 1535 O O   . HOH C 3 .   ? 12.218  6.117   -10.444 1.00 42.85 ? 419 HOH A O   1 
HETATM 1536 O O   . HOH C 3 .   ? -13.216 -5.969  -2.096  1.00 33.24 ? 420 HOH A O   1 
HETATM 1537 O O   . HOH C 3 .   ? 9.328   4.610   -3.863  1.00 22.00 ? 421 HOH A O   1 
HETATM 1538 O O   . HOH C 3 .   ? -13.867 1.088   -1.986  1.00 27.68 ? 422 HOH A O   1 
HETATM 1539 O O   . HOH C 3 .   ? -0.276  14.659  -3.174  1.00 32.95 ? 423 HOH A O   1 
HETATM 1540 O O   . HOH C 3 .   ? -18.363 -20.824 15.605  1.00 36.06 ? 424 HOH A O   1 
HETATM 1541 O O   . HOH C 3 .   ? -7.268  8.145   4.167   1.00 34.50 ? 425 HOH A O   1 
HETATM 1542 O O   . HOH C 3 .   ? -0.542  4.256   9.429   1.00 30.86 ? 426 HOH A O   1 
HETATM 1543 O O   . HOH C 3 .   ? 4.321   -16.435 11.361  1.00 22.53 ? 427 HOH A O   1 
HETATM 1544 O O   . HOH C 3 .   ? -17.084 -2.503  10.558  1.00 35.67 ? 428 HOH A O   1 
HETATM 1545 O O   . HOH C 3 .   ? -15.153 -2.151  3.655   1.00 21.72 ? 429 HOH A O   1 
HETATM 1546 O O   . HOH C 3 .   ? 6.618   -2.144  12.720  1.00 20.87 ? 430 HOH A O   1 
HETATM 1547 O O   . HOH C 3 .   ? -10.453 -23.022 14.305  1.00 41.59 ? 431 HOH A O   1 
HETATM 1548 O O   . HOH C 3 .   ? 9.034   -12.195 8.662   1.00 20.14 ? 432 HOH A O   1 
HETATM 1549 O O   . HOH C 3 .   ? 10.278  21.088  -22.462 1.00 26.65 ? 433 HOH A O   1 
HETATM 1550 O O   . HOH C 3 .   ? 7.626   -15.885 5.128   1.00 40.26 ? 434 HOH A O   1 
HETATM 1551 O O   . HOH C 3 .   ? -1.468  11.552  -14.829 1.00 51.03 ? 435 HOH A O   1 
HETATM 1552 O O   . HOH C 3 .   ? 6.604   3.849   5.456   1.00 25.98 ? 436 HOH A O   1 
HETATM 1553 O O   . HOH C 3 .   ? 12.104  25.841  -17.402 1.00 37.45 ? 437 HOH A O   1 
HETATM 1554 O O   . HOH C 3 .   ? 2.731   -13.261 -2.359  1.00 23.08 ? 438 HOH A O   1 
HETATM 1555 O O   . HOH C 3 .   ? -6.983  -2.079  -9.339  1.00 42.22 ? 439 HOH A O   1 
HETATM 1556 O O   . HOH C 3 .   ? 15.301  -6.267  8.743   1.00 19.76 ? 440 HOH A O   1 
HETATM 1557 O O   . HOH C 3 .   ? 11.668  0.870   -1.989  1.00 31.44 ? 441 HOH A O   1 
HETATM 1558 O O   . HOH C 3 .   ? -21.368 -5.356  15.726  1.00 28.45 ? 442 HOH A O   1 
HETATM 1559 O O   . HOH C 3 .   ? 7.219   16.931  2.461   1.00 37.82 ? 443 HOH A O   1 
HETATM 1560 O O   . HOH C 3 .   ? -19.643 -11.637 11.223  1.00 33.96 ? 444 HOH A O   1 
HETATM 1561 O O   . HOH C 3 .   ? 10.118  10.567  1.120   1.00 52.77 ? 445 HOH A O   1 
HETATM 1562 O O   . HOH C 3 .   ? 6.921   6.469   17.510  1.00 38.58 ? 446 HOH A O   1 
HETATM 1563 O O   . HOH C 3 .   ? -2.515  -22.427 11.330  1.00 44.18 ? 447 HOH A O   1 
HETATM 1564 O O   . HOH C 3 .   ? 4.810   1.581   -9.536  1.00 42.35 ? 448 HOH A O   1 
HETATM 1565 O O   . HOH C 3 .   ? -8.448  -21.744 19.685  1.00 43.12 ? 449 HOH A O   1 
HETATM 1566 O O   . HOH C 3 .   ? 7.531   5.972   -11.329 1.00 42.04 ? 450 HOH A O   1 
HETATM 1567 O O   . HOH C 3 .   ? 5.067   18.296  1.066   1.00 46.34 ? 451 HOH A O   1 
HETATM 1568 O O   . HOH C 3 .   ? -14.972 -8.375  -1.650  1.00 41.71 ? 452 HOH A O   1 
HETATM 1569 O O   . HOH C 3 .   ? 0.980   16.167  -1.125  1.00 35.42 ? 453 HOH A O   1 
HETATM 1570 O O   . HOH C 3 .   ? 10.519  -10.995 4.877   1.00 27.27 ? 454 HOH A O   1 
HETATM 1571 O O   . HOH C 3 .   ? 2.931   16.054  0.510   1.00 34.46 ? 455 HOH A O   1 
# 
